data_1WH5
#
_entry.id   1WH5
#
_entity_poly.entity_id   1
_entity_poly.type   'polypeptide(L)'
_entity_poly.pdbx_seq_one_letter_code
;GSSGSSGSSAEAGGGIRKRHRTKFTAEQKERMLALAERIGWRIQRQDDEVIQRFCQETGVPRQVLKVWLHNNKHSGPSSG
;
_entity_poly.pdbx_strand_id   A
#
# COMPACT_ATOMS: atom_id res chain seq x y z
N GLY A 1 14.20 18.48 -22.34
CA GLY A 1 13.87 17.25 -23.04
C GLY A 1 12.36 17.08 -23.20
N SER A 2 11.87 15.96 -22.69
CA SER A 2 10.45 15.67 -22.77
C SER A 2 10.02 15.55 -24.23
N SER A 3 9.62 14.34 -24.60
CA SER A 3 9.19 14.08 -25.96
C SER A 3 8.67 12.64 -26.08
N GLY A 4 9.55 11.71 -25.75
CA GLY A 4 9.19 10.30 -25.81
C GLY A 4 8.06 9.97 -24.84
N SER A 5 8.38 10.06 -23.56
CA SER A 5 7.40 9.78 -22.53
C SER A 5 6.70 11.07 -22.10
N SER A 6 5.42 10.94 -21.78
CA SER A 6 4.64 12.08 -21.36
C SER A 6 5.05 12.51 -19.94
N GLY A 7 4.75 13.76 -19.63
CA GLY A 7 5.08 14.29 -18.31
C GLY A 7 4.43 13.47 -17.21
N SER A 8 5.30 12.83 -16.42
CA SER A 8 4.83 12.00 -15.33
C SER A 8 3.81 12.78 -14.48
N SER A 9 4.26 13.91 -13.96
CA SER A 9 3.41 14.75 -13.14
C SER A 9 2.50 15.61 -14.03
N ALA A 10 1.20 15.46 -13.82
CA ALA A 10 0.23 16.21 -14.61
C ALA A 10 -1.07 16.31 -13.81
N GLU A 11 -1.65 15.14 -13.54
CA GLU A 11 -2.90 15.08 -12.80
C GLU A 11 -2.72 14.26 -11.53
N ALA A 12 -3.46 14.64 -10.50
CA ALA A 12 -3.39 13.95 -9.22
C ALA A 12 -4.35 12.76 -9.24
N GLY A 13 -5.63 13.07 -9.39
CA GLY A 13 -6.66 12.04 -9.43
C GLY A 13 -6.19 10.83 -10.23
N GLY A 14 -6.00 9.73 -9.52
CA GLY A 14 -5.55 8.49 -10.15
C GLY A 14 -6.50 7.34 -9.84
N GLY A 15 -5.98 6.13 -9.95
CA GLY A 15 -6.76 4.94 -9.67
C GLY A 15 -6.55 3.88 -10.77
N ILE A 16 -5.64 2.97 -10.49
CA ILE A 16 -5.34 1.90 -11.44
C ILE A 16 -5.70 0.55 -10.81
N ARG A 17 -6.77 -0.03 -11.34
CA ARG A 17 -7.23 -1.31 -10.84
C ARG A 17 -7.49 -1.25 -9.34
N LYS A 18 -8.10 -2.30 -8.83
CA LYS A 18 -8.41 -2.37 -7.40
C LYS A 18 -7.51 -3.42 -6.75
N ARG A 19 -7.46 -3.35 -5.42
CA ARG A 19 -6.64 -4.28 -4.67
C ARG A 19 -6.81 -5.70 -5.20
N HIS A 20 -5.89 -6.10 -6.05
CA HIS A 20 -5.93 -7.43 -6.64
C HIS A 20 -5.65 -8.48 -5.56
N ARG A 21 -5.58 -9.73 -6.00
CA ARG A 21 -5.32 -10.82 -5.08
C ARG A 21 -3.94 -10.67 -4.45
N THR A 22 -3.92 -10.14 -3.24
CA THR A 22 -2.68 -9.93 -2.52
C THR A 22 -2.45 -11.07 -1.52
N LYS A 23 -1.19 -11.24 -1.16
CA LYS A 23 -0.83 -12.28 -0.21
C LYS A 23 0.31 -11.78 0.69
N PHE A 24 -0.05 -10.84 1.56
CA PHE A 24 0.93 -10.26 2.48
C PHE A 24 1.30 -11.27 3.57
N THR A 25 2.58 -11.64 3.57
CA THR A 25 3.08 -12.59 4.55
C THR A 25 3.55 -11.85 5.81
N ALA A 26 3.83 -12.63 6.84
CA ALA A 26 4.30 -12.07 8.10
C ALA A 26 5.25 -10.91 7.82
N GLU A 27 6.07 -11.10 6.78
CA GLU A 27 7.04 -10.08 6.40
C GLU A 27 6.31 -8.82 5.92
N GLN A 28 5.66 -8.95 4.78
CA GLN A 28 4.93 -7.82 4.21
C GLN A 28 3.98 -7.23 5.26
N LYS A 29 3.27 -8.11 5.94
CA LYS A 29 2.32 -7.69 6.96
C LYS A 29 3.05 -6.82 7.99
N GLU A 30 3.99 -7.44 8.68
CA GLU A 30 4.76 -6.74 9.69
C GLU A 30 5.44 -5.51 9.09
N ARG A 31 6.03 -5.71 7.92
CA ARG A 31 6.71 -4.62 7.22
C ARG A 31 5.80 -3.39 7.15
N MET A 32 4.59 -3.61 6.66
CA MET A 32 3.64 -2.53 6.53
C MET A 32 3.21 -2.00 7.91
N LEU A 33 2.97 -2.95 8.82
CA LEU A 33 2.57 -2.60 10.16
C LEU A 33 3.60 -1.65 10.77
N ALA A 34 4.86 -2.02 10.62
CA ALA A 34 5.95 -1.21 11.15
C ALA A 34 5.95 0.15 10.45
N LEU A 35 5.62 0.12 9.17
CA LEU A 35 5.58 1.34 8.37
C LEU A 35 4.40 2.20 8.83
N ALA A 36 3.23 1.57 8.87
CA ALA A 36 2.01 2.26 9.27
C ALA A 36 2.24 2.92 10.62
N GLU A 37 2.88 2.18 11.51
CA GLU A 37 3.17 2.69 12.84
C GLU A 37 4.29 3.73 12.80
N ARG A 38 4.89 3.84 11.61
CA ARG A 38 5.97 4.80 11.41
C ARG A 38 5.45 6.05 10.72
N ILE A 39 4.70 5.84 9.65
CA ILE A 39 4.14 6.94 8.89
C ILE A 39 2.84 7.40 9.55
N GLY A 40 2.14 6.43 10.13
CA GLY A 40 0.88 6.72 10.79
C GLY A 40 -0.31 6.19 9.98
N TRP A 41 -0.14 4.96 9.49
CA TRP A 41 -1.18 4.32 8.70
C TRP A 41 -1.70 5.35 7.69
N ARG A 42 -0.83 6.28 7.33
CA ARG A 42 -1.18 7.31 6.38
C ARG A 42 -0.11 7.42 5.28
N ILE A 43 -0.38 8.28 4.32
CA ILE A 43 0.53 8.49 3.21
C ILE A 43 0.62 9.97 2.89
N GLN A 44 1.84 10.44 2.65
CA GLN A 44 2.06 11.83 2.33
C GLN A 44 3.14 11.97 1.25
N ARG A 45 3.28 13.18 0.75
CA ARG A 45 4.26 13.45 -0.30
C ARG A 45 5.67 13.48 0.31
N GLN A 46 5.72 13.36 1.63
CA GLN A 46 6.99 13.37 2.33
C GLN A 46 7.48 11.94 2.58
N ASP A 47 6.54 11.10 2.99
CA ASP A 47 6.85 9.71 3.28
C ASP A 47 7.04 8.96 1.96
N ASP A 48 6.68 9.64 0.88
CA ASP A 48 6.81 9.05 -0.44
C ASP A 48 8.14 8.29 -0.54
N GLU A 49 9.22 9.03 -0.37
CA GLU A 49 10.55 8.45 -0.43
C GLU A 49 10.58 7.12 0.32
N VAL A 50 9.84 7.08 1.42
CA VAL A 50 9.77 5.88 2.24
C VAL A 50 8.78 4.90 1.61
N ILE A 51 7.62 5.43 1.25
CA ILE A 51 6.58 4.62 0.65
C ILE A 51 7.15 3.89 -0.57
N GLN A 52 7.60 4.67 -1.54
CA GLN A 52 8.17 4.11 -2.75
C GLN A 52 9.35 3.20 -2.41
N ARG A 53 10.22 3.70 -1.54
CA ARG A 53 11.38 2.94 -1.13
C ARG A 53 10.96 1.60 -0.54
N PHE A 54 10.04 1.67 0.41
CA PHE A 54 9.55 0.47 1.07
C PHE A 54 9.03 -0.54 0.04
N CYS A 55 8.54 0.00 -1.08
CA CYS A 55 8.01 -0.84 -2.14
C CYS A 55 9.18 -1.51 -2.85
N GLN A 56 10.38 -0.99 -2.59
CA GLN A 56 11.57 -1.53 -3.19
C GLN A 56 12.11 -2.70 -2.36
N GLU A 57 11.92 -2.59 -1.05
CA GLU A 57 12.38 -3.62 -0.14
C GLU A 57 11.35 -4.76 -0.06
N THR A 58 10.09 -4.37 -0.21
CA THR A 58 9.00 -5.34 -0.16
C THR A 58 8.57 -5.73 -1.57
N GLY A 59 8.01 -4.75 -2.27
CA GLY A 59 7.55 -4.98 -3.64
C GLY A 59 6.05 -4.73 -3.75
N VAL A 60 5.46 -4.34 -2.63
CA VAL A 60 4.02 -4.06 -2.59
C VAL A 60 3.74 -2.73 -3.29
N PRO A 61 2.60 -2.70 -4.03
CA PRO A 61 2.21 -1.51 -4.75
C PRO A 61 1.68 -0.44 -3.81
N ARG A 62 2.03 0.80 -4.10
CA ARG A 62 1.59 1.92 -3.28
C ARG A 62 0.08 1.84 -3.03
N GLN A 63 -0.67 1.79 -4.12
CA GLN A 63 -2.11 1.71 -4.04
C GLN A 63 -2.53 0.66 -3.01
N VAL A 64 -1.71 -0.39 -2.92
CA VAL A 64 -1.98 -1.47 -1.98
C VAL A 64 -1.56 -1.04 -0.58
N LEU A 65 -0.34 -0.50 -0.50
CA LEU A 65 0.20 -0.05 0.77
C LEU A 65 -0.77 0.96 1.40
N LYS A 66 -1.61 1.53 0.55
CA LYS A 66 -2.59 2.51 1.01
C LYS A 66 -3.82 1.77 1.56
N VAL A 67 -4.58 1.20 0.62
CA VAL A 67 -5.78 0.48 0.99
C VAL A 67 -5.45 -0.50 2.12
N TRP A 68 -4.34 -1.20 1.94
CA TRP A 68 -3.90 -2.17 2.93
C TRP A 68 -4.19 -1.60 4.32
N LEU A 69 -3.53 -0.49 4.61
CA LEU A 69 -3.71 0.17 5.90
C LEU A 69 -5.19 0.17 6.27
N HIS A 70 -6.01 0.53 5.30
CA HIS A 70 -7.45 0.57 5.50
C HIS A 70 -7.99 -0.85 5.68
N ASN A 71 -7.47 -1.74 4.84
CA ASN A 71 -7.88 -3.13 4.89
C ASN A 71 -7.45 -3.75 6.22
N ASN A 72 -6.49 -3.09 6.85
CA ASN A 72 -5.96 -3.57 8.12
C ASN A 72 -6.63 -2.79 9.26
N LYS A 73 -6.22 -1.53 9.39
CA LYS A 73 -6.76 -0.67 10.43
C LYS A 73 -8.29 -0.66 10.33
N HIS A 74 -8.91 0.01 11.28
CA HIS A 74 -10.36 0.11 11.31
C HIS A 74 -10.97 -1.28 11.35
N SER A 75 -10.84 -1.91 12.51
CA SER A 75 -11.37 -3.26 12.71
C SER A 75 -10.57 -4.26 11.88
N GLY A 76 -9.98 -5.22 12.57
CA GLY A 76 -9.19 -6.24 11.92
C GLY A 76 -8.23 -6.92 12.91
N PRO A 77 -7.15 -7.51 12.34
CA PRO A 77 -6.15 -8.19 13.16
C PRO A 77 -5.25 -7.18 13.87
N SER A 78 -5.77 -6.65 14.97
CA SER A 78 -5.03 -5.68 15.75
C SER A 78 -4.29 -6.37 16.90
N SER A 79 -3.01 -6.07 17.00
CA SER A 79 -2.18 -6.65 18.04
C SER A 79 -1.50 -5.54 18.86
N GLY A 80 -0.78 -4.70 18.15
CA GLY A 80 -0.08 -3.59 18.79
C GLY A 80 -0.94 -2.34 18.84
N GLY A 1 15.78 24.57 -10.12
CA GLY A 1 15.00 24.98 -8.96
C GLY A 1 14.91 26.50 -8.86
N SER A 2 13.70 26.97 -8.58
CA SER A 2 13.47 28.40 -8.45
C SER A 2 12.21 28.66 -7.63
N SER A 3 12.03 29.92 -7.25
CA SER A 3 10.88 30.30 -6.46
C SER A 3 9.60 30.16 -7.30
N GLY A 4 8.51 29.86 -6.60
CA GLY A 4 7.23 29.70 -7.27
C GLY A 4 6.07 29.86 -6.28
N SER A 5 5.19 28.87 -6.29
CA SER A 5 4.03 28.89 -5.40
C SER A 5 3.66 27.46 -5.01
N SER A 6 3.63 27.22 -3.70
CA SER A 6 3.29 25.91 -3.19
C SER A 6 1.79 25.85 -2.85
N GLY A 7 1.17 24.75 -3.25
CA GLY A 7 -0.25 24.56 -2.99
C GLY A 7 -0.60 23.08 -2.88
N SER A 8 -1.84 22.81 -2.54
CA SER A 8 -2.32 21.45 -2.39
C SER A 8 -3.60 21.25 -3.20
N SER A 9 -3.89 19.99 -3.48
CA SER A 9 -5.09 19.66 -4.23
C SER A 9 -5.48 18.20 -3.98
N ALA A 10 -6.38 18.02 -3.02
CA ALA A 10 -6.85 16.68 -2.67
C ALA A 10 -8.05 16.80 -1.72
N GLU A 11 -9.18 16.30 -2.19
CA GLU A 11 -10.39 16.33 -1.40
C GLU A 11 -11.17 15.03 -1.56
N ALA A 12 -11.58 14.48 -0.43
CA ALA A 12 -12.33 13.24 -0.43
C ALA A 12 -11.47 12.12 -1.03
N GLY A 13 -11.03 11.23 -0.16
CA GLY A 13 -10.20 10.12 -0.58
C GLY A 13 -10.99 9.15 -1.48
N GLY A 14 -10.54 9.05 -2.72
CA GLY A 14 -11.19 8.18 -3.68
C GLY A 14 -10.79 6.71 -3.45
N GLY A 15 -11.60 5.83 -4.00
CA GLY A 15 -11.35 4.39 -3.87
C GLY A 15 -11.73 3.64 -5.15
N ILE A 16 -10.71 3.19 -5.86
CA ILE A 16 -10.92 2.45 -7.09
C ILE A 16 -10.57 0.98 -6.87
N ARG A 17 -11.60 0.14 -6.93
CA ARG A 17 -11.41 -1.28 -6.74
C ARG A 17 -10.25 -1.79 -7.61
N LYS A 18 -9.44 -2.65 -7.02
CA LYS A 18 -8.30 -3.21 -7.71
C LYS A 18 -8.21 -4.71 -7.42
N ARG A 19 -7.38 -5.39 -8.20
CA ARG A 19 -7.20 -6.82 -8.03
C ARG A 19 -7.05 -7.16 -6.55
N HIS A 20 -8.17 -7.55 -5.95
CA HIS A 20 -8.17 -7.90 -4.53
C HIS A 20 -7.71 -9.35 -4.37
N ARG A 21 -6.40 -9.52 -4.46
CA ARG A 21 -5.82 -10.85 -4.32
C ARG A 21 -4.34 -10.74 -3.94
N THR A 22 -4.12 -10.38 -2.67
CA THR A 22 -2.77 -10.23 -2.16
C THR A 22 -2.48 -11.32 -1.13
N LYS A 23 -1.19 -11.59 -0.94
CA LYS A 23 -0.76 -12.60 0.00
C LYS A 23 0.39 -12.04 0.85
N PHE A 24 0.05 -11.10 1.71
CA PHE A 24 1.04 -10.48 2.58
C PHE A 24 1.47 -11.45 3.69
N THR A 25 2.75 -11.80 3.65
CA THR A 25 3.31 -12.71 4.63
C THR A 25 3.76 -11.94 5.87
N ALA A 26 4.07 -12.69 6.92
CA ALA A 26 4.53 -12.09 8.16
C ALA A 26 5.44 -10.91 7.86
N GLU A 27 6.29 -11.10 6.85
CA GLU A 27 7.21 -10.05 6.45
C GLU A 27 6.45 -8.83 5.95
N GLN A 28 5.80 -9.00 4.81
CA GLN A 28 5.03 -7.92 4.22
C GLN A 28 4.08 -7.30 5.25
N LYS A 29 3.40 -8.19 5.98
CA LYS A 29 2.47 -7.75 7.00
C LYS A 29 3.21 -6.86 8.01
N GLU A 30 4.17 -7.48 8.69
CA GLU A 30 4.95 -6.77 9.70
C GLU A 30 5.59 -5.51 9.08
N ARG A 31 6.08 -5.69 7.86
CA ARG A 31 6.71 -4.59 7.15
C ARG A 31 5.77 -3.38 7.09
N MET A 32 4.55 -3.65 6.65
CA MET A 32 3.54 -2.60 6.54
C MET A 32 3.14 -2.08 7.93
N LEU A 33 2.97 -3.01 8.85
CA LEU A 33 2.60 -2.67 10.21
C LEU A 33 3.63 -1.69 10.79
N ALA A 34 4.90 -2.03 10.58
CA ALA A 34 5.98 -1.21 11.08
C ALA A 34 5.96 0.14 10.34
N LEU A 35 5.54 0.09 9.08
CA LEU A 35 5.48 1.29 8.27
C LEU A 35 4.31 2.16 8.75
N ALA A 36 3.15 1.53 8.83
CA ALA A 36 1.94 2.23 9.27
C ALA A 36 2.22 2.90 10.62
N GLU A 37 2.86 2.14 11.50
CA GLU A 37 3.19 2.65 12.82
C GLU A 37 4.33 3.67 12.75
N ARG A 38 4.90 3.77 11.56
CA ARG A 38 6.00 4.69 11.33
C ARG A 38 5.48 5.99 10.70
N ILE A 39 4.70 5.83 9.64
CA ILE A 39 4.13 6.98 8.95
C ILE A 39 2.86 7.41 9.65
N GLY A 40 2.15 6.43 10.21
CA GLY A 40 0.92 6.70 10.92
C GLY A 40 -0.29 6.21 10.12
N TRP A 41 -0.07 5.12 9.38
CA TRP A 41 -1.12 4.54 8.57
C TRP A 41 -1.61 5.61 7.59
N ARG A 42 -0.73 6.55 7.30
CA ARG A 42 -1.06 7.63 6.39
C ARG A 42 0.04 7.79 5.34
N ILE A 43 -0.36 8.28 4.18
CA ILE A 43 0.58 8.48 3.09
C ILE A 43 0.62 9.97 2.73
N GLN A 44 1.83 10.43 2.44
CA GLN A 44 2.03 11.83 2.09
C GLN A 44 3.20 11.97 1.11
N ARG A 45 3.33 13.17 0.57
CA ARG A 45 4.40 13.45 -0.38
C ARG A 45 5.75 13.41 0.32
N GLN A 46 5.71 13.35 1.64
CA GLN A 46 6.92 13.30 2.44
C GLN A 46 7.38 11.85 2.60
N ASP A 47 6.47 11.02 3.10
CA ASP A 47 6.78 9.61 3.31
C ASP A 47 6.98 8.93 1.95
N ASP A 48 6.58 9.64 0.90
CA ASP A 48 6.72 9.11 -0.44
C ASP A 48 8.06 8.40 -0.58
N GLU A 49 9.10 9.06 -0.09
CA GLU A 49 10.44 8.51 -0.15
C GLU A 49 10.47 7.13 0.52
N VAL A 50 9.86 7.07 1.70
CA VAL A 50 9.82 5.83 2.46
C VAL A 50 8.85 4.85 1.77
N ILE A 51 7.76 5.41 1.28
CA ILE A 51 6.76 4.60 0.60
C ILE A 51 7.38 3.96 -0.64
N GLN A 52 7.63 4.80 -1.65
CA GLN A 52 8.22 4.32 -2.88
C GLN A 52 9.43 3.44 -2.59
N ARG A 53 10.08 3.73 -1.47
CA ARG A 53 11.24 2.96 -1.07
C ARG A 53 10.84 1.61 -0.51
N PHE A 54 9.94 1.65 0.47
CA PHE A 54 9.46 0.43 1.10
C PHE A 54 8.84 -0.51 0.06
N CYS A 55 8.42 0.07 -1.05
CA CYS A 55 7.81 -0.70 -2.13
C CYS A 55 8.93 -1.41 -2.90
N GLN A 56 10.16 -1.03 -2.57
CA GLN A 56 11.32 -1.62 -3.22
C GLN A 56 11.88 -2.76 -2.36
N GLU A 57 11.52 -2.73 -1.08
CA GLU A 57 11.99 -3.74 -0.15
C GLU A 57 10.93 -4.84 0.00
N THR A 58 9.68 -4.44 -0.18
CA THR A 58 8.57 -5.38 -0.06
C THR A 58 8.02 -5.73 -1.45
N GLY A 59 8.18 -4.78 -2.37
CA GLY A 59 7.71 -4.98 -3.73
C GLY A 59 6.20 -4.74 -3.82
N VAL A 60 5.62 -4.35 -2.69
CA VAL A 60 4.19 -4.09 -2.63
C VAL A 60 3.89 -2.77 -3.33
N PRO A 61 2.74 -2.75 -4.06
CA PRO A 61 2.32 -1.56 -4.77
C PRO A 61 1.78 -0.49 -3.81
N ARG A 62 2.08 0.76 -4.13
CA ARG A 62 1.63 1.87 -3.30
C ARG A 62 0.14 1.76 -3.04
N GLN A 63 -0.63 1.73 -4.13
CA GLN A 63 -2.08 1.62 -4.03
C GLN A 63 -2.46 0.55 -3.00
N VAL A 64 -1.63 -0.48 -2.94
CA VAL A 64 -1.88 -1.58 -2.01
C VAL A 64 -1.47 -1.14 -0.60
N LEU A 65 -0.25 -0.64 -0.50
CA LEU A 65 0.27 -0.18 0.77
C LEU A 65 -0.70 0.84 1.38
N LYS A 66 -1.49 1.44 0.50
CA LYS A 66 -2.45 2.43 0.94
C LYS A 66 -3.71 1.73 1.47
N VAL A 67 -4.45 1.15 0.54
CA VAL A 67 -5.67 0.44 0.90
C VAL A 67 -5.37 -0.52 2.06
N TRP A 68 -4.30 -1.26 1.90
CA TRP A 68 -3.90 -2.22 2.92
C TRP A 68 -4.19 -1.60 4.29
N LEU A 69 -3.50 -0.51 4.56
CA LEU A 69 -3.68 0.18 5.83
C LEU A 69 -5.16 0.25 6.17
N HIS A 70 -5.94 0.69 5.19
CA HIS A 70 -7.38 0.79 5.38
C HIS A 70 -7.97 -0.59 5.61
N ASN A 71 -7.51 -1.54 4.81
CA ASN A 71 -7.98 -2.91 4.91
C ASN A 71 -7.56 -3.50 6.26
N ASN A 72 -6.64 -2.80 6.91
CA ASN A 72 -6.15 -3.23 8.21
C ASN A 72 -6.85 -2.43 9.31
N LYS A 73 -6.50 -1.16 9.37
CA LYS A 73 -7.07 -0.27 10.37
C LYS A 73 -8.60 -0.29 10.24
N HIS A 74 -9.25 0.44 11.13
CA HIS A 74 -10.70 0.52 11.12
C HIS A 74 -11.29 -0.85 10.79
N SER A 75 -11.49 -1.63 11.84
CA SER A 75 -12.05 -2.97 11.68
C SER A 75 -13.38 -2.90 10.95
N GLY A 76 -13.60 -3.87 10.08
CA GLY A 76 -14.83 -3.93 9.31
C GLY A 76 -15.36 -5.36 9.21
N PRO A 77 -16.71 -5.47 9.11
CA PRO A 77 -17.35 -6.78 9.00
C PRO A 77 -17.14 -7.39 7.61
N SER A 78 -17.20 -8.71 7.57
CA SER A 78 -17.03 -9.43 6.32
C SER A 78 -15.65 -9.11 5.72
N SER A 79 -14.83 -10.13 5.63
CA SER A 79 -13.49 -9.98 5.08
C SER A 79 -13.23 -11.07 4.04
N GLY A 80 -13.81 -10.88 2.86
CA GLY A 80 -13.64 -11.83 1.78
C GLY A 80 -14.90 -12.67 1.59
N GLY A 1 5.93 -14.04 23.11
CA GLY A 1 6.25 -15.38 23.58
C GLY A 1 6.98 -16.18 22.50
N SER A 2 6.20 -16.72 21.58
CA SER A 2 6.76 -17.50 20.48
C SER A 2 5.67 -17.86 19.49
N SER A 3 5.52 -17.00 18.48
CA SER A 3 4.52 -17.21 17.45
C SER A 3 5.19 -17.32 16.08
N GLY A 4 4.43 -17.84 15.13
CA GLY A 4 4.95 -17.99 13.78
C GLY A 4 3.80 -18.02 12.76
N SER A 5 3.39 -19.24 12.41
CA SER A 5 2.31 -19.42 11.45
C SER A 5 2.71 -18.82 10.10
N SER A 6 2.68 -19.66 9.08
CA SER A 6 3.03 -19.23 7.74
C SER A 6 2.59 -20.28 6.72
N GLY A 7 2.61 -19.88 5.46
CA GLY A 7 2.22 -20.77 4.37
C GLY A 7 3.44 -21.45 3.75
N SER A 8 4.14 -20.68 2.93
CA SER A 8 5.32 -21.20 2.26
C SER A 8 5.92 -20.12 1.36
N SER A 9 5.11 -19.66 0.42
CA SER A 9 5.56 -18.63 -0.51
C SER A 9 6.78 -19.11 -1.28
N ALA A 10 6.55 -19.40 -2.56
CA ALA A 10 7.63 -19.87 -3.42
C ALA A 10 8.60 -18.72 -3.70
N GLU A 11 8.06 -17.68 -4.32
CA GLU A 11 8.87 -16.52 -4.65
C GLU A 11 8.01 -15.47 -5.37
N ALA A 12 7.44 -15.87 -6.49
CA ALA A 12 6.60 -14.99 -7.27
C ALA A 12 5.76 -15.80 -8.25
N GLY A 13 4.69 -15.19 -8.72
CA GLY A 13 3.80 -15.85 -9.67
C GLY A 13 2.94 -14.83 -10.42
N GLY A 14 3.43 -14.44 -11.58
CA GLY A 14 2.72 -13.47 -12.41
C GLY A 14 2.65 -12.11 -11.71
N GLY A 15 2.82 -11.07 -12.51
CA GLY A 15 2.78 -9.72 -11.99
C GLY A 15 1.34 -9.21 -11.87
N ILE A 16 0.58 -9.92 -11.05
CA ILE A 16 -0.81 -9.56 -10.83
C ILE A 16 -1.04 -9.25 -9.35
N ARG A 17 -1.09 -7.95 -9.06
CA ARG A 17 -1.30 -7.51 -7.69
C ARG A 17 -2.52 -6.59 -7.61
N LYS A 18 -3.03 -6.45 -6.40
CA LYS A 18 -4.20 -5.62 -6.17
C LYS A 18 -5.42 -6.24 -6.85
N ARG A 19 -6.59 -5.85 -6.38
CA ARG A 19 -7.83 -6.37 -6.94
C ARG A 19 -8.02 -7.84 -6.54
N HIS A 20 -8.31 -8.03 -5.26
CA HIS A 20 -8.51 -9.37 -4.74
C HIS A 20 -7.42 -10.31 -5.28
N ARG A 21 -6.21 -10.07 -4.81
CA ARG A 21 -5.08 -10.88 -5.23
C ARG A 21 -3.83 -10.51 -4.43
N THR A 22 -3.99 -10.50 -3.11
CA THR A 22 -2.90 -10.16 -2.22
C THR A 22 -2.52 -11.36 -1.35
N LYS A 23 -1.29 -11.35 -0.87
CA LYS A 23 -0.81 -12.43 -0.03
C LYS A 23 0.36 -11.92 0.82
N PHE A 24 0.05 -10.99 1.72
CA PHE A 24 1.05 -10.42 2.59
C PHE A 24 1.41 -11.38 3.73
N THR A 25 2.65 -11.82 3.73
CA THR A 25 3.12 -12.74 4.75
C THR A 25 3.67 -11.96 5.96
N ALA A 26 3.99 -12.71 7.00
CA ALA A 26 4.51 -12.11 8.22
C ALA A 26 5.40 -10.91 7.85
N GLU A 27 6.31 -11.16 6.93
CA GLU A 27 7.22 -10.12 6.48
C GLU A 27 6.44 -8.91 5.95
N GLN A 28 5.83 -9.11 4.79
CA GLN A 28 5.06 -8.04 4.18
C GLN A 28 4.12 -7.40 5.21
N LYS A 29 3.44 -8.26 5.96
CA LYS A 29 2.51 -7.78 6.98
C LYS A 29 3.28 -6.91 7.98
N GLU A 30 4.23 -7.53 8.66
CA GLU A 30 5.04 -6.82 9.64
C GLU A 30 5.65 -5.57 9.01
N ARG A 31 6.08 -5.71 7.77
CA ARG A 31 6.68 -4.61 7.05
C ARG A 31 5.74 -3.40 7.03
N MET A 32 4.55 -3.64 6.49
CA MET A 32 3.55 -2.59 6.40
C MET A 32 3.17 -2.06 7.79
N LEU A 33 3.01 -3.00 8.71
CA LEU A 33 2.66 -2.66 10.08
C LEU A 33 3.65 -1.63 10.62
N ALA A 34 4.93 -1.94 10.42
CA ALA A 34 6.00 -1.06 10.88
C ALA A 34 5.91 0.27 10.12
N LEU A 35 5.53 0.17 8.86
CA LEU A 35 5.41 1.35 8.02
C LEU A 35 4.23 2.20 8.51
N ALA A 36 3.09 1.54 8.68
CA ALA A 36 1.89 2.20 9.13
C ALA A 36 2.18 2.90 10.47
N GLU A 37 2.81 2.15 11.37
CA GLU A 37 3.15 2.67 12.67
C GLU A 37 4.31 3.67 12.58
N ARG A 38 4.88 3.73 11.38
CA ARG A 38 5.99 4.63 11.13
C ARG A 38 5.49 5.95 10.56
N ILE A 39 4.69 5.84 9.51
CA ILE A 39 4.13 7.02 8.87
C ILE A 39 2.87 7.46 9.61
N GLY A 40 2.17 6.48 10.15
CA GLY A 40 0.95 6.75 10.89
C GLY A 40 -0.28 6.26 10.12
N TRP A 41 -0.06 5.23 9.31
CA TRP A 41 -1.13 4.65 8.52
C TRP A 41 -1.59 5.71 7.50
N ARG A 42 -0.76 6.75 7.37
CA ARG A 42 -1.07 7.82 6.44
C ARG A 42 0.03 7.93 5.38
N ILE A 43 -0.37 8.38 4.20
CA ILE A 43 0.57 8.54 3.10
C ILE A 43 0.57 10.00 2.64
N GLN A 44 1.74 10.45 2.21
CA GLN A 44 1.89 11.81 1.74
C GLN A 44 3.14 11.95 0.87
N ARG A 45 3.34 13.15 0.36
CA ARG A 45 4.49 13.42 -0.48
C ARG A 45 5.78 13.34 0.34
N GLN A 46 5.62 13.26 1.65
CA GLN A 46 6.76 13.18 2.55
C GLN A 46 7.18 11.72 2.74
N ASP A 47 6.20 10.91 3.13
CA ASP A 47 6.45 9.49 3.35
C ASP A 47 6.71 8.81 2.00
N ASP A 48 6.33 9.50 0.95
CA ASP A 48 6.51 8.97 -0.40
C ASP A 48 7.87 8.30 -0.50
N GLU A 49 8.89 9.00 -0.01
CA GLU A 49 10.24 8.48 -0.04
C GLU A 49 10.30 7.11 0.64
N VAL A 50 9.63 7.02 1.77
CA VAL A 50 9.60 5.77 2.53
C VAL A 50 8.68 4.78 1.82
N ILE A 51 7.56 5.29 1.34
CA ILE A 51 6.58 4.47 0.64
C ILE A 51 7.26 3.80 -0.55
N GLN A 52 7.55 4.61 -1.56
CA GLN A 52 8.20 4.10 -2.76
C GLN A 52 9.39 3.21 -2.39
N ARG A 53 10.17 3.70 -1.44
CA ARG A 53 11.34 2.96 -0.99
C ARG A 53 10.93 1.61 -0.41
N PHE A 54 9.92 1.66 0.46
CA PHE A 54 9.42 0.45 1.09
C PHE A 54 8.86 -0.53 0.04
N CYS A 55 8.49 0.03 -1.10
CA CYS A 55 7.94 -0.76 -2.17
C CYS A 55 9.10 -1.48 -2.88
N GLN A 56 10.31 -1.08 -2.53
CA GLN A 56 11.50 -1.67 -3.11
C GLN A 56 12.07 -2.75 -2.18
N GLU A 57 11.61 -2.70 -0.94
CA GLU A 57 12.06 -3.66 0.06
C GLU A 57 11.03 -4.78 0.23
N THR A 58 9.78 -4.45 -0.09
CA THR A 58 8.71 -5.41 0.01
C THR A 58 8.19 -5.79 -1.38
N GLY A 59 8.12 -4.80 -2.24
CA GLY A 59 7.66 -5.01 -3.60
C GLY A 59 6.15 -4.75 -3.71
N VAL A 60 5.57 -4.36 -2.58
CA VAL A 60 4.14 -4.08 -2.54
C VAL A 60 3.88 -2.74 -3.24
N PRO A 61 2.73 -2.70 -3.97
CA PRO A 61 2.34 -1.50 -4.68
C PRO A 61 1.81 -0.44 -3.73
N ARG A 62 2.12 0.81 -4.05
CA ARG A 62 1.67 1.92 -3.23
C ARG A 62 0.17 1.84 -2.98
N GLN A 63 -0.59 1.81 -4.08
CA GLN A 63 -2.03 1.72 -3.99
C GLN A 63 -2.44 0.67 -2.98
N VAL A 64 -1.62 -0.38 -2.88
CA VAL A 64 -1.89 -1.46 -1.96
C VAL A 64 -1.49 -1.04 -0.55
N LEU A 65 -0.25 -0.57 -0.43
CA LEU A 65 0.28 -0.14 0.85
C LEU A 65 -0.68 0.89 1.45
N LYS A 66 -1.45 1.52 0.58
CA LYS A 66 -2.41 2.53 1.02
C LYS A 66 -3.66 1.83 1.55
N VAL A 67 -4.43 1.26 0.63
CA VAL A 67 -5.66 0.57 1.00
C VAL A 67 -5.35 -0.42 2.13
N TRP A 68 -4.27 -1.16 1.96
CA TRP A 68 -3.86 -2.14 2.94
C TRP A 68 -4.14 -1.55 4.34
N LEU A 69 -3.45 -0.45 4.62
CA LEU A 69 -3.62 0.21 5.91
C LEU A 69 -5.11 0.28 6.25
N HIS A 70 -5.89 0.74 5.28
CA HIS A 70 -7.33 0.86 5.47
C HIS A 70 -7.94 -0.53 5.68
N ASN A 71 -7.48 -1.47 4.86
CA ASN A 71 -7.97 -2.83 4.95
C ASN A 71 -7.61 -3.42 6.31
N ASN A 72 -6.55 -2.87 6.89
CA ASN A 72 -6.08 -3.33 8.19
C ASN A 72 -6.76 -2.51 9.28
N LYS A 73 -6.32 -1.27 9.40
CA LYS A 73 -6.88 -0.36 10.40
C LYS A 73 -8.40 -0.37 10.30
N HIS A 74 -9.03 0.29 11.26
CA HIS A 74 -10.48 0.36 11.29
C HIS A 74 -10.91 1.79 11.66
N SER A 75 -10.92 2.65 10.64
CA SER A 75 -11.31 4.03 10.85
C SER A 75 -12.81 4.12 11.13
N GLY A 76 -13.13 4.40 12.39
CA GLY A 76 -14.52 4.51 12.80
C GLY A 76 -15.11 5.86 12.39
N PRO A 77 -14.87 6.88 13.26
CA PRO A 77 -15.37 8.22 13.00
C PRO A 77 -14.54 8.91 11.91
N SER A 78 -14.74 8.46 10.68
CA SER A 78 -14.03 9.02 9.55
C SER A 78 -14.54 8.40 8.24
N SER A 79 -14.84 9.27 7.29
CA SER A 79 -15.34 8.83 6.00
C SER A 79 -14.31 9.12 4.91
N GLY A 80 -14.48 8.44 3.78
CA GLY A 80 -13.57 8.61 2.66
C GLY A 80 -14.30 8.44 1.34
N GLY A 1 16.51 -0.05 -34.80
CA GLY A 1 16.07 1.06 -33.97
C GLY A 1 15.28 0.56 -32.76
N SER A 2 14.70 1.51 -32.03
CA SER A 2 13.91 1.17 -30.86
C SER A 2 12.59 1.93 -30.88
N SER A 3 11.55 1.22 -31.30
CA SER A 3 10.22 1.82 -31.38
C SER A 3 9.19 0.86 -30.79
N GLY A 4 8.88 1.09 -29.52
CA GLY A 4 7.90 0.25 -28.83
C GLY A 4 6.58 1.00 -28.62
N SER A 5 6.41 1.49 -27.40
CA SER A 5 5.21 2.23 -27.06
C SER A 5 3.98 1.46 -27.53
N SER A 6 3.56 0.51 -26.70
CA SER A 6 2.40 -0.30 -27.02
C SER A 6 1.19 0.60 -27.30
N GLY A 7 0.86 1.42 -26.31
CA GLY A 7 -0.27 2.33 -26.44
C GLY A 7 -1.11 2.33 -25.16
N SER A 8 -2.41 2.40 -25.36
CA SER A 8 -3.34 2.42 -24.24
C SER A 8 -4.64 1.69 -24.62
N SER A 9 -5.42 1.37 -23.60
CA SER A 9 -6.69 0.68 -23.82
C SER A 9 -7.49 0.64 -22.52
N ALA A 10 -8.50 1.50 -22.47
CA ALA A 10 -9.35 1.58 -21.29
C ALA A 10 -10.82 1.43 -21.73
N GLU A 11 -11.68 1.26 -20.73
CA GLU A 11 -13.10 1.11 -20.98
C GLU A 11 -13.87 1.00 -19.67
N ALA A 12 -13.49 0.00 -18.89
CA ALA A 12 -14.13 -0.23 -17.61
C ALA A 12 -13.15 0.09 -16.48
N GLY A 13 -12.81 1.37 -16.38
CA GLY A 13 -11.89 1.82 -15.35
C GLY A 13 -11.07 3.03 -15.84
N GLY A 14 -10.09 3.40 -15.04
CA GLY A 14 -9.24 4.52 -15.37
C GLY A 14 -8.36 4.93 -14.18
N GLY A 15 -7.30 4.15 -13.99
CA GLY A 15 -6.39 4.42 -12.89
C GLY A 15 -6.57 3.40 -11.75
N ILE A 16 -7.65 3.57 -11.02
CA ILE A 16 -7.95 2.68 -9.92
C ILE A 16 -8.35 1.30 -10.47
N ARG A 17 -7.40 0.38 -10.40
CA ARG A 17 -7.64 -0.97 -10.89
C ARG A 17 -6.66 -1.95 -10.23
N LYS A 18 -7.07 -2.47 -9.08
CA LYS A 18 -6.24 -3.41 -8.35
C LYS A 18 -7.04 -3.97 -7.17
N ARG A 19 -7.24 -5.28 -7.20
CA ARG A 19 -7.98 -5.94 -6.13
C ARG A 19 -8.05 -7.44 -6.39
N HIS A 20 -8.21 -8.19 -5.31
CA HIS A 20 -8.28 -9.63 -5.40
C HIS A 20 -6.94 -10.19 -5.90
N ARG A 21 -5.88 -9.74 -5.25
CA ARG A 21 -4.55 -10.18 -5.62
C ARG A 21 -3.54 -9.79 -4.53
N THR A 22 -3.86 -10.18 -3.31
CA THR A 22 -3.01 -9.88 -2.17
C THR A 22 -2.52 -11.17 -1.52
N LYS A 23 -1.40 -11.05 -0.81
CA LYS A 23 -0.82 -12.20 -0.13
C LYS A 23 0.30 -11.73 0.79
N PHE A 24 -0.04 -10.79 1.66
CA PHE A 24 0.92 -10.24 2.60
C PHE A 24 1.26 -11.27 3.69
N THR A 25 2.53 -11.66 3.71
CA THR A 25 2.99 -12.63 4.69
C THR A 25 3.52 -11.91 5.94
N ALA A 26 3.80 -12.70 6.96
CA ALA A 26 4.31 -12.17 8.21
C ALA A 26 5.28 -11.02 7.91
N GLU A 27 6.06 -11.21 6.86
CA GLU A 27 7.03 -10.21 6.45
C GLU A 27 6.31 -8.94 5.97
N GLN A 28 5.66 -9.07 4.83
CA GLN A 28 4.93 -7.95 4.24
C GLN A 28 4.00 -7.33 5.29
N LYS A 29 3.30 -8.19 5.99
CA LYS A 29 2.37 -7.74 7.02
C LYS A 29 3.12 -6.85 8.01
N GLU A 30 4.09 -7.46 8.69
CA GLU A 30 4.90 -6.74 9.67
C GLU A 30 5.55 -5.52 9.02
N ARG A 31 6.08 -5.74 7.82
CA ARG A 31 6.75 -4.67 7.10
C ARG A 31 5.84 -3.45 7.01
N MET A 32 4.60 -3.70 6.61
CA MET A 32 3.62 -2.63 6.48
C MET A 32 3.21 -2.09 7.86
N LEU A 33 3.01 -3.02 8.78
CA LEU A 33 2.61 -2.65 10.13
C LEU A 33 3.66 -1.70 10.72
N ALA A 34 4.92 -2.04 10.49
CA ALA A 34 6.02 -1.23 10.99
C ALA A 34 6.01 0.13 10.30
N LEU A 35 5.64 0.09 9.02
CA LEU A 35 5.59 1.31 8.22
C LEU A 35 4.40 2.16 8.68
N ALA A 36 3.24 1.51 8.75
CA ALA A 36 2.03 2.19 9.16
C ALA A 36 2.25 2.84 10.52
N GLU A 37 2.85 2.08 11.42
CA GLU A 37 3.13 2.57 12.76
C GLU A 37 4.25 3.61 12.72
N ARG A 38 4.85 3.75 11.54
CA ARG A 38 5.93 4.69 11.35
C ARG A 38 5.41 5.98 10.72
N ILE A 39 4.65 5.81 9.64
CA ILE A 39 4.09 6.94 8.93
C ILE A 39 2.81 7.40 9.65
N GLY A 40 2.13 6.44 10.24
CA GLY A 40 0.90 6.73 10.96
C GLY A 40 -0.32 6.23 10.19
N TRP A 41 -0.09 5.20 9.39
CA TRP A 41 -1.16 4.62 8.58
C TRP A 41 -1.64 5.68 7.59
N ARG A 42 -0.76 6.64 7.34
CA ARG A 42 -1.09 7.72 6.42
C ARG A 42 -0.01 7.84 5.35
N ILE A 43 -0.42 8.33 4.18
CA ILE A 43 0.50 8.49 3.07
C ILE A 43 0.54 9.97 2.67
N GLN A 44 1.73 10.42 2.27
CA GLN A 44 1.91 11.79 1.87
C GLN A 44 3.14 11.92 0.97
N ARG A 45 3.27 13.09 0.35
CA ARG A 45 4.39 13.35 -0.54
C ARG A 45 5.71 13.29 0.25
N GLN A 46 5.58 13.32 1.56
CA GLN A 46 6.74 13.27 2.43
C GLN A 46 7.20 11.82 2.62
N ASP A 47 6.23 10.98 2.95
CA ASP A 47 6.51 9.57 3.17
C ASP A 47 6.73 8.88 1.83
N ASP A 48 6.32 9.57 0.78
CA ASP A 48 6.47 9.04 -0.58
C ASP A 48 7.82 8.35 -0.70
N GLU A 49 8.84 9.03 -0.21
CA GLU A 49 10.20 8.50 -0.26
C GLU A 49 10.25 7.11 0.40
N VAL A 50 9.63 7.03 1.57
CA VAL A 50 9.61 5.78 2.31
C VAL A 50 8.65 4.81 1.63
N ILE A 51 7.55 5.37 1.12
CA ILE A 51 6.56 4.57 0.43
C ILE A 51 7.18 3.94 -0.82
N GLN A 52 7.67 4.80 -1.69
CA GLN A 52 8.29 4.34 -2.93
C GLN A 52 9.50 3.45 -2.61
N ARG A 53 10.11 3.71 -1.46
CA ARG A 53 11.26 2.95 -1.05
C ARG A 53 10.83 1.60 -0.47
N PHE A 54 9.77 1.64 0.32
CA PHE A 54 9.24 0.43 0.94
C PHE A 54 8.89 -0.61 -0.12
N CYS A 55 8.44 -0.13 -1.26
CA CYS A 55 8.07 -1.01 -2.36
C CYS A 55 9.35 -1.62 -2.93
N GLN A 56 10.48 -1.08 -2.51
CA GLN A 56 11.77 -1.56 -2.96
C GLN A 56 12.32 -2.61 -1.98
N GLU A 57 11.79 -2.57 -0.77
CA GLU A 57 12.22 -3.50 0.25
C GLU A 57 11.23 -4.66 0.37
N THR A 58 9.98 -4.35 0.07
CA THR A 58 8.93 -5.36 0.14
C THR A 58 8.50 -5.78 -1.27
N GLY A 59 8.05 -4.79 -2.03
CA GLY A 59 7.62 -5.05 -3.40
C GLY A 59 6.12 -4.77 -3.54
N VAL A 60 5.50 -4.37 -2.44
CA VAL A 60 4.08 -4.08 -2.44
C VAL A 60 3.84 -2.75 -3.16
N PRO A 61 2.71 -2.71 -3.90
CA PRO A 61 2.34 -1.50 -4.64
C PRO A 61 1.80 -0.42 -3.70
N ARG A 62 2.19 0.81 -4.00
CA ARG A 62 1.76 1.93 -3.19
C ARG A 62 0.25 1.89 -2.97
N GLN A 63 -0.48 1.86 -4.08
CA GLN A 63 -1.93 1.80 -4.02
C GLN A 63 -2.39 0.76 -3.00
N VAL A 64 -1.60 -0.30 -2.90
CA VAL A 64 -1.90 -1.38 -1.97
C VAL A 64 -1.50 -0.95 -0.56
N LEU A 65 -0.27 -0.47 -0.44
CA LEU A 65 0.25 -0.04 0.84
C LEU A 65 -0.73 0.98 1.46
N LYS A 66 -1.53 1.57 0.60
CA LYS A 66 -2.50 2.56 1.04
C LYS A 66 -3.74 1.84 1.58
N VAL A 67 -4.49 1.25 0.65
CA VAL A 67 -5.69 0.52 1.01
C VAL A 67 -5.37 -0.46 2.14
N TRP A 68 -4.28 -1.18 1.96
CA TRP A 68 -3.85 -2.15 2.95
C TRP A 68 -4.13 -1.58 4.34
N LEU A 69 -3.46 -0.47 4.61
CA LEU A 69 -3.63 0.19 5.90
C LEU A 69 -5.12 0.24 6.26
N HIS A 70 -5.91 0.66 5.29
CA HIS A 70 -7.35 0.76 5.49
C HIS A 70 -7.93 -0.63 5.70
N ASN A 71 -7.45 -1.57 4.89
CA ASN A 71 -7.92 -2.94 4.96
C ASN A 71 -7.50 -3.53 6.32
N ASN A 72 -6.47 -2.95 6.90
CA ASN A 72 -5.97 -3.40 8.18
C ASN A 72 -6.65 -2.62 9.30
N LYS A 73 -6.24 -1.37 9.44
CA LYS A 73 -6.79 -0.50 10.47
C LYS A 73 -8.31 -0.44 10.30
N HIS A 74 -8.96 0.16 11.28
CA HIS A 74 -10.40 0.30 11.25
C HIS A 74 -11.05 -1.08 11.28
N SER A 75 -12.37 -1.08 11.36
CA SER A 75 -13.13 -2.32 11.40
C SER A 75 -13.89 -2.51 10.09
N GLY A 76 -13.48 -3.53 9.35
CA GLY A 76 -14.11 -3.84 8.08
C GLY A 76 -14.05 -5.34 7.78
N PRO A 77 -15.25 -5.95 7.64
CA PRO A 77 -15.36 -7.36 7.35
C PRO A 77 -14.99 -7.65 5.89
N SER A 78 -14.52 -8.87 5.66
CA SER A 78 -14.14 -9.29 4.32
C SER A 78 -12.97 -8.42 3.82
N SER A 79 -11.99 -9.10 3.26
CA SER A 79 -10.81 -8.41 2.73
C SER A 79 -10.72 -8.62 1.21
N GLY A 80 -10.63 -9.89 0.83
CA GLY A 80 -10.54 -10.24 -0.57
C GLY A 80 -9.21 -9.76 -1.17
N GLY A 1 8.35 -0.08 -19.96
CA GLY A 1 7.31 -0.31 -18.95
C GLY A 1 6.84 -1.77 -18.98
N SER A 2 6.75 -2.35 -17.80
CA SER A 2 6.30 -3.72 -17.68
C SER A 2 5.04 -3.80 -16.82
N SER A 3 5.16 -3.33 -15.58
CA SER A 3 4.04 -3.33 -14.66
C SER A 3 3.59 -1.90 -14.37
N GLY A 4 2.61 -1.46 -15.14
CA GLY A 4 2.09 -0.11 -14.99
C GLY A 4 3.17 0.93 -15.27
N SER A 5 2.73 2.19 -15.36
CA SER A 5 3.65 3.28 -15.63
C SER A 5 3.20 4.54 -14.87
N SER A 6 2.05 5.04 -15.27
CA SER A 6 1.49 6.23 -14.64
C SER A 6 -0.03 6.25 -14.79
N GLY A 7 -0.67 7.00 -13.90
CA GLY A 7 -2.12 7.11 -13.93
C GLY A 7 -2.66 7.49 -12.55
N SER A 8 -2.72 8.79 -12.32
CA SER A 8 -3.21 9.30 -11.04
C SER A 8 -4.50 10.10 -11.26
N SER A 9 -5.60 9.49 -10.85
CA SER A 9 -6.91 10.14 -11.00
C SER A 9 -7.83 9.71 -9.84
N ALA A 10 -7.86 10.56 -8.82
CA ALA A 10 -8.69 10.29 -7.66
C ALA A 10 -9.23 11.62 -7.13
N GLU A 11 -10.48 11.57 -6.67
CA GLU A 11 -11.14 12.74 -6.13
C GLU A 11 -11.68 12.45 -4.73
N ALA A 12 -12.60 11.50 -4.67
CA ALA A 12 -13.21 11.12 -3.41
C ALA A 12 -13.92 9.79 -3.58
N GLY A 13 -13.44 8.79 -2.85
CA GLY A 13 -14.01 7.46 -2.90
C GLY A 13 -13.10 6.49 -3.66
N GLY A 14 -13.68 5.84 -4.66
CA GLY A 14 -12.93 4.89 -5.46
C GLY A 14 -13.84 3.78 -5.99
N GLY A 15 -13.63 2.59 -5.46
CA GLY A 15 -14.43 1.44 -5.87
C GLY A 15 -14.89 0.63 -4.65
N ILE A 16 -14.92 -0.68 -4.83
CA ILE A 16 -15.33 -1.56 -3.76
C ILE A 16 -14.17 -2.49 -3.38
N ARG A 17 -13.68 -2.29 -2.16
CA ARG A 17 -12.57 -3.09 -1.67
C ARG A 17 -11.52 -3.28 -2.76
N LYS A 18 -10.55 -2.37 -2.77
CA LYS A 18 -9.48 -2.41 -3.74
C LYS A 18 -8.57 -3.60 -3.44
N ARG A 19 -8.62 -4.60 -4.32
CA ARG A 19 -7.81 -5.78 -4.16
C ARG A 19 -7.92 -6.68 -5.40
N HIS A 20 -6.77 -7.17 -5.83
CA HIS A 20 -6.72 -8.03 -7.01
C HIS A 20 -6.19 -9.41 -6.61
N ARG A 21 -4.93 -9.42 -6.20
CA ARG A 21 -4.28 -10.66 -5.80
C ARG A 21 -3.05 -10.36 -4.95
N THR A 22 -3.28 -10.21 -3.65
CA THR A 22 -2.20 -9.93 -2.71
C THR A 22 -1.98 -11.10 -1.77
N LYS A 23 -0.78 -11.18 -1.22
CA LYS A 23 -0.44 -12.24 -0.30
C LYS A 23 0.69 -11.77 0.62
N PHE A 24 0.35 -10.83 1.49
CA PHE A 24 1.32 -10.29 2.43
C PHE A 24 1.64 -11.30 3.53
N THR A 25 2.90 -11.72 3.55
CA THR A 25 3.36 -12.68 4.53
C THR A 25 3.87 -11.97 5.78
N ALA A 26 4.19 -12.76 6.79
CA ALA A 26 4.69 -12.22 8.05
C ALA A 26 5.58 -11.01 7.75
N GLU A 27 6.49 -11.20 6.80
CA GLU A 27 7.40 -10.13 6.43
C GLU A 27 6.62 -8.90 5.94
N GLN A 28 6.03 -9.04 4.76
CA GLN A 28 5.24 -7.96 4.19
C GLN A 28 4.30 -7.36 5.23
N LYS A 29 3.61 -8.26 5.93
CA LYS A 29 2.67 -7.84 6.96
C LYS A 29 3.41 -7.00 8.01
N GLU A 30 4.40 -7.62 8.61
CA GLU A 30 5.19 -6.95 9.64
C GLU A 30 5.81 -5.66 9.07
N ARG A 31 6.19 -5.72 7.80
CA ARG A 31 6.78 -4.58 7.14
C ARG A 31 5.78 -3.42 7.11
N MET A 32 4.64 -3.68 6.46
CA MET A 32 3.61 -2.67 6.35
C MET A 32 3.16 -2.18 7.73
N LEU A 33 2.90 -3.15 8.60
CA LEU A 33 2.45 -2.83 9.95
C LEU A 33 3.45 -1.88 10.60
N ALA A 34 4.73 -2.19 10.39
CA ALA A 34 5.79 -1.37 10.96
C ALA A 34 5.81 -0.01 10.25
N LEU A 35 5.47 -0.03 8.97
CA LEU A 35 5.43 1.18 8.19
C LEU A 35 4.27 2.05 8.64
N ALA A 36 3.10 1.44 8.71
CA ALA A 36 1.90 2.14 9.13
C ALA A 36 2.15 2.78 10.50
N GLU A 37 2.70 1.99 11.40
CA GLU A 37 2.98 2.46 12.74
C GLU A 37 4.13 3.49 12.70
N ARG A 38 4.73 3.61 11.53
CA ARG A 38 5.83 4.54 11.35
C ARG A 38 5.33 5.84 10.71
N ILE A 39 4.59 5.68 9.63
CA ILE A 39 4.04 6.82 8.91
C ILE A 39 2.81 7.34 9.65
N GLY A 40 2.09 6.41 10.28
CA GLY A 40 0.89 6.75 11.02
C GLY A 40 -0.36 6.26 10.30
N TRP A 41 -0.17 5.24 9.47
CA TRP A 41 -1.27 4.66 8.72
C TRP A 41 -1.74 5.71 7.71
N ARG A 42 -0.85 6.63 7.40
CA ARG A 42 -1.16 7.69 6.45
C ARG A 42 -0.09 7.77 5.36
N ILE A 43 -0.51 8.21 4.19
CA ILE A 43 0.41 8.34 3.06
C ILE A 43 0.32 9.75 2.49
N GLN A 44 1.49 10.33 2.26
CA GLN A 44 1.55 11.68 1.72
C GLN A 44 2.71 11.80 0.73
N ARG A 45 2.78 12.95 0.08
CA ARG A 45 3.83 13.20 -0.89
C ARG A 45 5.20 13.19 -0.21
N GLN A 46 5.16 13.23 1.12
CA GLN A 46 6.39 13.24 1.89
C GLN A 46 6.88 11.80 2.11
N ASP A 47 5.98 10.96 2.58
CA ASP A 47 6.31 9.57 2.84
C ASP A 47 6.56 8.86 1.51
N ASP A 48 6.16 9.52 0.44
CA ASP A 48 6.33 8.97 -0.90
C ASP A 48 7.71 8.30 -1.00
N GLU A 49 8.70 9.00 -0.47
CA GLU A 49 10.06 8.49 -0.49
C GLU A 49 10.14 7.17 0.26
N VAL A 50 9.51 7.14 1.43
CA VAL A 50 9.51 5.95 2.26
C VAL A 50 8.63 4.89 1.59
N ILE A 51 7.54 5.35 1.00
CA ILE A 51 6.61 4.45 0.34
C ILE A 51 7.32 3.76 -0.83
N GLN A 52 7.66 4.57 -1.82
CA GLN A 52 8.35 4.07 -3.01
C GLN A 52 9.58 3.26 -2.59
N ARG A 53 10.14 3.63 -1.46
CA ARG A 53 11.32 2.96 -0.95
C ARG A 53 10.94 1.62 -0.32
N PHE A 54 10.00 1.69 0.61
CA PHE A 54 9.54 0.49 1.29
C PHE A 54 9.05 -0.56 0.29
N CYS A 55 8.71 -0.09 -0.90
CA CYS A 55 8.24 -0.97 -1.95
C CYS A 55 9.46 -1.63 -2.61
N GLN A 56 10.61 -1.01 -2.41
CA GLN A 56 11.85 -1.52 -2.97
C GLN A 56 12.40 -2.64 -2.10
N GLU A 57 11.98 -2.63 -0.84
CA GLU A 57 12.42 -3.64 0.10
C GLU A 57 11.39 -4.77 0.21
N THR A 58 10.13 -4.39 0.04
CA THR A 58 9.04 -5.36 0.11
C THR A 58 8.60 -5.77 -1.30
N GLY A 59 8.17 -4.77 -2.06
CA GLY A 59 7.72 -5.00 -3.42
C GLY A 59 6.22 -4.74 -3.56
N VAL A 60 5.61 -4.38 -2.43
CA VAL A 60 4.18 -4.10 -2.41
C VAL A 60 3.92 -2.76 -3.08
N PRO A 61 2.79 -2.69 -3.83
CA PRO A 61 2.42 -1.48 -4.53
C PRO A 61 1.87 -0.43 -3.55
N ARG A 62 2.19 0.82 -3.83
CA ARG A 62 1.74 1.92 -2.99
C ARG A 62 0.23 1.84 -2.78
N GLN A 63 -0.49 1.83 -3.89
CA GLN A 63 -1.94 1.77 -3.85
C GLN A 63 -2.39 0.69 -2.86
N VAL A 64 -1.61 -0.38 -2.81
CA VAL A 64 -1.92 -1.48 -1.91
C VAL A 64 -1.61 -1.06 -0.47
N LEU A 65 -0.35 -0.70 -0.25
CA LEU A 65 0.08 -0.28 1.07
C LEU A 65 -0.82 0.85 1.56
N LYS A 66 -1.48 1.49 0.61
CA LYS A 66 -2.38 2.58 0.94
C LYS A 66 -3.68 2.02 1.53
N VAL A 67 -4.47 1.42 0.64
CA VAL A 67 -5.73 0.84 1.05
C VAL A 67 -5.49 -0.20 2.14
N TRP A 68 -4.37 -0.91 2.00
CA TRP A 68 -4.00 -1.94 2.96
C TRP A 68 -4.29 -1.41 4.35
N LEU A 69 -3.70 -0.26 4.66
CA LEU A 69 -3.88 0.36 5.96
C LEU A 69 -5.38 0.42 6.28
N HIS A 70 -6.12 1.03 5.38
CA HIS A 70 -7.57 1.16 5.55
C HIS A 70 -8.18 -0.23 5.73
N ASN A 71 -7.64 -1.18 4.97
CA ASN A 71 -8.13 -2.54 5.04
C ASN A 71 -7.80 -3.15 6.41
N ASN A 72 -6.69 -2.67 6.97
CA ASN A 72 -6.25 -3.15 8.26
C ASN A 72 -6.93 -2.33 9.36
N LYS A 73 -6.39 -1.15 9.61
CA LYS A 73 -6.93 -0.27 10.63
C LYS A 73 -8.46 -0.21 10.49
N HIS A 74 -9.12 -0.28 11.62
CA HIS A 74 -10.58 -0.23 11.64
C HIS A 74 -11.05 0.75 12.70
N SER A 75 -11.39 1.96 12.24
CA SER A 75 -11.85 2.99 13.14
C SER A 75 -13.13 3.62 12.60
N GLY A 76 -14.26 3.02 12.95
CA GLY A 76 -15.55 3.51 12.50
C GLY A 76 -16.34 4.10 13.67
N PRO A 77 -16.32 5.46 13.75
CA PRO A 77 -17.02 6.16 14.81
C PRO A 77 -18.53 6.18 14.54
N SER A 78 -18.87 6.22 13.26
CA SER A 78 -20.26 6.24 12.85
C SER A 78 -20.38 6.00 11.34
N SER A 79 -21.27 5.10 10.98
CA SER A 79 -21.49 4.77 9.59
C SER A 79 -22.97 4.51 9.33
N GLY A 80 -23.50 5.19 8.32
CA GLY A 80 -24.90 5.04 7.96
C GLY A 80 -25.07 4.87 6.45
N GLY A 1 28.54 -11.85 -21.49
CA GLY A 1 27.18 -12.23 -21.13
C GLY A 1 26.35 -11.02 -20.71
N SER A 2 25.29 -10.78 -21.49
CA SER A 2 24.41 -9.66 -21.21
C SER A 2 22.96 -10.06 -21.47
N SER A 3 22.06 -9.18 -21.06
CA SER A 3 20.64 -9.43 -21.24
C SER A 3 19.89 -8.10 -21.40
N GLY A 4 20.02 -7.25 -20.39
CA GLY A 4 19.37 -5.96 -20.41
C GLY A 4 17.84 -6.11 -20.47
N SER A 5 17.17 -5.30 -19.68
CA SER A 5 15.71 -5.33 -19.64
C SER A 5 15.14 -4.15 -20.42
N SER A 6 14.26 -4.48 -21.35
CA SER A 6 13.62 -3.46 -22.18
C SER A 6 12.55 -2.73 -21.37
N GLY A 7 11.59 -3.50 -20.88
CA GLY A 7 10.51 -2.94 -20.10
C GLY A 7 9.27 -3.84 -20.14
N SER A 8 8.67 -4.04 -18.97
CA SER A 8 7.49 -4.88 -18.86
C SER A 8 6.52 -4.27 -17.85
N SER A 9 5.25 -4.58 -18.04
CA SER A 9 4.21 -4.07 -17.16
C SER A 9 4.12 -2.55 -17.26
N ALA A 10 2.96 -2.09 -17.71
CA ALA A 10 2.74 -0.66 -17.86
C ALA A 10 1.23 -0.39 -17.94
N GLU A 11 0.74 0.31 -16.94
CA GLU A 11 -0.67 0.65 -16.87
C GLU A 11 -0.85 2.12 -16.51
N ALA A 12 -1.77 2.76 -17.23
CA ALA A 12 -2.06 4.17 -17.00
C ALA A 12 -3.26 4.59 -17.83
N GLY A 13 -4.34 4.93 -17.14
CA GLY A 13 -5.56 5.35 -17.81
C GLY A 13 -6.68 5.57 -16.79
N GLY A 14 -7.87 5.12 -17.18
CA GLY A 14 -9.04 5.26 -16.31
C GLY A 14 -9.25 4.01 -15.46
N GLY A 15 -10.48 3.52 -15.48
CA GLY A 15 -10.82 2.33 -14.72
C GLY A 15 -10.33 2.45 -13.27
N ILE A 16 -11.25 2.89 -12.41
CA ILE A 16 -10.92 3.05 -11.00
C ILE A 16 -11.50 1.87 -10.21
N ARG A 17 -10.60 1.07 -9.67
CA ARG A 17 -11.01 -0.10 -8.89
C ARG A 17 -9.79 -0.70 -8.18
N LYS A 18 -10.09 -1.45 -7.13
CA LYS A 18 -9.04 -2.10 -6.36
C LYS A 18 -9.21 -3.62 -6.44
N ARG A 19 -8.34 -4.22 -7.24
CA ARG A 19 -8.38 -5.67 -7.42
C ARG A 19 -8.01 -6.37 -6.12
N HIS A 20 -8.65 -7.52 -5.90
CA HIS A 20 -8.39 -8.30 -4.71
C HIS A 20 -7.58 -9.54 -5.07
N ARG A 21 -6.33 -9.54 -4.61
CA ARG A 21 -5.44 -10.65 -4.88
C ARG A 21 -4.07 -10.40 -4.25
N THR A 22 -4.06 -10.29 -2.94
CA THR A 22 -2.83 -10.04 -2.21
C THR A 22 -2.54 -11.20 -1.24
N LYS A 23 -1.27 -11.32 -0.87
CA LYS A 23 -0.86 -12.37 0.04
C LYS A 23 0.33 -11.88 0.87
N PHE A 24 0.05 -10.91 1.73
CA PHE A 24 1.08 -10.35 2.58
C PHE A 24 1.49 -11.33 3.67
N THR A 25 2.76 -11.75 3.62
CA THR A 25 3.28 -12.69 4.59
C THR A 25 3.76 -11.95 5.84
N ALA A 26 4.01 -12.74 6.88
CA ALA A 26 4.46 -12.17 8.14
C ALA A 26 5.41 -11.00 7.86
N GLU A 27 6.26 -11.20 6.86
CA GLU A 27 7.21 -10.18 6.48
C GLU A 27 6.49 -8.92 5.97
N GLN A 28 5.91 -9.06 4.80
CA GLN A 28 5.18 -7.95 4.19
C GLN A 28 4.21 -7.34 5.20
N LYS A 29 3.46 -8.21 5.86
CA LYS A 29 2.50 -7.77 6.85
C LYS A 29 3.19 -6.87 7.88
N GLU A 30 4.12 -7.49 8.62
CA GLU A 30 4.86 -6.76 9.63
C GLU A 30 5.51 -5.52 9.03
N ARG A 31 6.02 -5.69 7.81
CA ARG A 31 6.67 -4.60 7.11
C ARG A 31 5.73 -3.40 7.02
N MET A 32 4.48 -3.69 6.72
CA MET A 32 3.48 -2.64 6.60
C MET A 32 3.08 -2.10 7.97
N LEU A 33 2.85 -3.01 8.90
CA LEU A 33 2.46 -2.64 10.26
C LEU A 33 3.51 -1.69 10.83
N ALA A 34 4.77 -2.03 10.58
CA ALA A 34 5.88 -1.21 11.07
C ALA A 34 5.86 0.14 10.35
N LEU A 35 5.50 0.09 9.07
CA LEU A 35 5.44 1.30 8.27
C LEU A 35 4.27 2.16 8.72
N ALA A 36 3.10 1.52 8.81
CA ALA A 36 1.90 2.23 9.24
C ALA A 36 2.16 2.88 10.60
N GLU A 37 2.76 2.12 11.49
CA GLU A 37 3.06 2.61 12.82
C GLU A 37 4.22 3.61 12.76
N ARG A 38 4.82 3.71 11.58
CA ARG A 38 5.93 4.62 11.39
C ARG A 38 5.44 5.92 10.76
N ILE A 39 4.69 5.79 9.68
CA ILE A 39 4.15 6.93 8.98
C ILE A 39 2.88 7.41 9.69
N GLY A 40 2.15 6.45 10.24
CA GLY A 40 0.92 6.75 10.94
C GLY A 40 -0.29 6.24 10.16
N TRP A 41 -0.04 5.25 9.32
CA TRP A 41 -1.10 4.66 8.51
C TRP A 41 -1.55 5.70 7.50
N ARG A 42 -0.70 6.71 7.31
CA ARG A 42 -1.01 7.78 6.39
C ARG A 42 0.12 7.92 5.35
N ILE A 43 -0.27 8.37 4.16
CA ILE A 43 0.69 8.54 3.08
C ILE A 43 0.75 10.02 2.69
N GLN A 44 1.96 10.50 2.44
CA GLN A 44 2.16 11.88 2.05
C GLN A 44 3.37 12.00 1.13
N ARG A 45 3.50 13.17 0.52
CA ARG A 45 4.60 13.44 -0.38
C ARG A 45 5.94 13.34 0.37
N GLN A 46 5.84 13.36 1.70
CA GLN A 46 7.02 13.29 2.53
C GLN A 46 7.45 11.83 2.70
N ASP A 47 6.50 11.00 3.10
CA ASP A 47 6.77 9.59 3.30
C ASP A 47 6.96 8.91 1.94
N ASP A 48 6.53 9.60 0.90
CA ASP A 48 6.63 9.09 -0.45
C ASP A 48 7.99 8.37 -0.61
N GLU A 49 9.04 9.08 -0.21
CA GLU A 49 10.38 8.52 -0.30
C GLU A 49 10.44 7.16 0.39
N VAL A 50 9.85 7.11 1.57
CA VAL A 50 9.83 5.87 2.34
C VAL A 50 8.88 4.88 1.68
N ILE A 51 7.76 5.41 1.19
CA ILE A 51 6.76 4.59 0.54
C ILE A 51 7.38 3.92 -0.69
N GLN A 52 7.65 4.76 -1.69
CA GLN A 52 8.23 4.27 -2.93
C GLN A 52 9.44 3.39 -2.63
N ARG A 53 10.14 3.74 -1.56
CA ARG A 53 11.33 3.01 -1.15
C ARG A 53 10.93 1.64 -0.57
N PHE A 54 10.05 1.70 0.42
CA PHE A 54 9.59 0.48 1.07
C PHE A 54 9.02 -0.51 0.04
N CYS A 55 8.51 0.05 -1.05
CA CYS A 55 7.94 -0.76 -2.10
C CYS A 55 9.08 -1.45 -2.85
N GLN A 56 10.29 -1.01 -2.56
CA GLN A 56 11.47 -1.58 -3.19
C GLN A 56 12.03 -2.72 -2.33
N GLU A 57 11.84 -2.58 -1.03
CA GLU A 57 12.32 -3.59 -0.10
C GLU A 57 11.30 -4.72 0.02
N THR A 58 10.03 -4.35 -0.10
CA THR A 58 8.95 -5.31 -0.01
C THR A 58 8.48 -5.74 -1.40
N GLY A 59 8.12 -4.75 -2.20
CA GLY A 59 7.66 -5.01 -3.55
C GLY A 59 6.15 -4.78 -3.66
N VAL A 60 5.55 -4.40 -2.55
CA VAL A 60 4.12 -4.15 -2.51
C VAL A 60 3.83 -2.82 -3.22
N PRO A 61 2.69 -2.80 -3.96
CA PRO A 61 2.28 -1.61 -4.68
C PRO A 61 1.72 -0.55 -3.72
N ARG A 62 1.99 0.71 -4.05
CA ARG A 62 1.52 1.81 -3.23
C ARG A 62 0.02 1.69 -2.98
N GLN A 63 -0.73 1.67 -4.07
CA GLN A 63 -2.17 1.56 -3.99
C GLN A 63 -2.56 0.48 -2.98
N VAL A 64 -1.71 -0.53 -2.88
CA VAL A 64 -1.96 -1.63 -1.96
C VAL A 64 -1.56 -1.20 -0.54
N LEU A 65 -0.31 -0.76 -0.42
CA LEU A 65 0.21 -0.32 0.86
C LEU A 65 -0.73 0.74 1.44
N LYS A 66 -1.43 1.42 0.54
CA LYS A 66 -2.37 2.46 0.96
C LYS A 66 -3.64 1.81 1.51
N VAL A 67 -4.41 1.25 0.59
CA VAL A 67 -5.66 0.59 0.96
C VAL A 67 -5.39 -0.39 2.11
N TRP A 68 -4.30 -1.13 1.96
CA TRP A 68 -3.92 -2.10 2.98
C TRP A 68 -4.20 -1.49 4.36
N LEU A 69 -3.52 -0.39 4.63
CA LEU A 69 -3.68 0.29 5.90
C LEU A 69 -5.17 0.39 6.23
N HIS A 70 -5.95 0.76 5.23
CA HIS A 70 -7.38 0.90 5.41
C HIS A 70 -8.00 -0.48 5.61
N ASN A 71 -7.46 -1.45 4.88
CA ASN A 71 -7.96 -2.82 4.96
C ASN A 71 -7.57 -3.41 6.32
N ASN A 72 -6.55 -2.82 6.92
CA ASN A 72 -6.07 -3.27 8.21
C ASN A 72 -6.75 -2.46 9.31
N LYS A 73 -6.37 -1.20 9.39
CA LYS A 73 -6.94 -0.30 10.39
C LYS A 73 -8.44 -0.15 10.14
N HIS A 74 -9.09 0.51 11.09
CA HIS A 74 -10.53 0.73 10.99
C HIS A 74 -11.25 -0.63 10.95
N SER A 75 -11.58 -1.13 12.12
CA SER A 75 -12.26 -2.41 12.24
C SER A 75 -13.58 -2.36 11.46
N GLY A 76 -13.94 -3.50 10.91
CA GLY A 76 -15.18 -3.61 10.14
C GLY A 76 -15.19 -2.60 8.98
N PRO A 77 -14.27 -2.84 8.02
CA PRO A 77 -14.16 -1.97 6.85
C PRO A 77 -15.32 -2.22 5.88
N SER A 78 -16.53 -2.01 6.36
CA SER A 78 -17.71 -2.21 5.55
C SER A 78 -17.85 -3.69 5.18
N SER A 79 -17.04 -4.10 4.21
CA SER A 79 -17.06 -5.48 3.76
C SER A 79 -15.74 -5.82 3.07
N GLY A 80 -14.96 -6.66 3.74
CA GLY A 80 -13.67 -7.08 3.20
C GLY A 80 -13.16 -8.32 3.93
N GLY A 1 8.75 25.97 -15.47
CA GLY A 1 9.28 26.13 -14.13
C GLY A 1 9.23 27.61 -13.69
N SER A 2 8.02 28.13 -13.62
CA SER A 2 7.82 29.51 -13.22
C SER A 2 6.46 29.67 -12.55
N SER A 3 6.46 30.39 -11.44
CA SER A 3 5.24 30.62 -10.68
C SER A 3 4.79 29.32 -10.00
N GLY A 4 4.50 28.32 -10.83
CA GLY A 4 4.07 27.04 -10.32
C GLY A 4 2.55 27.01 -10.12
N SER A 5 2.11 27.72 -9.09
CA SER A 5 0.69 27.78 -8.78
C SER A 5 0.16 26.39 -8.47
N SER A 6 -1.02 26.36 -7.85
CA SER A 6 -1.65 25.11 -7.48
C SER A 6 -3.07 25.37 -6.95
N GLY A 7 -3.94 24.42 -7.23
CA GLY A 7 -5.33 24.53 -6.78
C GLY A 7 -6.17 23.38 -7.34
N SER A 8 -6.83 23.65 -8.46
CA SER A 8 -7.67 22.65 -9.10
C SER A 8 -7.08 22.27 -10.45
N SER A 9 -7.50 21.11 -10.93
CA SER A 9 -7.03 20.60 -12.21
C SER A 9 -7.92 19.46 -12.69
N ALA A 10 -8.00 18.42 -11.86
CA ALA A 10 -8.81 17.26 -12.19
C ALA A 10 -9.15 16.51 -10.91
N GLU A 11 -10.21 15.74 -10.97
CA GLU A 11 -10.65 14.96 -9.83
C GLU A 11 -10.34 13.47 -10.05
N ALA A 12 -10.24 12.76 -8.94
CA ALA A 12 -9.95 11.33 -9.00
C ALA A 12 -11.27 10.54 -9.00
N GLY A 13 -11.13 9.24 -9.20
CA GLY A 13 -12.30 8.37 -9.22
C GLY A 13 -12.40 7.63 -10.57
N GLY A 14 -13.41 6.77 -10.65
CA GLY A 14 -13.62 6.00 -11.86
C GLY A 14 -14.72 4.95 -11.65
N GLY A 15 -14.51 3.80 -12.27
CA GLY A 15 -15.48 2.71 -12.16
C GLY A 15 -15.03 1.69 -11.12
N ILE A 16 -14.85 0.46 -11.58
CA ILE A 16 -14.42 -0.62 -10.69
C ILE A 16 -12.90 -0.58 -10.54
N ARG A 17 -12.46 0.02 -9.44
CA ARG A 17 -11.05 0.14 -9.16
C ARG A 17 -10.64 -0.82 -8.04
N LYS A 18 -9.36 -1.15 -8.02
CA LYS A 18 -8.84 -2.05 -7.00
C LYS A 18 -9.44 -3.44 -7.22
N ARG A 19 -8.60 -4.32 -7.76
CA ARG A 19 -9.03 -5.68 -8.03
C ARG A 19 -7.83 -6.58 -8.33
N HIS A 20 -7.37 -7.26 -7.29
CA HIS A 20 -6.22 -8.14 -7.43
C HIS A 20 -6.08 -9.01 -6.18
N ARG A 21 -5.30 -10.07 -6.31
CA ARG A 21 -5.09 -10.98 -5.20
C ARG A 21 -3.76 -10.68 -4.51
N THR A 22 -3.82 -10.50 -3.21
CA THR A 22 -2.64 -10.20 -2.42
C THR A 22 -2.32 -11.36 -1.47
N LYS A 23 -1.06 -11.42 -1.07
CA LYS A 23 -0.61 -12.47 -0.16
C LYS A 23 0.53 -11.93 0.70
N PHE A 24 0.18 -11.03 1.61
CA PHE A 24 1.16 -10.44 2.50
C PHE A 24 1.57 -11.42 3.60
N THR A 25 2.84 -11.79 3.57
CA THR A 25 3.37 -12.72 4.56
C THR A 25 3.81 -11.97 5.81
N ALA A 26 4.10 -12.74 6.86
CA ALA A 26 4.53 -12.17 8.12
C ALA A 26 5.45 -10.98 7.84
N GLU A 27 6.31 -11.16 6.85
CA GLU A 27 7.24 -10.12 6.47
C GLU A 27 6.49 -8.87 5.98
N GLN A 28 5.88 -9.01 4.82
CA GLN A 28 5.13 -7.91 4.23
C GLN A 28 4.18 -7.32 5.26
N LYS A 29 3.47 -8.20 5.96
CA LYS A 29 2.53 -7.77 6.97
C LYS A 29 3.25 -6.90 8.00
N GLU A 30 4.20 -7.52 8.68
CA GLU A 30 4.98 -6.82 9.69
C GLU A 30 5.62 -5.57 9.09
N ARG A 31 6.11 -5.72 7.87
CA ARG A 31 6.76 -4.62 7.18
C ARG A 31 5.81 -3.41 7.10
N MET A 32 4.59 -3.67 6.65
CA MET A 32 3.60 -2.63 6.53
C MET A 32 3.17 -2.12 7.91
N LEU A 33 2.99 -3.06 8.82
CA LEU A 33 2.58 -2.72 10.18
C LEU A 33 3.60 -1.77 10.79
N ALA A 34 4.87 -2.13 10.62
CA ALA A 34 5.95 -1.32 11.16
C ALA A 34 5.96 0.03 10.45
N LEU A 35 5.59 0.01 9.18
CA LEU A 35 5.55 1.22 8.39
C LEU A 35 4.35 2.07 8.82
N ALA A 36 3.19 1.45 8.85
CA ALA A 36 1.98 2.15 9.25
C ALA A 36 2.20 2.80 10.62
N GLU A 37 2.82 2.04 11.51
CA GLU A 37 3.09 2.55 12.85
C GLU A 37 4.22 3.57 12.81
N ARG A 38 4.84 3.68 11.64
CA ARG A 38 5.93 4.62 11.46
C ARG A 38 5.43 5.91 10.80
N ILE A 39 4.69 5.74 9.72
CA ILE A 39 4.15 6.88 9.00
C ILE A 39 2.84 7.33 9.67
N GLY A 40 2.14 6.35 10.22
CA GLY A 40 0.87 6.62 10.89
C GLY A 40 -0.31 6.11 10.06
N TRP A 41 -0.05 5.06 9.30
CA TRP A 41 -1.08 4.47 8.46
C TRP A 41 -1.59 5.56 7.52
N ARG A 42 -0.67 6.36 7.02
CA ARG A 42 -1.01 7.43 6.10
C ARG A 42 0.09 7.61 5.05
N ILE A 43 -0.33 8.08 3.88
CA ILE A 43 0.60 8.29 2.78
C ILE A 43 0.66 9.78 2.45
N GLN A 44 1.85 10.24 2.11
CA GLN A 44 2.05 11.63 1.76
C GLN A 44 3.28 11.80 0.88
N ARG A 45 3.42 12.98 0.32
CA ARG A 45 4.55 13.28 -0.54
C ARG A 45 5.86 13.22 0.25
N GLN A 46 5.72 13.32 1.56
CA GLN A 46 6.88 13.28 2.44
C GLN A 46 7.32 11.83 2.69
N ASP A 47 6.34 11.02 3.09
CA ASP A 47 6.62 9.62 3.36
C ASP A 47 6.87 8.89 2.04
N ASP A 48 6.46 9.52 0.96
CA ASP A 48 6.65 8.95 -0.36
C ASP A 48 8.02 8.30 -0.44
N GLU A 49 9.04 9.09 -0.13
CA GLU A 49 10.40 8.60 -0.16
C GLU A 49 10.51 7.23 0.53
N VAL A 50 9.82 7.13 1.66
CA VAL A 50 9.82 5.89 2.42
C VAL A 50 8.85 4.90 1.76
N ILE A 51 7.73 5.43 1.30
CA ILE A 51 6.73 4.61 0.65
C ILE A 51 7.34 3.96 -0.60
N GLN A 52 7.57 4.79 -1.60
CA GLN A 52 8.14 4.31 -2.86
C GLN A 52 9.36 3.45 -2.57
N ARG A 53 10.07 3.80 -1.51
CA ARG A 53 11.27 3.07 -1.13
C ARG A 53 10.89 1.70 -0.55
N PHE A 54 10.02 1.73 0.44
CA PHE A 54 9.57 0.51 1.09
C PHE A 54 9.01 -0.47 0.06
N CYS A 55 8.50 0.08 -1.03
CA CYS A 55 7.93 -0.73 -2.09
C CYS A 55 9.07 -1.38 -2.86
N GLN A 56 10.28 -0.92 -2.59
CA GLN A 56 11.46 -1.45 -3.24
C GLN A 56 12.03 -2.63 -2.44
N GLU A 57 11.84 -2.56 -1.13
CA GLU A 57 12.33 -3.60 -0.25
C GLU A 57 11.30 -4.73 -0.14
N THR A 58 10.03 -4.34 -0.20
CA THR A 58 8.95 -5.31 -0.11
C THR A 58 8.48 -5.72 -1.50
N GLY A 59 8.19 -4.71 -2.32
CA GLY A 59 7.73 -4.95 -3.67
C GLY A 59 6.22 -4.75 -3.78
N VAL A 60 5.62 -4.38 -2.66
CA VAL A 60 4.19 -4.16 -2.63
C VAL A 60 3.86 -2.84 -3.33
N PRO A 61 2.71 -2.85 -4.07
CA PRO A 61 2.28 -1.66 -4.79
C PRO A 61 1.70 -0.62 -3.84
N ARG A 62 1.96 0.64 -4.16
CA ARG A 62 1.49 1.75 -3.35
C ARG A 62 -0.02 1.60 -3.10
N GLN A 63 -0.76 1.55 -4.19
CA GLN A 63 -2.21 1.42 -4.12
C GLN A 63 -2.59 0.34 -3.10
N VAL A 64 -1.72 -0.66 -3.00
CA VAL A 64 -1.95 -1.75 -2.07
C VAL A 64 -1.56 -1.30 -0.65
N LEU A 65 -0.35 -0.77 -0.55
CA LEU A 65 0.15 -0.31 0.74
C LEU A 65 -0.81 0.74 1.30
N LYS A 66 -1.56 1.36 0.41
CA LYS A 66 -2.51 2.38 0.80
C LYS A 66 -3.77 1.71 1.35
N VAL A 67 -4.48 1.04 0.46
CA VAL A 67 -5.70 0.36 0.84
C VAL A 67 -5.41 -0.58 2.02
N TRP A 68 -4.33 -1.34 1.88
CA TRP A 68 -3.94 -2.27 2.92
C TRP A 68 -4.22 -1.62 4.27
N LEU A 69 -3.56 -0.50 4.51
CA LEU A 69 -3.72 0.23 5.75
C LEU A 69 -5.22 0.36 6.06
N HIS A 70 -5.95 0.91 5.09
CA HIS A 70 -7.37 1.10 5.25
C HIS A 70 -8.04 -0.25 5.53
N ASN A 71 -7.49 -1.28 4.91
CA ASN A 71 -8.02 -2.63 5.08
C ASN A 71 -7.70 -3.13 6.50
N ASN A 72 -6.78 -2.41 7.14
CA ASN A 72 -6.36 -2.77 8.49
C ASN A 72 -6.62 -1.58 9.42
N LYS A 73 -5.59 -0.74 9.52
CA LYS A 73 -5.68 0.44 10.37
C LYS A 73 -6.49 0.10 11.63
N HIS A 74 -5.95 -0.82 12.41
CA HIS A 74 -6.60 -1.24 13.64
C HIS A 74 -7.20 -0.02 14.34
N SER A 75 -8.50 0.15 14.15
CA SER A 75 -9.21 1.26 14.75
C SER A 75 -10.36 0.74 15.61
N GLY A 76 -11.04 1.68 16.27
CA GLY A 76 -12.16 1.33 17.12
C GLY A 76 -13.42 1.09 16.30
N PRO A 77 -14.48 1.89 16.60
CA PRO A 77 -15.74 1.77 15.91
C PRO A 77 -15.65 2.39 14.51
N SER A 78 -15.69 1.51 13.51
CA SER A 78 -15.62 1.95 12.12
C SER A 78 -16.20 0.87 11.21
N SER A 79 -17.51 0.98 10.98
CA SER A 79 -18.19 0.03 10.12
C SER A 79 -19.61 0.53 9.83
N GLY A 80 -20.28 -0.18 8.92
CA GLY A 80 -21.63 0.19 8.54
C GLY A 80 -21.72 0.45 7.04
N GLY A 1 -20.03 30.81 -6.11
CA GLY A 1 -18.98 29.80 -6.08
C GLY A 1 -19.06 28.91 -7.32
N SER A 2 -18.86 27.61 -7.09
CA SER A 2 -18.91 26.65 -8.18
C SER A 2 -18.97 25.23 -7.60
N SER A 3 -19.78 24.40 -8.24
CA SER A 3 -19.92 23.02 -7.82
C SER A 3 -20.44 22.98 -6.38
N GLY A 4 -21.16 21.90 -6.08
CA GLY A 4 -21.72 21.72 -4.74
C GLY A 4 -20.63 21.83 -3.68
N SER A 5 -20.15 20.67 -3.25
CA SER A 5 -19.12 20.62 -2.24
C SER A 5 -18.00 19.67 -2.67
N SER A 6 -17.08 20.21 -3.46
CA SER A 6 -15.96 19.43 -3.96
C SER A 6 -16.46 18.10 -4.52
N GLY A 7 -16.73 18.11 -5.82
CA GLY A 7 -17.21 16.91 -6.49
C GLY A 7 -18.39 16.30 -5.73
N SER A 8 -18.15 15.10 -5.21
CA SER A 8 -19.17 14.40 -4.46
C SER A 8 -20.51 14.44 -5.22
N SER A 9 -20.70 13.43 -6.06
CA SER A 9 -21.91 13.34 -6.85
C SER A 9 -21.96 12.00 -7.59
N ALA A 10 -20.94 11.78 -8.41
CA ALA A 10 -20.84 10.55 -9.18
C ALA A 10 -19.41 10.37 -9.67
N GLU A 11 -18.62 9.68 -8.85
CA GLU A 11 -17.23 9.44 -9.19
C GLU A 11 -16.46 10.76 -9.31
N ALA A 12 -15.14 10.63 -9.35
CA ALA A 12 -14.29 11.81 -9.46
C ALA A 12 -12.95 11.40 -10.08
N GLY A 13 -12.92 11.39 -11.40
CA GLY A 13 -11.71 11.03 -12.12
C GLY A 13 -11.41 9.54 -11.96
N GLY A 14 -10.41 9.08 -12.70
CA GLY A 14 -10.01 7.69 -12.65
C GLY A 14 -11.19 6.77 -12.99
N GLY A 15 -11.07 5.53 -12.54
CA GLY A 15 -12.10 4.54 -12.78
C GLY A 15 -12.13 3.48 -11.68
N ILE A 16 -13.01 2.50 -11.86
CA ILE A 16 -13.14 1.44 -10.89
C ILE A 16 -12.07 0.38 -11.16
N ARG A 17 -10.99 0.48 -10.40
CA ARG A 17 -9.88 -0.45 -10.55
C ARG A 17 -9.17 -0.66 -9.20
N LYS A 18 -9.21 -1.89 -8.74
CA LYS A 18 -8.59 -2.23 -7.47
C LYS A 18 -8.51 -3.76 -7.33
N ARG A 19 -7.41 -4.31 -7.82
CA ARG A 19 -7.20 -5.74 -7.77
C ARG A 19 -7.64 -6.28 -6.41
N HIS A 20 -7.90 -7.58 -6.38
CA HIS A 20 -8.33 -8.24 -5.16
C HIS A 20 -7.60 -9.58 -5.02
N ARG A 21 -6.33 -9.48 -4.66
CA ARG A 21 -5.51 -10.68 -4.49
C ARG A 21 -4.20 -10.33 -3.79
N THR A 22 -4.27 -10.29 -2.46
CA THR A 22 -3.10 -9.97 -1.66
C THR A 22 -2.75 -11.13 -0.73
N LYS A 23 -1.50 -11.16 -0.32
CA LYS A 23 -1.03 -12.21 0.56
C LYS A 23 0.23 -11.74 1.30
N PHE A 24 0.03 -10.81 2.22
CA PHE A 24 1.14 -10.27 2.99
C PHE A 24 1.61 -11.25 4.05
N THR A 25 2.84 -11.70 3.88
CA THR A 25 3.42 -12.66 4.82
C THR A 25 3.98 -11.93 6.05
N ALA A 26 4.23 -12.71 7.09
CA ALA A 26 4.76 -12.15 8.32
C ALA A 26 5.72 -11.00 8.00
N GLU A 27 6.43 -11.16 6.90
CA GLU A 27 7.38 -10.15 6.46
C GLU A 27 6.64 -8.91 5.98
N GLN A 28 5.98 -9.05 4.83
CA GLN A 28 5.24 -7.95 4.25
C GLN A 28 4.23 -7.39 5.26
N LYS A 29 3.54 -8.32 5.92
CA LYS A 29 2.55 -7.94 6.92
C LYS A 29 3.20 -7.00 7.95
N GLU A 30 4.23 -7.52 8.59
CA GLU A 30 4.94 -6.75 9.61
C GLU A 30 5.56 -5.50 8.98
N ARG A 31 6.26 -5.72 7.87
CA ARG A 31 6.90 -4.63 7.15
C ARG A 31 5.96 -3.43 7.06
N MET A 32 4.73 -3.71 6.64
CA MET A 32 3.73 -2.67 6.49
C MET A 32 3.28 -2.15 7.86
N LEU A 33 3.05 -3.08 8.77
CA LEU A 33 2.62 -2.73 10.11
C LEU A 33 3.64 -1.79 10.75
N ALA A 34 4.91 -2.17 10.59
CA ALA A 34 5.99 -1.36 11.14
C ALA A 34 6.02 0.00 10.45
N LEU A 35 5.66 -0.02 9.16
CA LEU A 35 5.65 1.19 8.38
C LEU A 35 4.47 2.07 8.82
N ALA A 36 3.30 1.45 8.83
CA ALA A 36 2.09 2.15 9.22
C ALA A 36 2.30 2.80 10.59
N GLU A 37 2.83 2.01 11.51
CA GLU A 37 3.09 2.49 12.85
C GLU A 37 4.22 3.52 12.83
N ARG A 38 4.84 3.66 11.67
CA ARG A 38 5.94 4.60 11.51
C ARG A 38 5.44 5.88 10.84
N ILE A 39 4.72 5.69 9.74
CA ILE A 39 4.18 6.81 9.00
C ILE A 39 2.93 7.34 9.70
N GLY A 40 2.21 6.42 10.32
CA GLY A 40 0.99 6.77 11.04
C GLY A 40 -0.25 6.33 10.26
N TRP A 41 -0.10 5.24 9.52
CA TRP A 41 -1.19 4.71 8.73
C TRP A 41 -1.65 5.82 7.77
N ARG A 42 -0.68 6.57 7.29
CA ARG A 42 -0.98 7.66 6.37
C ARG A 42 0.08 7.71 5.25
N ILE A 43 -0.34 8.24 4.12
CA ILE A 43 0.55 8.34 2.97
C ILE A 43 0.58 9.80 2.49
N GLN A 44 1.75 10.41 2.62
CA GLN A 44 1.92 11.79 2.21
C GLN A 44 3.07 11.90 1.20
N ARG A 45 3.17 13.09 0.61
CA ARG A 45 4.21 13.33 -0.39
C ARG A 45 5.59 13.29 0.28
N GLN A 46 5.57 13.28 1.61
CA GLN A 46 6.81 13.24 2.37
C GLN A 46 7.27 11.80 2.55
N ASP A 47 6.35 10.98 3.05
CA ASP A 47 6.65 9.57 3.29
C ASP A 47 6.82 8.86 1.95
N ASP A 48 6.35 9.52 0.90
CA ASP A 48 6.45 8.97 -0.44
C ASP A 48 7.81 8.30 -0.61
N GLU A 49 8.85 9.06 -0.31
CA GLU A 49 10.21 8.55 -0.44
C GLU A 49 10.33 7.21 0.28
N VAL A 50 9.75 7.15 1.46
CA VAL A 50 9.80 5.94 2.27
C VAL A 50 8.84 4.90 1.66
N ILE A 51 7.67 5.37 1.27
CA ILE A 51 6.67 4.51 0.67
C ILE A 51 7.28 3.81 -0.55
N GLN A 52 7.48 4.59 -1.60
CA GLN A 52 8.05 4.06 -2.83
C GLN A 52 9.27 3.21 -2.52
N ARG A 53 10.12 3.73 -1.64
CA ARG A 53 11.34 3.03 -1.25
C ARG A 53 10.99 1.68 -0.62
N PHE A 54 10.11 1.74 0.38
CA PHE A 54 9.69 0.54 1.08
C PHE A 54 9.15 -0.51 0.09
N CYS A 55 8.65 -0.01 -1.03
CA CYS A 55 8.11 -0.89 -2.06
C CYS A 55 9.27 -1.56 -2.78
N GLN A 56 10.46 -1.01 -2.57
CA GLN A 56 11.65 -1.54 -3.20
C GLN A 56 12.21 -2.71 -2.37
N GLU A 57 12.05 -2.59 -1.06
CA GLU A 57 12.51 -3.62 -0.15
C GLU A 57 11.49 -4.74 -0.03
N THR A 58 10.22 -4.36 -0.12
CA THR A 58 9.14 -5.32 -0.03
C THR A 58 8.68 -5.76 -1.42
N GLY A 59 8.16 -4.79 -2.16
CA GLY A 59 7.68 -5.06 -3.51
C GLY A 59 6.18 -4.81 -3.62
N VAL A 60 5.59 -4.42 -2.50
CA VAL A 60 4.16 -4.15 -2.46
C VAL A 60 3.88 -2.83 -3.19
N PRO A 61 2.73 -2.81 -3.91
CA PRO A 61 2.32 -1.62 -4.64
C PRO A 61 1.79 -0.55 -3.70
N ARG A 62 2.09 0.70 -4.03
CA ARG A 62 1.65 1.82 -3.22
C ARG A 62 0.13 1.74 -3.00
N GLN A 63 -0.60 1.68 -4.11
CA GLN A 63 -2.05 1.59 -4.04
C GLN A 63 -2.48 0.55 -3.01
N VAL A 64 -1.66 -0.49 -2.89
CA VAL A 64 -1.93 -1.56 -1.95
C VAL A 64 -1.58 -1.10 -0.54
N LEU A 65 -0.35 -0.64 -0.39
CA LEU A 65 0.13 -0.17 0.90
C LEU A 65 -0.83 0.90 1.44
N LYS A 66 -1.60 1.47 0.52
CA LYS A 66 -2.56 2.50 0.88
C LYS A 66 -3.84 1.84 1.40
N VAL A 67 -4.58 1.25 0.47
CA VAL A 67 -5.82 0.58 0.83
C VAL A 67 -5.57 -0.39 1.98
N TRP A 68 -4.39 -0.99 1.95
CA TRP A 68 -4.01 -1.95 2.97
C TRP A 68 -4.40 -1.35 4.34
N LEU A 69 -3.86 -0.17 4.59
CA LEU A 69 -4.13 0.52 5.84
C LEU A 69 -5.63 0.47 6.13
N HIS A 70 -6.40 0.99 5.19
CA HIS A 70 -7.86 1.01 5.33
C HIS A 70 -8.37 -0.41 5.53
N ASN A 71 -7.76 -1.33 4.80
CA ASN A 71 -8.15 -2.74 4.89
C ASN A 71 -7.86 -3.25 6.30
N ASN A 72 -6.87 -2.63 6.93
CA ASN A 72 -6.49 -3.02 8.28
C ASN A 72 -7.20 -2.10 9.28
N LYS A 73 -6.66 -0.91 9.44
CA LYS A 73 -7.22 0.06 10.36
C LYS A 73 -8.74 0.07 10.20
N HIS A 74 -9.43 -0.27 11.28
CA HIS A 74 -10.88 -0.30 11.28
C HIS A 74 -11.42 1.13 11.32
N SER A 75 -11.52 1.73 10.15
CA SER A 75 -12.02 3.09 10.04
C SER A 75 -11.05 4.06 10.71
N GLY A 76 -10.40 4.87 9.88
CA GLY A 76 -9.45 5.84 10.39
C GLY A 76 -9.59 7.18 9.66
N PRO A 77 -10.41 8.08 10.27
CA PRO A 77 -10.63 9.39 9.69
C PRO A 77 -9.42 10.30 9.89
N SER A 78 -8.77 10.62 8.78
CA SER A 78 -7.59 11.47 8.81
C SER A 78 -8.01 12.94 8.75
N SER A 79 -8.68 13.28 7.65
CA SER A 79 -9.14 14.65 7.47
C SER A 79 -10.66 14.67 7.24
N GLY A 80 -11.33 15.48 8.04
CA GLY A 80 -12.78 15.59 7.94
C GLY A 80 -13.27 16.87 8.63
N GLY A 1 8.89 -25.67 -30.44
CA GLY A 1 8.45 -24.30 -30.68
C GLY A 1 7.86 -23.69 -29.41
N SER A 2 8.03 -22.38 -29.28
CA SER A 2 7.51 -21.67 -28.12
C SER A 2 7.69 -20.16 -28.32
N SER A 3 6.62 -19.43 -28.00
CA SER A 3 6.65 -17.98 -28.13
C SER A 3 5.50 -17.37 -27.33
N GLY A 4 5.82 -16.29 -26.64
CA GLY A 4 4.83 -15.59 -25.82
C GLY A 4 5.31 -14.20 -25.45
N SER A 5 6.20 -14.17 -24.47
CA SER A 5 6.75 -12.90 -24.00
C SER A 5 5.64 -12.04 -23.39
N SER A 6 5.49 -12.15 -22.09
CA SER A 6 4.47 -11.38 -21.39
C SER A 6 4.84 -11.25 -19.91
N GLY A 7 4.35 -10.18 -19.30
CA GLY A 7 4.62 -9.93 -17.89
C GLY A 7 4.39 -8.46 -17.54
N SER A 8 3.16 -8.03 -17.76
CA SER A 8 2.79 -6.65 -17.48
C SER A 8 1.31 -6.42 -17.80
N SER A 9 0.80 -5.30 -17.31
CA SER A 9 -0.60 -4.97 -17.54
C SER A 9 -0.73 -3.46 -17.82
N ALA A 10 -0.56 -3.12 -19.09
CA ALA A 10 -0.66 -1.73 -19.51
C ALA A 10 -1.73 -1.60 -20.59
N GLU A 11 -2.93 -1.23 -20.16
CA GLU A 11 -4.04 -1.08 -21.09
C GLU A 11 -5.10 -0.16 -20.48
N ALA A 12 -5.27 1.01 -21.09
CA ALA A 12 -6.25 1.97 -20.63
C ALA A 12 -5.87 2.42 -19.21
N GLY A 13 -5.83 3.74 -19.05
CA GLY A 13 -5.49 4.31 -17.76
C GLY A 13 -6.16 3.55 -16.62
N GLY A 14 -7.48 3.50 -16.68
CA GLY A 14 -8.25 2.81 -15.65
C GLY A 14 -8.84 1.50 -16.21
N GLY A 15 -8.05 0.45 -16.13
CA GLY A 15 -8.48 -0.85 -16.62
C GLY A 15 -8.71 -1.82 -15.45
N ILE A 16 -7.78 -2.75 -15.31
CA ILE A 16 -7.87 -3.74 -14.25
C ILE A 16 -7.34 -3.14 -12.95
N ARG A 17 -8.24 -2.60 -12.16
CA ARG A 17 -7.88 -2.00 -10.89
C ARG A 17 -7.91 -3.03 -9.77
N LYS A 18 -7.10 -2.79 -8.75
CA LYS A 18 -7.03 -3.70 -7.62
C LYS A 18 -8.44 -4.16 -7.26
N ARG A 19 -8.55 -5.46 -7.02
CA ARG A 19 -9.83 -6.05 -6.66
C ARG A 19 -9.66 -7.03 -5.49
N HIS A 20 -8.92 -8.10 -5.76
CA HIS A 20 -8.67 -9.11 -4.75
C HIS A 20 -7.62 -10.09 -5.26
N ARG A 21 -6.38 -9.83 -4.88
CA ARG A 21 -5.28 -10.69 -5.29
C ARG A 21 -4.01 -10.32 -4.51
N THR A 22 -4.14 -10.35 -3.19
CA THR A 22 -3.01 -10.02 -2.33
C THR A 22 -2.66 -11.22 -1.44
N LYS A 23 -1.43 -11.22 -0.97
CA LYS A 23 -0.96 -12.30 -0.11
C LYS A 23 0.20 -11.80 0.75
N PHE A 24 -0.12 -10.85 1.63
CA PHE A 24 0.89 -10.27 2.51
C PHE A 24 1.27 -11.25 3.62
N THR A 25 2.53 -11.66 3.59
CA THR A 25 3.02 -12.59 4.59
C THR A 25 3.53 -11.84 5.83
N ALA A 26 3.82 -12.60 6.87
CA ALA A 26 4.31 -12.02 8.11
C ALA A 26 5.25 -10.86 7.79
N GLU A 27 6.08 -11.07 6.78
CA GLU A 27 7.04 -10.07 6.36
C GLU A 27 6.31 -8.81 5.88
N GLN A 28 5.68 -8.94 4.72
CA GLN A 28 4.94 -7.82 4.15
C GLN A 28 4.00 -7.21 5.19
N LYS A 29 3.30 -8.08 5.89
CA LYS A 29 2.36 -7.65 6.91
C LYS A 29 3.10 -6.76 7.92
N GLU A 30 4.10 -7.36 8.56
CA GLU A 30 4.88 -6.64 9.55
C GLU A 30 5.52 -5.40 8.92
N ARG A 31 6.14 -5.62 7.77
CA ARG A 31 6.80 -4.53 7.06
C ARG A 31 5.86 -3.32 6.98
N MET A 32 4.63 -3.59 6.58
CA MET A 32 3.63 -2.54 6.45
C MET A 32 3.20 -2.01 7.81
N LEU A 33 3.04 -2.94 8.74
CA LEU A 33 2.63 -2.58 10.10
C LEU A 33 3.66 -1.62 10.69
N ALA A 34 4.92 -1.95 10.49
CA ALA A 34 6.01 -1.13 11.00
C ALA A 34 5.99 0.23 10.28
N LEU A 35 5.64 0.17 9.00
CA LEU A 35 5.59 1.38 8.20
C LEU A 35 4.40 2.23 8.63
N ALA A 36 3.25 1.57 8.72
CA ALA A 36 2.03 2.24 9.12
C ALA A 36 2.24 2.92 10.47
N GLU A 37 2.89 2.19 11.37
CA GLU A 37 3.17 2.71 12.70
C GLU A 37 4.29 3.76 12.64
N ARG A 38 4.89 3.86 11.46
CA ARG A 38 5.96 4.82 11.26
C ARG A 38 5.42 6.09 10.60
N ILE A 39 4.62 5.90 9.56
CA ILE A 39 4.03 7.02 8.85
C ILE A 39 2.76 7.46 9.56
N GLY A 40 2.08 6.49 10.15
CA GLY A 40 0.84 6.76 10.86
C GLY A 40 -0.36 6.15 10.14
N TRP A 41 -0.07 5.13 9.34
CA TRP A 41 -1.12 4.46 8.59
C TRP A 41 -1.62 5.42 7.51
N ARG A 42 -0.88 6.51 7.34
CA ARG A 42 -1.24 7.51 6.35
C ARG A 42 -0.16 7.59 5.28
N ILE A 43 -0.47 8.34 4.22
CA ILE A 43 0.46 8.51 3.13
C ILE A 43 0.57 10.00 2.78
N GLN A 44 1.80 10.42 2.51
CA GLN A 44 2.05 11.81 2.17
C GLN A 44 3.30 11.93 1.31
N ARG A 45 3.53 13.13 0.80
CA ARG A 45 4.69 13.39 -0.04
C ARG A 45 5.98 13.17 0.75
N GLN A 46 5.83 13.18 2.07
CA GLN A 46 6.97 12.99 2.95
C GLN A 46 7.28 11.50 3.11
N ASP A 47 6.21 10.72 3.31
CA ASP A 47 6.35 9.29 3.48
C ASP A 47 6.68 8.65 2.13
N ASP A 48 6.34 9.37 1.07
CA ASP A 48 6.60 8.89 -0.28
C ASP A 48 7.95 8.17 -0.32
N GLU A 49 8.99 8.94 -0.03
CA GLU A 49 10.34 8.39 -0.02
C GLU A 49 10.34 6.99 0.60
N VAL A 50 9.61 6.86 1.69
CA VAL A 50 9.52 5.59 2.39
C VAL A 50 8.57 4.66 1.63
N ILE A 51 7.47 5.25 1.15
CA ILE A 51 6.49 4.49 0.41
C ILE A 51 7.16 3.80 -0.77
N GLN A 52 7.89 4.60 -1.54
CA GLN A 52 8.60 4.09 -2.70
C GLN A 52 9.73 3.15 -2.27
N ARG A 53 10.51 3.62 -1.32
CA ARG A 53 11.62 2.84 -0.81
C ARG A 53 11.13 1.49 -0.27
N PHE A 54 9.99 1.54 0.40
CA PHE A 54 9.40 0.35 0.96
C PHE A 54 9.04 -0.66 -0.13
N CYS A 55 8.44 -0.15 -1.19
CA CYS A 55 8.04 -0.98 -2.30
C CYS A 55 9.31 -1.59 -2.93
N GLN A 56 10.44 -1.00 -2.57
CA GLN A 56 11.72 -1.46 -3.08
C GLN A 56 12.24 -2.62 -2.23
N GLU A 57 11.95 -2.54 -0.94
CA GLU A 57 12.38 -3.57 -0.01
C GLU A 57 11.37 -4.72 0.03
N THR A 58 10.10 -4.34 -0.11
CA THR A 58 9.03 -5.32 -0.09
C THR A 58 8.63 -5.70 -1.52
N GLY A 59 7.98 -4.76 -2.18
CA GLY A 59 7.53 -4.97 -3.55
C GLY A 59 6.03 -4.71 -3.68
N VAL A 60 5.42 -4.33 -2.57
CA VAL A 60 3.99 -4.05 -2.55
C VAL A 60 3.74 -2.71 -3.24
N PRO A 61 2.59 -2.67 -3.99
CA PRO A 61 2.22 -1.46 -4.70
C PRO A 61 1.68 -0.40 -3.74
N ARG A 62 2.06 0.84 -4.01
CA ARG A 62 1.63 1.96 -3.18
C ARG A 62 0.11 1.90 -2.98
N GLN A 63 -0.60 1.82 -4.08
CA GLN A 63 -2.05 1.77 -4.04
C GLN A 63 -2.51 0.70 -3.04
N VAL A 64 -1.70 -0.34 -2.91
CA VAL A 64 -2.01 -1.42 -2.00
C VAL A 64 -1.62 -1.00 -0.58
N LEU A 65 -0.41 -0.49 -0.46
CA LEU A 65 0.09 -0.05 0.84
C LEU A 65 -0.89 0.97 1.44
N LYS A 66 -1.70 1.55 0.57
CA LYS A 66 -2.68 2.53 1.00
C LYS A 66 -3.91 1.81 1.56
N VAL A 67 -4.65 1.19 0.65
CA VAL A 67 -5.85 0.46 1.03
C VAL A 67 -5.50 -0.52 2.16
N TRP A 68 -4.39 -1.21 1.98
CA TRP A 68 -3.94 -2.17 2.97
C TRP A 68 -4.21 -1.59 4.36
N LEU A 69 -3.58 -0.46 4.63
CA LEU A 69 -3.74 0.21 5.92
C LEU A 69 -5.23 0.21 6.29
N HIS A 70 -6.05 0.58 5.31
CA HIS A 70 -7.48 0.64 5.52
C HIS A 70 -8.03 -0.77 5.71
N ASN A 71 -7.43 -1.71 4.99
CA ASN A 71 -7.84 -3.10 5.06
C ASN A 71 -7.39 -3.70 6.40
N ASN A 72 -6.44 -3.01 7.02
CA ASN A 72 -5.91 -3.45 8.30
C ASN A 72 -6.58 -2.66 9.43
N LYS A 73 -6.27 -1.38 9.48
CA LYS A 73 -6.83 -0.51 10.50
C LYS A 73 -8.36 -0.52 10.37
N HIS A 74 -8.99 0.22 11.28
CA HIS A 74 -10.44 0.32 11.28
C HIS A 74 -10.91 1.11 10.06
N SER A 75 -11.63 0.42 9.19
CA SER A 75 -12.14 1.05 7.98
C SER A 75 -13.33 1.95 8.32
N GLY A 76 -14.40 1.31 8.78
CA GLY A 76 -15.60 2.04 9.14
C GLY A 76 -16.29 2.62 7.90
N PRO A 77 -17.35 3.44 8.16
CA PRO A 77 -18.09 4.06 7.08
C PRO A 77 -17.30 5.21 6.47
N SER A 78 -17.87 5.78 5.40
CA SER A 78 -17.23 6.89 4.73
C SER A 78 -18.28 7.75 4.01
N SER A 79 -19.01 7.10 3.11
CA SER A 79 -20.06 7.78 2.37
C SER A 79 -21.29 7.98 3.25
N GLY A 80 -21.27 9.06 4.02
CA GLY A 80 -22.37 9.37 4.91
C GLY A 80 -23.53 10.01 4.14
N GLY A 1 27.97 -20.44 12.25
CA GLY A 1 27.29 -19.90 11.08
C GLY A 1 26.17 -18.93 11.50
N SER A 2 25.20 -18.81 10.62
CA SER A 2 24.07 -17.93 10.87
C SER A 2 22.80 -18.51 10.26
N SER A 3 22.84 -18.72 8.95
CA SER A 3 21.71 -19.26 8.24
C SER A 3 20.53 -18.28 8.28
N GLY A 4 19.74 -18.31 7.22
CA GLY A 4 18.60 -17.43 7.12
C GLY A 4 17.99 -17.45 5.71
N SER A 5 17.09 -18.40 5.51
CA SER A 5 16.44 -18.55 4.22
C SER A 5 15.04 -19.13 4.40
N SER A 6 14.14 -18.73 3.52
CA SER A 6 12.77 -19.19 3.57
C SER A 6 12.16 -19.19 2.17
N GLY A 7 12.14 -18.01 1.57
CA GLY A 7 11.60 -17.84 0.23
C GLY A 7 10.92 -16.48 0.07
N SER A 8 11.72 -15.51 -0.34
CA SER A 8 11.21 -14.16 -0.54
C SER A 8 12.04 -13.45 -1.61
N SER A 9 11.51 -13.48 -2.83
CA SER A 9 12.18 -12.83 -3.95
C SER A 9 11.16 -12.41 -5.00
N ALA A 10 10.52 -11.27 -4.75
CA ALA A 10 9.52 -10.76 -5.67
C ALA A 10 8.39 -11.78 -5.81
N GLU A 11 7.35 -11.59 -4.99
CA GLU A 11 6.21 -12.48 -5.01
C GLU A 11 5.05 -11.87 -4.22
N ALA A 12 3.86 -12.34 -4.52
CA ALA A 12 2.66 -11.86 -3.85
C ALA A 12 2.54 -10.35 -4.07
N GLY A 13 2.33 -9.99 -5.33
CA GLY A 13 2.19 -8.58 -5.68
C GLY A 13 3.32 -8.14 -6.60
N GLY A 14 3.10 -8.31 -7.89
CA GLY A 14 4.10 -7.92 -8.89
C GLY A 14 3.49 -7.92 -10.29
N GLY A 15 3.29 -6.71 -10.80
CA GLY A 15 2.72 -6.56 -12.13
C GLY A 15 2.48 -5.10 -12.46
N ILE A 16 1.57 -4.86 -13.39
CA ILE A 16 1.24 -3.50 -13.81
C ILE A 16 -0.07 -3.08 -13.14
N ARG A 17 0.04 -2.12 -12.25
CA ARG A 17 -1.13 -1.61 -11.53
C ARG A 17 -1.74 -2.72 -10.69
N LYS A 18 -2.24 -2.32 -9.52
CA LYS A 18 -2.86 -3.26 -8.61
C LYS A 18 -4.16 -3.78 -9.23
N ARG A 19 -4.55 -4.97 -8.78
CA ARG A 19 -5.76 -5.59 -9.29
C ARG A 19 -6.22 -6.69 -8.34
N HIS A 20 -6.26 -6.35 -7.05
CA HIS A 20 -6.68 -7.30 -6.04
C HIS A 20 -5.82 -8.56 -6.12
N ARG A 21 -5.99 -9.43 -5.14
CA ARG A 21 -5.24 -10.67 -5.10
C ARG A 21 -3.87 -10.44 -4.46
N THR A 22 -3.88 -10.26 -3.15
CA THR A 22 -2.64 -10.03 -2.42
C THR A 22 -2.37 -11.19 -1.46
N LYS A 23 -1.10 -11.32 -1.10
CA LYS A 23 -0.69 -12.39 -0.19
C LYS A 23 0.43 -11.88 0.71
N PHE A 24 0.08 -10.93 1.56
CA PHE A 24 1.05 -10.34 2.47
C PHE A 24 1.41 -11.33 3.59
N THR A 25 2.67 -11.72 3.61
CA THR A 25 3.16 -12.66 4.62
C THR A 25 3.61 -11.91 5.87
N ALA A 26 3.87 -12.68 6.91
CA ALA A 26 4.31 -12.09 8.17
C ALA A 26 5.27 -10.93 7.89
N GLU A 27 6.12 -11.14 6.89
CA GLU A 27 7.08 -10.13 6.51
C GLU A 27 6.36 -8.86 6.01
N GLN A 28 5.76 -8.99 4.84
CA GLN A 28 5.04 -7.88 4.26
C GLN A 28 4.07 -7.27 5.28
N LYS A 29 3.36 -8.15 5.96
CA LYS A 29 2.39 -7.71 6.96
C LYS A 29 3.11 -6.83 7.99
N GLU A 30 4.07 -7.43 8.66
CA GLU A 30 4.84 -6.71 9.67
C GLU A 30 5.50 -5.47 9.06
N ARG A 31 6.11 -5.68 7.91
CA ARG A 31 6.79 -4.60 7.21
C ARG A 31 5.88 -3.38 7.11
N MET A 32 4.67 -3.62 6.59
CA MET A 32 3.70 -2.57 6.44
C MET A 32 3.24 -2.03 7.80
N LEU A 33 2.95 -2.97 8.69
CA LEU A 33 2.50 -2.60 10.02
C LEU A 33 3.55 -1.71 10.69
N ALA A 34 4.80 -2.14 10.59
CA ALA A 34 5.89 -1.38 11.17
C ALA A 34 6.00 -0.02 10.47
N LEU A 35 5.59 -0.01 9.21
CA LEU A 35 5.64 1.21 8.43
C LEU A 35 4.47 2.12 8.85
N ALA A 36 3.27 1.55 8.78
CA ALA A 36 2.08 2.29 9.14
C ALA A 36 2.22 2.82 10.57
N GLU A 37 3.17 2.24 11.29
CA GLU A 37 3.42 2.65 12.66
C GLU A 37 4.50 3.74 12.71
N ARG A 38 5.10 3.97 11.55
CA ARG A 38 6.15 4.98 11.44
C ARG A 38 5.63 6.20 10.69
N ILE A 39 4.53 5.99 9.98
CA ILE A 39 3.92 7.07 9.21
C ILE A 39 2.59 7.47 9.86
N GLY A 40 1.94 6.48 10.45
CA GLY A 40 0.67 6.72 11.10
C GLY A 40 -0.49 6.18 10.26
N TRP A 41 -0.17 5.18 9.44
CA TRP A 41 -1.17 4.56 8.58
C TRP A 41 -1.69 5.64 7.63
N ARG A 42 -0.78 6.48 7.17
CA ARG A 42 -1.14 7.54 6.25
C ARG A 42 -0.06 7.70 5.17
N ILE A 43 -0.48 8.27 4.05
CA ILE A 43 0.44 8.48 2.93
C ILE A 43 0.50 9.98 2.60
N GLN A 44 1.71 10.43 2.29
CA GLN A 44 1.91 11.82 1.95
C GLN A 44 3.17 11.99 1.10
N ARG A 45 3.43 13.22 0.71
CA ARG A 45 4.60 13.53 -0.10
C ARG A 45 5.87 13.45 0.73
N GLN A 46 5.67 13.21 2.02
CA GLN A 46 6.80 13.11 2.94
C GLN A 46 7.20 11.64 3.12
N ASP A 47 6.19 10.80 3.32
CA ASP A 47 6.43 9.38 3.51
C ASP A 47 6.69 8.72 2.15
N ASP A 48 6.32 9.45 1.10
CA ASP A 48 6.50 8.95 -0.25
C ASP A 48 7.85 8.22 -0.35
N GLU A 49 8.91 8.97 -0.08
CA GLU A 49 10.25 8.43 -0.14
C GLU A 49 10.28 7.04 0.53
N VAL A 50 9.58 6.95 1.65
CA VAL A 50 9.52 5.70 2.38
C VAL A 50 8.56 4.74 1.67
N ILE A 51 7.43 5.28 1.26
CA ILE A 51 6.43 4.49 0.55
C ILE A 51 7.07 3.82 -0.67
N GLN A 52 7.51 4.66 -1.60
CA GLN A 52 8.14 4.17 -2.80
C GLN A 52 9.32 3.26 -2.46
N ARG A 53 10.14 3.73 -1.54
CA ARG A 53 11.29 2.97 -1.11
C ARG A 53 10.87 1.61 -0.56
N PHE A 54 9.88 1.63 0.31
CA PHE A 54 9.36 0.41 0.91
C PHE A 54 8.95 -0.59 -0.18
N CYS A 55 8.52 -0.06 -1.30
CA CYS A 55 8.10 -0.89 -2.42
C CYS A 55 9.34 -1.51 -3.06
N GLN A 56 10.49 -1.01 -2.64
CA GLN A 56 11.75 -1.51 -3.16
C GLN A 56 12.32 -2.60 -2.25
N GLU A 57 11.83 -2.60 -1.01
CA GLU A 57 12.27 -3.58 -0.04
C GLU A 57 11.26 -4.72 0.06
N THR A 58 9.98 -4.35 -0.05
CA THR A 58 8.91 -5.33 0.03
C THR A 58 8.46 -5.73 -1.38
N GLY A 59 8.14 -4.72 -2.17
CA GLY A 59 7.69 -4.95 -3.54
C GLY A 59 6.19 -4.72 -3.66
N VAL A 60 5.58 -4.32 -2.55
CA VAL A 60 4.15 -4.07 -2.52
C VAL A 60 3.87 -2.75 -3.24
N PRO A 61 2.73 -2.74 -3.99
CA PRO A 61 2.33 -1.55 -4.73
C PRO A 61 1.77 -0.48 -3.79
N ARG A 62 2.10 0.77 -4.09
CA ARG A 62 1.65 1.88 -3.30
C ARG A 62 0.13 1.79 -3.06
N GLN A 63 -0.60 1.72 -4.17
CA GLN A 63 -2.04 1.63 -4.10
C GLN A 63 -2.46 0.56 -3.08
N VAL A 64 -1.62 -0.44 -2.95
CA VAL A 64 -1.89 -1.53 -2.01
C VAL A 64 -1.49 -1.08 -0.60
N LEU A 65 -0.27 -0.54 -0.51
CA LEU A 65 0.24 -0.08 0.77
C LEU A 65 -0.69 0.98 1.34
N LYS A 66 -1.53 1.52 0.45
CA LYS A 66 -2.48 2.55 0.86
C LYS A 66 -3.73 1.88 1.45
N VAL A 67 -4.48 1.23 0.57
CA VAL A 67 -5.69 0.55 0.98
C VAL A 67 -5.37 -0.44 2.11
N TRP A 68 -4.31 -1.21 1.87
CA TRP A 68 -3.88 -2.20 2.86
C TRP A 68 -4.11 -1.61 4.25
N LEU A 69 -3.40 -0.51 4.51
CA LEU A 69 -3.51 0.16 5.79
C LEU A 69 -4.98 0.19 6.22
N HIS A 70 -5.81 0.69 5.32
CA HIS A 70 -7.24 0.79 5.59
C HIS A 70 -7.82 -0.62 5.77
N ASN A 71 -7.48 -1.50 4.83
CA ASN A 71 -7.97 -2.87 4.88
C ASN A 71 -7.71 -3.44 6.28
N ASN A 72 -6.68 -2.93 6.92
CA ASN A 72 -6.32 -3.37 8.25
C ASN A 72 -6.95 -2.44 9.29
N LYS A 73 -6.58 -1.18 9.21
CA LYS A 73 -7.10 -0.19 10.13
C LYS A 73 -8.62 -0.26 10.15
N HIS A 74 -9.14 -0.93 11.18
CA HIS A 74 -10.58 -1.08 11.33
C HIS A 74 -11.12 -1.95 10.20
N SER A 75 -11.58 -3.14 10.56
CA SER A 75 -12.12 -4.06 9.59
C SER A 75 -12.73 -5.27 10.31
N GLY A 76 -13.39 -6.11 9.52
CA GLY A 76 -14.03 -7.30 10.07
C GLY A 76 -15.50 -7.36 9.69
N PRO A 77 -16.05 -8.60 9.65
CA PRO A 77 -17.44 -8.81 9.31
C PRO A 77 -18.36 -8.41 10.48
N SER A 78 -18.06 -9.00 11.63
CA SER A 78 -18.84 -8.72 12.82
C SER A 78 -18.09 -7.74 13.73
N SER A 79 -18.39 -6.47 13.57
CA SER A 79 -17.75 -5.43 14.35
C SER A 79 -16.25 -5.45 14.12
N GLY A 80 -15.62 -4.32 14.43
CA GLY A 80 -14.18 -4.20 14.25
C GLY A 80 -13.47 -4.02 15.60
N GLY A 1 -20.78 3.66 -38.77
CA GLY A 1 -21.44 4.44 -37.73
C GLY A 1 -22.20 3.52 -36.77
N SER A 2 -23.27 4.06 -36.19
CA SER A 2 -24.09 3.30 -35.26
C SER A 2 -23.27 2.94 -34.02
N SER A 3 -23.67 3.52 -32.90
CA SER A 3 -22.98 3.26 -31.64
C SER A 3 -23.02 1.76 -31.32
N GLY A 4 -24.23 1.23 -31.23
CA GLY A 4 -24.41 -0.18 -30.93
C GLY A 4 -25.87 -0.49 -30.64
N SER A 5 -26.08 -1.33 -29.63
CA SER A 5 -27.41 -1.72 -29.24
C SER A 5 -27.99 -0.71 -28.25
N SER A 6 -29.28 -0.43 -28.42
CA SER A 6 -29.95 0.51 -27.54
C SER A 6 -29.79 0.09 -26.08
N GLY A 7 -29.56 1.09 -25.24
CA GLY A 7 -29.38 0.83 -23.81
C GLY A 7 -28.55 1.93 -23.15
N SER A 8 -27.28 1.98 -23.54
CA SER A 8 -26.37 2.97 -23.00
C SER A 8 -27.04 4.35 -23.00
N SER A 9 -26.80 5.09 -21.92
CA SER A 9 -27.37 6.42 -21.79
C SER A 9 -26.25 7.48 -21.81
N ALA A 10 -26.42 8.44 -22.69
CA ALA A 10 -25.44 9.51 -22.82
C ALA A 10 -24.16 8.96 -23.43
N GLU A 11 -23.45 8.17 -22.63
CA GLU A 11 -22.21 7.56 -23.09
C GLU A 11 -21.73 6.51 -22.09
N ALA A 12 -20.82 5.66 -22.55
CA ALA A 12 -20.28 4.61 -21.71
C ALA A 12 -18.88 5.01 -21.24
N GLY A 13 -18.39 4.26 -20.26
CA GLY A 13 -17.07 4.53 -19.71
C GLY A 13 -16.28 3.23 -19.52
N GLY A 14 -16.15 2.83 -18.28
CA GLY A 14 -15.42 1.61 -17.95
C GLY A 14 -15.33 1.41 -16.43
N GLY A 15 -14.38 2.12 -15.83
CA GLY A 15 -14.19 2.03 -14.40
C GLY A 15 -12.96 1.17 -14.07
N ILE A 16 -12.15 1.68 -13.16
CA ILE A 16 -10.94 0.98 -12.75
C ILE A 16 -11.21 0.26 -11.42
N ARG A 17 -11.28 -1.06 -11.51
CA ARG A 17 -11.53 -1.87 -10.34
C ARG A 17 -10.47 -1.60 -9.27
N LYS A 18 -10.92 -1.60 -8.02
CA LYS A 18 -10.02 -1.35 -6.91
C LYS A 18 -10.10 -2.52 -5.92
N ARG A 19 -9.61 -3.67 -6.38
CA ARG A 19 -9.61 -4.86 -5.55
C ARG A 19 -8.51 -5.83 -6.00
N HIS A 20 -7.41 -5.80 -5.26
CA HIS A 20 -6.28 -6.65 -5.57
C HIS A 20 -6.06 -7.65 -4.43
N ARG A 21 -5.77 -7.10 -3.25
CA ARG A 21 -5.54 -7.92 -2.08
C ARG A 21 -4.43 -8.95 -2.35
N THR A 22 -3.23 -8.58 -1.95
CA THR A 22 -2.09 -9.45 -2.14
C THR A 22 -1.88 -10.35 -0.91
N LYS A 23 -1.18 -11.46 -1.13
CA LYS A 23 -0.90 -12.40 -0.07
C LYS A 23 0.25 -11.87 0.79
N PHE A 24 -0.08 -10.91 1.64
CA PHE A 24 0.92 -10.32 2.52
C PHE A 24 1.33 -11.29 3.63
N THR A 25 2.61 -11.67 3.60
CA THR A 25 3.13 -12.58 4.59
C THR A 25 3.63 -11.82 5.82
N ALA A 26 3.93 -12.57 6.86
CA ALA A 26 4.41 -11.98 8.10
C ALA A 26 5.34 -10.81 7.77
N GLU A 27 6.16 -11.03 6.76
CA GLU A 27 7.11 -10.00 6.33
C GLU A 27 6.35 -8.76 5.84
N GLN A 28 5.70 -8.90 4.70
CA GLN A 28 4.95 -7.81 4.12
C GLN A 28 4.00 -7.21 5.17
N LYS A 29 3.31 -8.09 5.88
CA LYS A 29 2.37 -7.66 6.90
C LYS A 29 3.12 -6.79 7.92
N GLU A 30 4.06 -7.42 8.61
CA GLU A 30 4.84 -6.73 9.62
C GLU A 30 5.49 -5.48 9.01
N ARG A 31 6.06 -5.65 7.83
CA ARG A 31 6.70 -4.56 7.14
C ARG A 31 5.80 -3.33 7.10
N MET A 32 4.59 -3.55 6.60
CA MET A 32 3.61 -2.47 6.50
C MET A 32 3.19 -2.00 7.89
N LEU A 33 2.98 -2.96 8.77
CA LEU A 33 2.57 -2.66 10.13
C LEU A 33 3.58 -1.71 10.77
N ALA A 34 4.85 -2.03 10.57
CA ALA A 34 5.93 -1.23 11.12
C ALA A 34 5.92 0.14 10.44
N LEU A 35 5.55 0.14 9.17
CA LEU A 35 5.51 1.37 8.40
C LEU A 35 4.31 2.21 8.87
N ALA A 36 3.15 1.58 8.88
CA ALA A 36 1.93 2.24 9.31
C ALA A 36 2.16 2.88 10.68
N GLU A 37 2.78 2.11 11.56
CA GLU A 37 3.05 2.58 12.91
C GLU A 37 4.16 3.63 12.88
N ARG A 38 4.76 3.79 11.71
CA ARG A 38 5.84 4.75 11.53
C ARG A 38 5.30 6.03 10.91
N ILE A 39 4.56 5.85 9.82
CA ILE A 39 3.98 6.99 9.11
C ILE A 39 2.71 7.42 9.81
N GLY A 40 2.02 6.45 10.38
CA GLY A 40 0.78 6.72 11.10
C GLY A 40 -0.43 6.26 10.28
N TRP A 41 -0.19 5.24 9.46
CA TRP A 41 -1.25 4.69 8.62
C TRP A 41 -1.74 5.79 7.69
N ARG A 42 -0.78 6.57 7.20
CA ARG A 42 -1.09 7.66 6.28
C ARG A 42 -0.03 7.77 5.20
N ILE A 43 -0.45 8.26 4.04
CA ILE A 43 0.45 8.41 2.91
C ILE A 43 0.50 9.88 2.51
N GLN A 44 1.70 10.34 2.18
CA GLN A 44 1.89 11.72 1.76
C GLN A 44 3.11 11.84 0.84
N ARG A 45 3.32 13.05 0.36
CA ARG A 45 4.44 13.31 -0.53
C ARG A 45 5.76 13.29 0.25
N GLN A 46 5.62 13.18 1.56
CA GLN A 46 6.79 13.15 2.43
C GLN A 46 7.24 11.70 2.66
N ASP A 47 6.27 10.86 2.99
CA ASP A 47 6.55 9.45 3.24
C ASP A 47 6.85 8.76 1.92
N ASP A 48 6.57 9.46 0.83
CA ASP A 48 6.82 8.92 -0.49
C ASP A 48 8.17 8.20 -0.50
N GLU A 49 9.21 8.96 -0.20
CA GLU A 49 10.55 8.41 -0.17
C GLU A 49 10.55 7.04 0.52
N VAL A 50 9.71 6.94 1.54
CA VAL A 50 9.61 5.69 2.29
C VAL A 50 8.65 4.75 1.58
N ILE A 51 7.61 5.33 1.00
CA ILE A 51 6.62 4.55 0.28
C ILE A 51 7.28 3.88 -0.93
N GLN A 52 7.85 4.72 -1.79
CA GLN A 52 8.52 4.23 -2.98
C GLN A 52 9.69 3.32 -2.61
N ARG A 53 10.29 3.65 -1.46
CA ARG A 53 11.43 2.87 -0.98
C ARG A 53 10.95 1.53 -0.43
N PHE A 54 9.94 1.60 0.42
CA PHE A 54 9.39 0.39 1.03
C PHE A 54 9.02 -0.64 -0.04
N CYS A 55 8.46 -0.13 -1.13
CA CYS A 55 8.04 -0.98 -2.23
C CYS A 55 9.31 -1.56 -2.88
N GLN A 56 10.43 -0.93 -2.58
CA GLN A 56 11.71 -1.38 -3.13
C GLN A 56 12.24 -2.56 -2.33
N GLU A 57 11.97 -2.54 -1.04
CA GLU A 57 12.42 -3.61 -0.16
C GLU A 57 11.39 -4.75 -0.14
N THR A 58 10.13 -4.36 -0.19
CA THR A 58 9.05 -5.33 -0.18
C THR A 58 8.64 -5.69 -1.62
N GLY A 59 7.99 -4.75 -2.27
CA GLY A 59 7.55 -4.95 -3.64
C GLY A 59 6.04 -4.72 -3.77
N VAL A 60 5.44 -4.34 -2.65
CA VAL A 60 4.01 -4.09 -2.62
C VAL A 60 3.72 -2.75 -3.31
N PRO A 61 2.57 -2.73 -4.05
CA PRO A 61 2.18 -1.53 -4.77
C PRO A 61 1.62 -0.47 -3.80
N ARG A 62 1.98 0.77 -4.08
CA ARG A 62 1.54 1.89 -3.25
C ARG A 62 0.02 1.80 -3.03
N GLN A 63 -0.71 1.72 -4.12
CA GLN A 63 -2.15 1.63 -4.06
C GLN A 63 -2.58 0.57 -3.05
N VAL A 64 -1.75 -0.46 -2.95
CA VAL A 64 -2.03 -1.55 -2.02
C VAL A 64 -1.63 -1.13 -0.61
N LEU A 65 -0.43 -0.60 -0.51
CA LEU A 65 0.09 -0.16 0.78
C LEU A 65 -0.87 0.88 1.38
N LYS A 66 -1.65 1.50 0.50
CA LYS A 66 -2.61 2.50 0.93
C LYS A 66 -3.84 1.81 1.50
N VAL A 67 -4.58 1.15 0.60
CA VAL A 67 -5.79 0.45 1.00
C VAL A 67 -5.45 -0.52 2.14
N TRP A 68 -4.34 -1.22 1.97
CA TRP A 68 -3.91 -2.18 2.97
C TRP A 68 -4.16 -1.57 4.35
N LEU A 69 -3.47 -0.47 4.62
CA LEU A 69 -3.62 0.22 5.89
C LEU A 69 -5.11 0.29 6.26
N HIS A 70 -5.92 0.63 5.27
CA HIS A 70 -7.35 0.73 5.48
C HIS A 70 -7.94 -0.66 5.71
N ASN A 71 -7.40 -1.63 4.97
CA ASN A 71 -7.86 -3.00 5.08
C ASN A 71 -7.43 -3.57 6.43
N ASN A 72 -6.44 -2.91 7.02
CA ASN A 72 -5.92 -3.34 8.31
C ASN A 72 -6.56 -2.51 9.42
N LYS A 73 -6.17 -1.25 9.47
CA LYS A 73 -6.69 -0.33 10.46
C LYS A 73 -8.22 -0.36 10.42
N HIS A 74 -8.83 0.39 11.33
CA HIS A 74 -10.28 0.46 11.41
C HIS A 74 -10.71 1.92 11.64
N SER A 75 -11.20 2.53 10.57
CA SER A 75 -11.66 3.91 10.64
C SER A 75 -12.60 4.21 9.47
N GLY A 76 -13.88 3.92 9.70
CA GLY A 76 -14.88 4.17 8.68
C GLY A 76 -15.70 2.90 8.40
N PRO A 77 -16.84 3.09 7.69
CA PRO A 77 -17.70 1.98 7.35
C PRO A 77 -17.10 1.12 6.23
N SER A 78 -17.34 -0.18 6.33
CA SER A 78 -16.82 -1.10 5.33
C SER A 78 -17.66 -2.39 5.34
N SER A 79 -17.81 -2.96 4.16
CA SER A 79 -18.58 -4.18 4.01
C SER A 79 -18.06 -4.99 2.83
N GLY A 80 -17.74 -6.25 3.09
CA GLY A 80 -17.23 -7.14 2.06
C GLY A 80 -18.34 -7.53 1.08
N GLY A 1 24.77 -10.58 -19.25
CA GLY A 1 24.75 -10.55 -17.79
C GLY A 1 23.70 -9.58 -17.28
N SER A 2 23.94 -8.31 -17.55
CA SER A 2 23.02 -7.26 -17.11
C SER A 2 22.47 -6.52 -18.33
N SER A 3 21.30 -6.96 -18.77
CA SER A 3 20.66 -6.36 -19.92
C SER A 3 19.18 -6.10 -19.62
N GLY A 4 18.75 -4.88 -19.90
CA GLY A 4 17.38 -4.49 -19.66
C GLY A 4 17.30 -3.34 -18.65
N SER A 5 16.07 -3.08 -18.20
CA SER A 5 15.85 -2.01 -17.24
C SER A 5 14.40 -2.05 -16.75
N SER A 6 14.21 -1.59 -15.53
CA SER A 6 12.89 -1.57 -14.93
C SER A 6 11.93 -0.77 -15.81
N GLY A 7 12.29 0.49 -16.04
CA GLY A 7 11.48 1.37 -16.86
C GLY A 7 11.46 2.78 -16.29
N SER A 8 12.24 3.65 -16.92
CA SER A 8 12.33 5.03 -16.50
C SER A 8 12.42 5.95 -17.72
N SER A 9 11.43 6.83 -17.83
CA SER A 9 11.38 7.77 -18.94
C SER A 9 10.39 8.90 -18.62
N ALA A 10 9.15 8.51 -18.37
CA ALA A 10 8.11 9.47 -18.06
C ALA A 10 7.09 8.83 -17.12
N GLU A 11 6.47 7.77 -17.62
CA GLU A 11 5.48 7.05 -16.84
C GLU A 11 5.99 6.78 -15.43
N ALA A 12 5.08 6.90 -14.47
CA ALA A 12 5.43 6.67 -13.08
C ALA A 12 4.60 5.50 -12.53
N GLY A 13 4.93 4.31 -13.01
CA GLY A 13 4.23 3.12 -12.58
C GLY A 13 2.74 3.18 -12.95
N GLY A 14 2.26 2.09 -13.52
CA GLY A 14 0.87 2.01 -13.92
C GLY A 14 0.25 0.68 -13.51
N GLY A 15 0.63 -0.35 -14.26
CA GLY A 15 0.13 -1.70 -13.98
C GLY A 15 -1.10 -2.01 -14.86
N ILE A 16 -1.69 -3.16 -14.60
CA ILE A 16 -2.86 -3.59 -15.35
C ILE A 16 -4.09 -3.49 -14.45
N ARG A 17 -4.78 -2.36 -14.56
CA ARG A 17 -5.98 -2.14 -13.77
C ARG A 17 -5.69 -2.37 -12.28
N LYS A 18 -6.68 -2.06 -11.47
CA LYS A 18 -6.55 -2.22 -10.03
C LYS A 18 -6.41 -3.72 -9.70
N ARG A 19 -5.19 -4.11 -9.36
CA ARG A 19 -4.91 -5.49 -9.02
C ARG A 19 -5.81 -5.96 -7.88
N HIS A 20 -6.07 -7.25 -7.85
CA HIS A 20 -6.91 -7.84 -6.82
C HIS A 20 -6.45 -9.26 -6.52
N ARG A 21 -5.18 -9.36 -6.11
CA ARG A 21 -4.61 -10.65 -5.78
C ARG A 21 -3.29 -10.48 -5.02
N THR A 22 -3.41 -10.14 -3.75
CA THR A 22 -2.25 -9.93 -2.91
C THR A 22 -2.24 -10.92 -1.75
N LYS A 23 -1.04 -11.33 -1.37
CA LYS A 23 -0.88 -12.28 -0.28
C LYS A 23 0.24 -11.81 0.64
N PHE A 24 -0.06 -10.80 1.45
CA PHE A 24 0.92 -10.25 2.37
C PHE A 24 1.18 -11.21 3.53
N THR A 25 2.41 -11.69 3.60
CA THR A 25 2.79 -12.62 4.65
C THR A 25 3.33 -11.85 5.86
N ALA A 26 3.58 -12.59 6.94
CA ALA A 26 4.09 -12.00 8.15
C ALA A 26 5.07 -10.86 7.80
N GLU A 27 5.96 -11.17 6.87
CA GLU A 27 6.95 -10.20 6.43
C GLU A 27 6.25 -8.94 5.91
N GLN A 28 5.65 -9.08 4.73
CA GLN A 28 4.94 -7.97 4.11
C GLN A 28 3.99 -7.32 5.12
N LYS A 29 3.25 -8.17 5.81
CA LYS A 29 2.30 -7.69 6.80
C LYS A 29 3.03 -6.82 7.83
N GLU A 30 3.95 -7.46 8.55
CA GLU A 30 4.73 -6.77 9.56
C GLU A 30 5.43 -5.56 8.96
N ARG A 31 6.00 -5.76 7.78
CA ARG A 31 6.71 -4.70 7.09
C ARG A 31 5.83 -3.45 7.01
N MET A 32 4.63 -3.64 6.47
CA MET A 32 3.69 -2.54 6.33
C MET A 32 3.25 -2.02 7.69
N LEU A 33 3.09 -2.95 8.62
CA LEU A 33 2.67 -2.60 9.96
C LEU A 33 3.75 -1.75 10.63
N ALA A 34 4.99 -2.21 10.48
CA ALA A 34 6.12 -1.49 11.06
C ALA A 34 6.28 -0.14 10.36
N LEU A 35 5.81 -0.08 9.13
CA LEU A 35 5.89 1.14 8.35
C LEU A 35 4.72 2.05 8.72
N ALA A 36 3.52 1.49 8.65
CA ALA A 36 2.32 2.24 8.98
C ALA A 36 2.43 2.76 10.42
N GLU A 37 3.36 2.18 11.16
CA GLU A 37 3.58 2.57 12.54
C GLU A 37 4.59 3.71 12.61
N ARG A 38 5.19 4.00 11.47
CA ARG A 38 6.18 5.07 11.39
C ARG A 38 5.60 6.27 10.64
N ILE A 39 4.52 6.02 9.91
CA ILE A 39 3.86 7.07 9.16
C ILE A 39 2.54 7.44 9.84
N GLY A 40 1.93 6.44 10.45
CA GLY A 40 0.67 6.64 11.15
C GLY A 40 -0.50 6.09 10.33
N TRP A 41 -0.21 5.07 9.54
CA TRP A 41 -1.21 4.45 8.70
C TRP A 41 -1.75 5.51 7.74
N ARG A 42 -0.83 6.36 7.27
CA ARG A 42 -1.20 7.41 6.34
C ARG A 42 -0.10 7.60 5.29
N ILE A 43 -0.51 8.03 4.11
CA ILE A 43 0.42 8.25 3.02
C ILE A 43 0.42 9.73 2.65
N GLN A 44 1.51 10.16 2.03
CA GLN A 44 1.65 11.54 1.62
C GLN A 44 2.85 11.70 0.68
N ARG A 45 3.13 12.95 0.33
CA ARG A 45 4.24 13.25 -0.55
C ARG A 45 5.56 13.23 0.24
N GLN A 46 5.42 13.31 1.55
CA GLN A 46 6.58 13.30 2.42
C GLN A 46 7.06 11.87 2.66
N ASP A 47 6.09 10.99 2.88
CA ASP A 47 6.40 9.58 3.13
C ASP A 47 6.62 8.88 1.80
N ASP A 48 6.20 9.54 0.73
CA ASP A 48 6.34 8.99 -0.61
C ASP A 48 7.71 8.31 -0.73
N GLU A 49 8.72 9.01 -0.23
CA GLU A 49 10.08 8.49 -0.28
C GLU A 49 10.16 7.13 0.43
N VAL A 50 9.54 7.08 1.60
CA VAL A 50 9.53 5.86 2.40
C VAL A 50 8.59 4.84 1.74
N ILE A 51 7.49 5.35 1.22
CA ILE A 51 6.51 4.51 0.56
C ILE A 51 7.14 3.87 -0.67
N GLN A 52 7.49 4.72 -1.64
CA GLN A 52 8.09 4.25 -2.87
C GLN A 52 9.34 3.42 -2.57
N ARG A 53 9.94 3.71 -1.42
CA ARG A 53 11.14 3.01 -1.00
C ARG A 53 10.77 1.65 -0.40
N PHE A 54 9.77 1.67 0.47
CA PHE A 54 9.31 0.45 1.12
C PHE A 54 8.99 -0.63 0.10
N CYS A 55 8.53 -0.19 -1.06
CA CYS A 55 8.20 -1.11 -2.14
C CYS A 55 9.48 -1.74 -2.66
N GLN A 56 10.60 -1.11 -2.32
CA GLN A 56 11.90 -1.60 -2.73
C GLN A 56 12.42 -2.64 -1.75
N GLU A 57 11.90 -2.58 -0.53
CA GLU A 57 12.29 -3.51 0.51
C GLU A 57 11.29 -4.66 0.61
N THR A 58 10.07 -4.37 0.18
CA THR A 58 9.01 -5.37 0.21
C THR A 58 8.62 -5.77 -1.20
N GLY A 59 8.04 -4.81 -1.91
CA GLY A 59 7.61 -5.06 -3.29
C GLY A 59 6.11 -4.81 -3.43
N VAL A 60 5.50 -4.36 -2.34
CA VAL A 60 4.07 -4.08 -2.35
C VAL A 60 3.82 -2.78 -3.11
N PRO A 61 2.68 -2.76 -3.85
CA PRO A 61 2.30 -1.60 -4.62
C PRO A 61 1.78 -0.47 -3.72
N ARG A 62 2.23 0.73 -4.00
CA ARG A 62 1.81 1.89 -3.23
C ARG A 62 0.29 1.90 -3.07
N GLN A 63 -0.39 1.67 -4.18
CA GLN A 63 -1.84 1.64 -4.18
C GLN A 63 -2.36 0.65 -3.14
N VAL A 64 -1.55 -0.38 -2.90
CA VAL A 64 -1.91 -1.41 -1.93
C VAL A 64 -1.55 -0.93 -0.52
N LEU A 65 -0.36 -0.36 -0.40
CA LEU A 65 0.11 0.14 0.87
C LEU A 65 -0.91 1.14 1.43
N LYS A 66 -1.74 1.64 0.52
CA LYS A 66 -2.76 2.61 0.90
C LYS A 66 -3.97 1.87 1.47
N VAL A 67 -4.70 1.22 0.57
CA VAL A 67 -5.88 0.46 0.97
C VAL A 67 -5.51 -0.51 2.09
N TRP A 68 -4.40 -1.20 1.89
CA TRP A 68 -3.92 -2.16 2.87
C TRP A 68 -4.19 -1.59 4.26
N LEU A 69 -3.58 -0.45 4.53
CA LEU A 69 -3.75 0.21 5.82
C LEU A 69 -5.23 0.23 6.19
N HIS A 70 -6.04 0.66 5.24
CA HIS A 70 -7.48 0.72 5.44
C HIS A 70 -8.04 -0.69 5.64
N ASN A 71 -7.38 -1.64 5.00
CA ASN A 71 -7.79 -3.03 5.09
C ASN A 71 -7.28 -3.63 6.40
N ASN A 72 -6.35 -2.92 7.01
CA ASN A 72 -5.77 -3.37 8.26
C ASN A 72 -6.39 -2.57 9.42
N LYS A 73 -6.00 -1.31 9.51
CA LYS A 73 -6.50 -0.44 10.55
C LYS A 73 -8.03 -0.36 10.44
N HIS A 74 -8.69 -0.65 11.56
CA HIS A 74 -10.14 -0.61 11.61
C HIS A 74 -10.61 0.80 11.96
N SER A 75 -11.83 1.11 11.53
CA SER A 75 -12.41 2.41 11.80
C SER A 75 -13.62 2.64 10.89
N GLY A 76 -14.74 2.92 11.53
CA GLY A 76 -15.98 3.17 10.80
C GLY A 76 -17.00 3.88 11.68
N PRO A 77 -17.95 4.57 11.00
CA PRO A 77 -19.00 5.29 11.72
C PRO A 77 -20.05 4.33 12.28
N SER A 78 -19.57 3.40 13.09
CA SER A 78 -20.45 2.42 13.71
C SER A 78 -21.63 3.13 14.37
N SER A 79 -22.79 3.01 13.73
CA SER A 79 -24.00 3.63 14.26
C SER A 79 -24.05 3.48 15.78
N GLY A 80 -24.13 2.23 16.21
CA GLY A 80 -24.18 1.94 17.63
C GLY A 80 -22.80 2.09 18.28
N GLY A 1 14.70 4.14 -4.65
CA GLY A 1 14.43 4.44 -6.05
C GLY A 1 15.67 4.99 -6.74
N SER A 2 15.71 4.79 -8.06
CA SER A 2 16.83 5.26 -8.84
C SER A 2 16.46 6.55 -9.57
N SER A 3 16.96 7.66 -9.04
CA SER A 3 16.68 8.96 -9.63
C SER A 3 18.00 9.68 -9.96
N GLY A 4 18.50 9.41 -11.15
CA GLY A 4 19.73 10.01 -11.60
C GLY A 4 19.52 10.81 -12.90
N SER A 5 19.96 12.05 -12.87
CA SER A 5 19.83 12.92 -14.03
C SER A 5 18.35 13.16 -14.33
N SER A 6 18.07 14.37 -14.80
CA SER A 6 16.70 14.74 -15.13
C SER A 6 15.99 13.57 -15.81
N GLY A 7 15.02 13.02 -15.11
CA GLY A 7 14.26 11.90 -15.63
C GLY A 7 12.86 12.34 -16.08
N SER A 8 11.86 11.81 -15.39
CA SER A 8 10.48 12.15 -15.70
C SER A 8 10.14 11.68 -17.11
N SER A 9 9.36 10.61 -17.17
CA SER A 9 8.94 10.05 -18.44
C SER A 9 7.62 9.32 -18.30
N ALA A 10 6.54 10.10 -18.35
CA ALA A 10 5.20 9.54 -18.22
C ALA A 10 4.37 9.91 -19.45
N GLU A 11 3.85 8.87 -20.10
CA GLU A 11 3.04 9.08 -21.29
C GLU A 11 1.56 8.88 -20.97
N ALA A 12 1.25 7.69 -20.49
CA ALA A 12 -0.12 7.36 -20.13
C ALA A 12 -0.38 7.76 -18.68
N GLY A 13 -1.66 7.83 -18.33
CA GLY A 13 -2.05 8.18 -16.98
C GLY A 13 -2.00 6.98 -16.05
N GLY A 14 -2.99 6.90 -15.17
CA GLY A 14 -3.07 5.80 -14.22
C GLY A 14 -3.96 4.68 -14.76
N GLY A 15 -5.25 4.81 -14.50
CA GLY A 15 -6.21 3.82 -14.95
C GLY A 15 -7.00 3.25 -13.76
N ILE A 16 -8.32 3.30 -13.89
CA ILE A 16 -9.19 2.79 -12.85
C ILE A 16 -9.25 1.27 -12.93
N ARG A 17 -8.44 0.64 -12.11
CA ARG A 17 -8.39 -0.82 -12.07
C ARG A 17 -7.94 -1.31 -10.70
N LYS A 18 -8.92 -1.60 -9.86
CA LYS A 18 -8.64 -2.08 -8.52
C LYS A 18 -8.78 -3.60 -8.48
N ARG A 19 -7.77 -4.27 -9.00
CA ARG A 19 -7.77 -5.72 -9.03
C ARG A 19 -6.34 -6.25 -9.05
N HIS A 20 -5.95 -6.88 -7.95
CA HIS A 20 -4.62 -7.43 -7.82
C HIS A 20 -4.54 -8.30 -6.57
N ARG A 21 -4.37 -9.60 -6.80
CA ARG A 21 -4.28 -10.55 -5.70
C ARG A 21 -3.03 -10.28 -4.87
N THR A 22 -3.23 -10.13 -3.58
CA THR A 22 -2.13 -9.87 -2.67
C THR A 22 -1.93 -11.06 -1.71
N LYS A 23 -0.73 -11.16 -1.17
CA LYS A 23 -0.40 -12.22 -0.24
C LYS A 23 0.70 -11.76 0.70
N PHE A 24 0.35 -10.81 1.56
CA PHE A 24 1.30 -10.27 2.51
C PHE A 24 1.60 -11.28 3.62
N THR A 25 2.85 -11.71 3.67
CA THR A 25 3.27 -12.67 4.68
C THR A 25 3.81 -11.94 5.92
N ALA A 26 4.11 -12.73 6.94
CA ALA A 26 4.63 -12.18 8.18
C ALA A 26 5.57 -11.02 7.86
N GLU A 27 6.41 -11.23 6.86
CA GLU A 27 7.36 -10.20 6.45
C GLU A 27 6.62 -8.96 5.97
N GLN A 28 6.00 -9.08 4.81
CA GLN A 28 5.26 -7.98 4.22
C GLN A 28 4.32 -7.36 5.27
N LYS A 29 3.61 -8.24 5.96
CA LYS A 29 2.68 -7.80 6.98
C LYS A 29 3.42 -6.94 8.01
N GLU A 30 4.39 -7.56 8.67
CA GLU A 30 5.18 -6.88 9.67
C GLU A 30 5.82 -5.63 9.08
N ARG A 31 6.32 -5.78 7.85
CA ARG A 31 6.95 -4.67 7.17
C ARG A 31 5.99 -3.47 7.08
N MET A 32 4.84 -3.71 6.48
CA MET A 32 3.84 -2.67 6.32
C MET A 32 3.36 -2.17 7.68
N LEU A 33 3.08 -3.12 8.56
CA LEU A 33 2.60 -2.79 9.90
C LEU A 33 3.65 -1.93 10.59
N ALA A 34 4.90 -2.32 10.44
CA ALA A 34 6.00 -1.59 11.05
C ALA A 34 6.12 -0.21 10.39
N LEU A 35 5.65 -0.14 9.16
CA LEU A 35 5.69 1.11 8.41
C LEU A 35 4.49 1.98 8.81
N ALA A 36 3.32 1.38 8.72
CA ALA A 36 2.09 2.09 9.07
C ALA A 36 2.17 2.56 10.52
N GLU A 37 3.12 1.98 11.24
CA GLU A 37 3.32 2.33 12.64
C GLU A 37 4.35 3.45 12.77
N ARG A 38 4.98 3.76 11.65
CA ARG A 38 5.98 4.81 11.62
C ARG A 38 5.43 6.06 10.92
N ILE A 39 4.35 5.86 10.19
CA ILE A 39 3.73 6.95 9.47
C ILE A 39 2.38 7.27 10.12
N GLY A 40 1.75 6.24 10.66
CA GLY A 40 0.46 6.40 11.30
C GLY A 40 -0.66 5.85 10.43
N TRP A 41 -0.30 4.87 9.60
CA TRP A 41 -1.26 4.25 8.71
C TRP A 41 -1.80 5.33 7.77
N ARG A 42 -0.89 6.19 7.31
CA ARG A 42 -1.26 7.26 6.42
C ARG A 42 -0.16 7.48 5.38
N ILE A 43 -0.57 7.99 4.22
CA ILE A 43 0.37 8.26 3.14
C ILE A 43 0.32 9.74 2.79
N GLN A 44 1.50 10.29 2.52
CA GLN A 44 1.61 11.69 2.17
C GLN A 44 2.74 11.90 1.16
N ARG A 45 2.97 13.16 0.84
CA ARG A 45 4.02 13.51 -0.12
C ARG A 45 5.38 13.53 0.57
N GLN A 46 5.37 13.20 1.85
CA GLN A 46 6.59 13.18 2.64
C GLN A 46 7.11 11.74 2.78
N ASP A 47 6.17 10.83 2.98
CA ASP A 47 6.52 9.42 3.12
C ASP A 47 6.67 8.79 1.74
N ASP A 48 6.23 9.53 0.73
CA ASP A 48 6.31 9.06 -0.63
C ASP A 48 7.66 8.36 -0.85
N GLU A 49 8.71 9.00 -0.34
CA GLU A 49 10.05 8.46 -0.46
C GLU A 49 10.14 7.09 0.22
N VAL A 50 9.57 7.02 1.42
CA VAL A 50 9.58 5.78 2.19
C VAL A 50 8.63 4.78 1.53
N ILE A 51 7.55 5.30 0.98
CA ILE A 51 6.57 4.46 0.31
C ILE A 51 7.20 3.83 -0.94
N GLN A 52 7.68 4.70 -1.81
CA GLN A 52 8.31 4.25 -3.04
C GLN A 52 9.55 3.43 -2.74
N ARG A 53 10.16 3.72 -1.59
CA ARG A 53 11.35 3.02 -1.16
C ARG A 53 10.98 1.66 -0.56
N PHE A 54 9.96 1.68 0.28
CA PHE A 54 9.49 0.47 0.93
C PHE A 54 9.18 -0.62 -0.10
N CYS A 55 8.60 -0.19 -1.22
CA CYS A 55 8.25 -1.10 -2.29
C CYS A 55 9.53 -1.70 -2.85
N GLN A 56 10.65 -1.09 -2.50
CA GLN A 56 11.95 -1.55 -2.96
C GLN A 56 12.51 -2.58 -1.98
N GLU A 57 12.06 -2.49 -0.75
CA GLU A 57 12.52 -3.41 0.28
C GLU A 57 11.54 -4.58 0.43
N THR A 58 10.29 -4.30 0.07
CA THR A 58 9.25 -5.31 0.15
C THR A 58 8.81 -5.75 -1.25
N GLY A 59 8.19 -4.81 -1.95
CA GLY A 59 7.72 -5.08 -3.30
C GLY A 59 6.22 -4.83 -3.41
N VAL A 60 5.63 -4.42 -2.29
CA VAL A 60 4.20 -4.14 -2.27
C VAL A 60 3.92 -2.84 -3.00
N PRO A 61 2.76 -2.82 -3.71
CA PRO A 61 2.36 -1.64 -4.47
C PRO A 61 1.85 -0.55 -3.54
N ARG A 62 2.22 0.68 -3.86
CA ARG A 62 1.80 1.82 -3.06
C ARG A 62 0.28 1.82 -2.89
N GLN A 63 -0.41 1.60 -4.00
CA GLN A 63 -1.86 1.58 -3.99
C GLN A 63 -2.37 0.54 -2.97
N VAL A 64 -1.52 -0.45 -2.73
CA VAL A 64 -1.87 -1.50 -1.77
C VAL A 64 -1.56 -1.03 -0.36
N LEU A 65 -0.35 -0.52 -0.19
CA LEU A 65 0.09 -0.03 1.11
C LEU A 65 -0.92 1.01 1.61
N LYS A 66 -1.65 1.58 0.67
CA LYS A 66 -2.65 2.58 1.01
C LYS A 66 -3.91 1.90 1.52
N VAL A 67 -4.63 1.29 0.59
CA VAL A 67 -5.86 0.58 0.93
C VAL A 67 -5.58 -0.39 2.08
N TRP A 68 -4.49 -1.12 1.94
CA TRP A 68 -4.12 -2.08 2.96
C TRP A 68 -4.46 -1.49 4.33
N LEU A 69 -3.94 -0.30 4.58
CA LEU A 69 -4.18 0.38 5.83
C LEU A 69 -5.69 0.46 6.07
N HIS A 70 -6.39 1.03 5.10
CA HIS A 70 -7.83 1.17 5.19
C HIS A 70 -8.47 -0.21 5.39
N ASN A 71 -7.82 -1.21 4.83
CA ASN A 71 -8.31 -2.57 4.94
C ASN A 71 -7.95 -3.14 6.32
N ASN A 72 -7.15 -2.37 7.05
CA ASN A 72 -6.74 -2.79 8.37
C ASN A 72 -6.96 -1.63 9.35
N LYS A 73 -5.94 -0.80 9.49
CA LYS A 73 -6.02 0.35 10.38
C LYS A 73 -6.83 -0.04 11.62
N HIS A 74 -6.35 -1.08 12.30
CA HIS A 74 -7.02 -1.56 13.51
C HIS A 74 -8.26 -2.36 13.11
N SER A 75 -8.25 -3.62 13.49
CA SER A 75 -9.36 -4.51 13.19
C SER A 75 -9.38 -4.85 11.70
N GLY A 76 -10.14 -5.88 11.37
CA GLY A 76 -10.25 -6.31 9.99
C GLY A 76 -10.28 -7.84 9.89
N PRO A 77 -11.52 -8.38 9.74
CA PRO A 77 -11.70 -9.81 9.63
C PRO A 77 -11.27 -10.33 8.25
N SER A 78 -9.98 -10.19 7.99
CA SER A 78 -9.44 -10.63 6.71
C SER A 78 -8.21 -11.53 6.94
N SER A 79 -8.20 -12.64 6.23
CA SER A 79 -7.09 -13.58 6.35
C SER A 79 -7.26 -14.72 5.33
N GLY A 80 -6.75 -14.46 4.13
CA GLY A 80 -6.84 -15.45 3.06
C GLY A 80 -6.34 -14.87 1.75
N GLY A 1 -15.73 0.41 -24.35
CA GLY A 1 -16.64 -0.22 -25.28
C GLY A 1 -16.45 -1.75 -25.29
N SER A 2 -17.38 -2.42 -25.96
CA SER A 2 -17.32 -3.87 -26.06
C SER A 2 -16.86 -4.29 -27.45
N SER A 3 -15.55 -4.23 -27.64
CA SER A 3 -14.96 -4.60 -28.92
C SER A 3 -15.81 -4.06 -30.07
N GLY A 4 -15.61 -2.78 -30.36
CA GLY A 4 -16.35 -2.14 -31.43
C GLY A 4 -17.84 -2.46 -31.34
N SER A 5 -18.51 -1.80 -30.41
CA SER A 5 -19.93 -2.01 -30.21
C SER A 5 -20.72 -1.49 -31.42
N SER A 6 -21.38 -2.42 -32.09
CA SER A 6 -22.17 -2.07 -33.26
C SER A 6 -23.58 -2.63 -33.12
N GLY A 7 -24.54 -1.91 -33.71
CA GLY A 7 -25.92 -2.32 -33.66
C GLY A 7 -26.63 -1.72 -32.45
N SER A 8 -26.17 -2.13 -31.27
CA SER A 8 -26.75 -1.64 -30.03
C SER A 8 -25.84 -0.57 -29.42
N SER A 9 -26.44 0.26 -28.58
CA SER A 9 -25.71 1.33 -27.92
C SER A 9 -24.39 0.78 -27.36
N ALA A 10 -23.46 1.70 -27.15
CA ALA A 10 -22.15 1.32 -26.61
C ALA A 10 -22.29 1.07 -25.11
N GLU A 11 -21.19 0.58 -24.53
CA GLU A 11 -21.18 0.29 -23.10
C GLU A 11 -19.75 0.39 -22.56
N ALA A 12 -19.60 1.15 -21.49
CA ALA A 12 -18.30 1.33 -20.87
C ALA A 12 -17.70 -0.05 -20.55
N GLY A 13 -18.42 -0.80 -19.72
CA GLY A 13 -17.97 -2.12 -19.33
C GLY A 13 -17.17 -2.06 -18.02
N GLY A 14 -15.90 -1.71 -18.17
CA GLY A 14 -15.02 -1.62 -17.02
C GLY A 14 -13.80 -0.75 -17.32
N GLY A 15 -12.70 -1.04 -16.62
CA GLY A 15 -11.48 -0.30 -16.81
C GLY A 15 -10.61 -0.35 -15.56
N ILE A 16 -10.45 0.79 -14.92
CA ILE A 16 -9.64 0.89 -13.71
C ILE A 16 -10.40 0.25 -12.55
N ARG A 17 -10.09 -1.00 -12.28
CA ARG A 17 -10.74 -1.73 -11.20
C ARG A 17 -9.81 -1.81 -9.99
N LYS A 18 -10.37 -2.24 -8.87
CA LYS A 18 -9.62 -2.36 -7.64
C LYS A 18 -9.10 -3.79 -7.52
N ARG A 19 -7.87 -3.99 -7.96
CA ARG A 19 -7.25 -5.30 -7.90
C ARG A 19 -7.42 -5.91 -6.51
N HIS A 20 -7.41 -7.23 -6.47
CA HIS A 20 -7.57 -7.95 -5.21
C HIS A 20 -6.84 -9.28 -5.29
N ARG A 21 -5.52 -9.21 -5.19
CA ARG A 21 -4.70 -10.41 -5.25
C ARG A 21 -3.37 -10.18 -4.52
N THR A 22 -3.47 -10.03 -3.21
CA THR A 22 -2.29 -9.82 -2.38
C THR A 22 -2.06 -11.00 -1.45
N LYS A 23 -0.82 -11.13 -1.01
CA LYS A 23 -0.45 -12.21 -0.11
C LYS A 23 0.67 -11.75 0.81
N PHE A 24 0.33 -10.85 1.71
CA PHE A 24 1.29 -10.32 2.65
C PHE A 24 1.66 -11.37 3.71
N THR A 25 2.93 -11.75 3.71
CA THR A 25 3.42 -12.73 4.65
C THR A 25 3.91 -12.05 5.92
N ALA A 26 4.21 -12.87 6.93
CA ALA A 26 4.69 -12.36 8.19
C ALA A 26 5.65 -11.19 7.94
N GLU A 27 6.44 -11.33 6.89
CA GLU A 27 7.39 -10.30 6.54
C GLU A 27 6.66 -9.03 6.09
N GLN A 28 6.05 -9.12 4.93
CA GLN A 28 5.30 -7.99 4.39
C GLN A 28 4.37 -7.41 5.44
N LYS A 29 3.64 -8.30 6.11
CA LYS A 29 2.71 -7.90 7.13
C LYS A 29 3.43 -7.04 8.17
N GLU A 30 4.49 -7.60 8.72
CA GLU A 30 5.28 -6.90 9.72
C GLU A 30 5.91 -5.65 9.12
N ARG A 31 6.37 -5.79 7.88
CA ARG A 31 7.00 -4.68 7.17
C ARG A 31 6.01 -3.52 7.04
N MET A 32 4.81 -3.86 6.58
CA MET A 32 3.77 -2.86 6.40
C MET A 32 3.30 -2.30 7.75
N LEU A 33 3.06 -3.22 8.68
CA LEU A 33 2.61 -2.84 10.00
C LEU A 33 3.66 -1.95 10.67
N ALA A 34 4.92 -2.33 10.45
CA ALA A 34 6.03 -1.58 11.02
C ALA A 34 6.11 -0.21 10.36
N LEU A 35 5.66 -0.16 9.11
CA LEU A 35 5.67 1.07 8.36
C LEU A 35 4.45 1.92 8.74
N ALA A 36 3.28 1.28 8.64
CA ALA A 36 2.04 1.96 8.98
C ALA A 36 2.12 2.50 10.41
N GLU A 37 3.08 1.96 11.15
CA GLU A 37 3.27 2.38 12.54
C GLU A 37 4.31 3.50 12.61
N ARG A 38 4.93 3.77 11.47
CA ARG A 38 5.95 4.81 11.40
C ARG A 38 5.40 6.03 10.65
N ILE A 39 4.29 5.81 9.97
CA ILE A 39 3.65 6.87 9.20
C ILE A 39 2.34 7.27 9.88
N GLY A 40 1.70 6.26 10.47
CA GLY A 40 0.44 6.49 11.15
C GLY A 40 -0.71 5.83 10.39
N TRP A 41 -0.36 4.86 9.56
CA TRP A 41 -1.35 4.15 8.78
C TRP A 41 -1.93 5.12 7.74
N ARG A 42 -1.04 5.95 7.21
CA ARG A 42 -1.45 6.93 6.22
C ARG A 42 -0.35 7.11 5.17
N ILE A 43 -0.65 7.93 4.18
CA ILE A 43 0.29 8.20 3.11
C ILE A 43 0.26 9.68 2.76
N GLN A 44 1.42 10.21 2.44
CA GLN A 44 1.55 11.61 2.09
C GLN A 44 2.71 11.83 1.12
N ARG A 45 2.90 13.08 0.73
CA ARG A 45 3.96 13.42 -0.20
C ARG A 45 5.31 13.51 0.55
N GLN A 46 5.25 13.22 1.84
CA GLN A 46 6.43 13.26 2.67
C GLN A 46 6.97 11.85 2.92
N ASP A 47 6.03 10.90 2.98
CA ASP A 47 6.38 9.52 3.21
C ASP A 47 6.66 8.83 1.87
N ASP A 48 6.29 9.52 0.81
CA ASP A 48 6.49 8.99 -0.53
C ASP A 48 7.85 8.31 -0.61
N GLU A 49 8.89 9.11 -0.45
CA GLU A 49 10.25 8.59 -0.50
C GLU A 49 10.33 7.25 0.24
N VAL A 50 9.55 7.15 1.31
CA VAL A 50 9.53 5.94 2.10
C VAL A 50 8.61 4.91 1.44
N ILE A 51 7.46 5.41 0.99
CA ILE A 51 6.49 4.55 0.34
C ILE A 51 7.12 3.91 -0.90
N GLN A 52 7.86 4.72 -1.64
CA GLN A 52 8.52 4.26 -2.84
C GLN A 52 9.77 3.44 -2.48
N ARG A 53 10.32 3.75 -1.32
CA ARG A 53 11.50 3.06 -0.85
C ARG A 53 11.12 1.69 -0.26
N PHE A 54 9.97 1.68 0.39
CA PHE A 54 9.48 0.45 1.01
C PHE A 54 9.20 -0.62 -0.05
N CYS A 55 8.52 -0.20 -1.10
CA CYS A 55 8.17 -1.10 -2.18
C CYS A 55 9.47 -1.58 -2.83
N GLN A 56 10.55 -0.88 -2.51
CA GLN A 56 11.86 -1.22 -3.05
C GLN A 56 12.47 -2.40 -2.28
N GLU A 57 12.15 -2.43 -0.99
CA GLU A 57 12.65 -3.49 -0.12
C GLU A 57 11.66 -4.65 -0.07
N THR A 58 10.38 -4.29 -0.06
CA THR A 58 9.33 -5.29 -0.01
C THR A 58 8.90 -5.69 -1.42
N GLY A 59 8.26 -4.74 -2.09
CA GLY A 59 7.78 -4.98 -3.44
C GLY A 59 6.28 -4.74 -3.55
N VAL A 60 5.69 -4.38 -2.43
CA VAL A 60 4.26 -4.12 -2.38
C VAL A 60 3.97 -2.78 -3.06
N PRO A 61 2.84 -2.73 -3.80
CA PRO A 61 2.45 -1.53 -4.50
C PRO A 61 1.87 -0.50 -3.53
N ARG A 62 2.10 0.76 -3.85
CA ARG A 62 1.62 1.86 -3.01
C ARG A 62 0.11 1.73 -2.80
N GLN A 63 -0.61 1.74 -3.91
CA GLN A 63 -2.06 1.63 -3.87
C GLN A 63 -2.48 0.54 -2.88
N VAL A 64 -1.66 -0.49 -2.80
CA VAL A 64 -1.92 -1.60 -1.91
C VAL A 64 -1.63 -1.17 -0.47
N LEU A 65 -0.40 -0.75 -0.25
CA LEU A 65 0.02 -0.30 1.07
C LEU A 65 -0.93 0.80 1.56
N LYS A 66 -1.61 1.41 0.61
CA LYS A 66 -2.54 2.48 0.93
C LYS A 66 -3.85 1.86 1.44
N VAL A 67 -4.59 1.28 0.51
CA VAL A 67 -5.86 0.65 0.87
C VAL A 67 -5.63 -0.35 2.00
N TRP A 68 -4.52 -1.05 1.91
CA TRP A 68 -4.17 -2.04 2.93
C TRP A 68 -4.52 -1.46 4.29
N LEU A 69 -3.98 -0.27 4.55
CA LEU A 69 -4.23 0.41 5.81
C LEU A 69 -5.74 0.50 6.05
N HIS A 70 -6.41 1.15 5.12
CA HIS A 70 -7.86 1.32 5.21
C HIS A 70 -8.52 -0.04 5.44
N ASN A 71 -7.89 -1.07 4.88
CA ASN A 71 -8.41 -2.42 5.02
C ASN A 71 -8.14 -2.92 6.44
N ASN A 72 -7.15 -2.32 7.07
CA ASN A 72 -6.79 -2.69 8.43
C ASN A 72 -6.98 -1.49 9.35
N LYS A 73 -5.93 -0.69 9.46
CA LYS A 73 -5.97 0.49 10.31
C LYS A 73 -6.70 0.15 11.62
N HIS A 74 -7.11 1.20 12.32
CA HIS A 74 -7.81 1.02 13.58
C HIS A 74 -9.13 0.28 13.34
N SER A 75 -9.12 -1.00 13.66
CA SER A 75 -10.30 -1.83 13.49
C SER A 75 -10.69 -2.47 14.82
N GLY A 76 -11.92 -2.18 15.24
CA GLY A 76 -12.43 -2.71 16.50
C GLY A 76 -12.81 -4.19 16.34
N PRO A 77 -14.03 -4.40 15.77
CA PRO A 77 -14.53 -5.75 15.57
C PRO A 77 -13.83 -6.42 14.39
N SER A 78 -12.53 -6.61 14.54
CA SER A 78 -11.73 -7.24 13.51
C SER A 78 -10.56 -7.99 14.13
N SER A 79 -10.05 -8.96 13.39
CA SER A 79 -8.92 -9.75 13.85
C SER A 79 -7.80 -9.73 12.81
N GLY A 80 -6.59 -9.92 13.29
CA GLY A 80 -5.42 -9.93 12.42
C GLY A 80 -4.38 -8.91 12.89
N GLY A 1 4.24 -9.87 -4.97
CA GLY A 1 5.15 -9.08 -5.78
C GLY A 1 5.09 -9.50 -7.24
N SER A 2 3.98 -9.16 -7.88
CA SER A 2 3.79 -9.49 -9.28
C SER A 2 3.12 -8.32 -10.01
N SER A 3 3.86 -7.77 -10.95
CA SER A 3 3.35 -6.65 -11.73
C SER A 3 4.14 -6.52 -13.04
N GLY A 4 3.44 -6.08 -14.08
CA GLY A 4 4.06 -5.91 -15.38
C GLY A 4 4.00 -4.45 -15.83
N SER A 5 4.78 -4.16 -16.86
CA SER A 5 4.82 -2.80 -17.39
C SER A 5 3.73 -2.62 -18.45
N SER A 6 2.66 -1.95 -18.03
CA SER A 6 1.54 -1.69 -18.93
C SER A 6 0.79 -0.44 -18.49
N GLY A 7 1.21 0.69 -19.06
CA GLY A 7 0.58 1.96 -18.72
C GLY A 7 1.64 3.00 -18.34
N SER A 8 1.27 4.26 -18.52
CA SER A 8 2.17 5.36 -18.19
C SER A 8 1.96 5.79 -16.73
N SER A 9 3.08 5.98 -16.04
CA SER A 9 3.03 6.39 -14.65
C SER A 9 2.07 7.57 -14.49
N ALA A 10 2.37 8.64 -15.21
CA ALA A 10 1.54 9.83 -15.15
C ALA A 10 1.56 10.39 -13.73
N GLU A 11 1.36 11.70 -13.64
CA GLU A 11 1.35 12.37 -12.35
C GLU A 11 -0.01 12.19 -11.67
N ALA A 12 -0.20 11.02 -11.09
CA ALA A 12 -1.45 10.72 -10.40
C ALA A 12 -2.60 10.78 -11.41
N GLY A 13 -2.93 9.61 -11.94
CA GLY A 13 -4.01 9.51 -12.92
C GLY A 13 -3.58 8.69 -14.13
N GLY A 14 -4.36 7.65 -14.40
CA GLY A 14 -4.07 6.78 -15.53
C GLY A 14 -4.22 5.31 -15.14
N GLY A 15 -5.41 4.79 -15.37
CA GLY A 15 -5.70 3.40 -15.05
C GLY A 15 -6.20 3.27 -13.61
N ILE A 16 -7.53 3.22 -13.48
CA ILE A 16 -8.14 3.10 -12.17
C ILE A 16 -8.92 1.78 -12.11
N ARG A 17 -8.48 0.91 -11.21
CA ARG A 17 -9.13 -0.39 -11.05
C ARG A 17 -8.71 -1.02 -9.71
N LYS A 18 -9.65 -1.74 -9.13
CA LYS A 18 -9.41 -2.40 -7.85
C LYS A 18 -9.63 -3.90 -8.01
N ARG A 19 -8.58 -4.59 -8.43
CA ARG A 19 -8.66 -6.03 -8.62
C ARG A 19 -7.26 -6.64 -8.61
N HIS A 20 -6.72 -6.76 -7.41
CA HIS A 20 -5.38 -7.33 -7.25
C HIS A 20 -5.38 -8.31 -6.07
N ARG A 21 -5.49 -7.75 -4.88
CA ARG A 21 -5.51 -8.56 -3.67
C ARG A 21 -4.23 -9.40 -3.58
N THR A 22 -3.37 -9.03 -2.65
CA THR A 22 -2.12 -9.74 -2.45
C THR A 22 -2.14 -10.51 -1.12
N LYS A 23 -1.29 -11.53 -1.05
CA LYS A 23 -1.21 -12.34 0.15
C LYS A 23 -0.03 -11.86 1.00
N PHE A 24 -0.29 -10.85 1.81
CA PHE A 24 0.72 -10.29 2.67
C PHE A 24 1.03 -11.23 3.84
N THR A 25 2.26 -11.73 3.86
CA THR A 25 2.69 -12.63 4.92
C THR A 25 3.25 -11.84 6.10
N ALA A 26 3.50 -12.57 7.18
CA ALA A 26 4.03 -11.96 8.39
C ALA A 26 5.01 -10.84 8.00
N GLU A 27 5.91 -11.18 7.09
CA GLU A 27 6.91 -10.22 6.63
C GLU A 27 6.21 -8.96 6.10
N GLN A 28 5.59 -9.11 4.94
CA GLN A 28 4.89 -7.99 4.32
C GLN A 28 3.97 -7.32 5.34
N LYS A 29 3.23 -8.14 6.06
CA LYS A 29 2.30 -7.64 7.06
C LYS A 29 3.07 -6.78 8.07
N GLU A 30 4.01 -7.42 8.75
CA GLU A 30 4.81 -6.73 9.74
C GLU A 30 5.52 -5.54 9.11
N ARG A 31 6.04 -5.76 7.91
CA ARG A 31 6.74 -4.70 7.20
C ARG A 31 5.87 -3.44 7.12
N MET A 32 4.66 -3.64 6.64
CA MET A 32 3.72 -2.54 6.50
C MET A 32 3.29 -2.01 7.87
N LEU A 33 2.99 -2.95 8.77
CA LEU A 33 2.57 -2.60 10.11
C LEU A 33 3.67 -1.77 10.79
N ALA A 34 4.90 -2.26 10.65
CA ALA A 34 6.03 -1.58 11.25
C ALA A 34 6.22 -0.22 10.58
N LEU A 35 5.81 -0.16 9.32
CA LEU A 35 5.91 1.09 8.57
C LEU A 35 4.77 2.02 8.96
N ALA A 36 3.56 1.50 8.86
CA ALA A 36 2.37 2.27 9.19
C ALA A 36 2.50 2.77 10.63
N GLU A 37 3.40 2.14 11.38
CA GLU A 37 3.62 2.51 12.76
C GLU A 37 4.65 3.64 12.85
N ARG A 38 5.25 3.93 11.70
CA ARG A 38 6.26 4.98 11.64
C ARG A 38 5.72 6.19 10.88
N ILE A 39 4.64 5.96 10.15
CA ILE A 39 4.02 7.02 9.38
C ILE A 39 2.68 7.40 10.02
N GLY A 40 2.04 6.39 10.60
CA GLY A 40 0.76 6.60 11.25
C GLY A 40 -0.38 6.06 10.38
N TRP A 41 -0.06 5.06 9.58
CA TRP A 41 -1.05 4.46 8.71
C TRP A 41 -1.56 5.55 7.76
N ARG A 42 -0.63 6.36 7.28
CA ARG A 42 -0.97 7.44 6.37
C ARG A 42 0.12 7.63 5.33
N ILE A 43 -0.27 8.17 4.19
CA ILE A 43 0.68 8.42 3.11
C ILE A 43 0.75 9.92 2.83
N GLN A 44 1.97 10.38 2.59
CA GLN A 44 2.20 11.79 2.31
C GLN A 44 3.40 11.96 1.37
N ARG A 45 3.64 13.20 0.99
CA ARG A 45 4.75 13.51 0.10
C ARG A 45 6.08 13.23 0.80
N GLN A 46 6.10 13.48 2.10
CA GLN A 46 7.29 13.25 2.89
C GLN A 46 7.60 11.76 2.98
N ASP A 47 6.57 11.00 3.33
CA ASP A 47 6.72 9.56 3.45
C ASP A 47 6.79 8.93 2.06
N ASP A 48 6.27 9.66 1.09
CA ASP A 48 6.25 9.19 -0.28
C ASP A 48 7.59 8.50 -0.59
N GLU A 49 8.66 9.10 -0.07
CA GLU A 49 9.99 8.56 -0.27
C GLU A 49 10.10 7.16 0.35
N VAL A 50 9.69 7.08 1.61
CA VAL A 50 9.75 5.82 2.33
C VAL A 50 8.72 4.86 1.74
N ILE A 51 7.59 5.42 1.35
CA ILE A 51 6.52 4.61 0.77
C ILE A 51 7.01 4.00 -0.55
N GLN A 52 7.16 4.86 -1.54
CA GLN A 52 7.62 4.43 -2.85
C GLN A 52 8.86 3.54 -2.71
N ARG A 53 9.65 3.85 -1.68
CA ARG A 53 10.87 3.08 -1.42
C ARG A 53 10.51 1.70 -0.88
N PHE A 54 9.82 1.70 0.25
CA PHE A 54 9.43 0.46 0.89
C PHE A 54 8.82 -0.51 -0.13
N CYS A 55 8.27 0.06 -1.18
CA CYS A 55 7.65 -0.73 -2.23
C CYS A 55 8.73 -1.63 -2.85
N GLN A 56 9.97 -1.26 -2.58
CA GLN A 56 11.10 -2.02 -3.11
C GLN A 56 11.63 -2.99 -2.05
N GLU A 57 11.54 -2.54 -0.80
CA GLU A 57 12.01 -3.35 0.32
C GLU A 57 11.06 -4.53 0.55
N THR A 58 9.82 -4.35 0.11
CA THR A 58 8.81 -5.38 0.27
C THR A 58 8.34 -5.89 -1.10
N GLY A 59 8.25 -4.95 -2.04
CA GLY A 59 7.81 -5.29 -3.38
C GLY A 59 6.32 -5.01 -3.57
N VAL A 60 5.70 -4.57 -2.48
CA VAL A 60 4.28 -4.27 -2.51
C VAL A 60 4.06 -2.93 -3.24
N PRO A 61 2.94 -2.88 -4.02
CA PRO A 61 2.61 -1.68 -4.76
C PRO A 61 2.07 -0.59 -3.84
N ARG A 62 2.36 0.65 -4.20
CA ARG A 62 1.91 1.79 -3.41
C ARG A 62 0.39 1.71 -3.18
N GLN A 63 -0.34 1.76 -4.28
CA GLN A 63 -1.79 1.69 -4.22
C GLN A 63 -2.23 0.64 -3.20
N VAL A 64 -1.45 -0.43 -3.12
CA VAL A 64 -1.74 -1.50 -2.18
C VAL A 64 -1.37 -1.05 -0.77
N LEU A 65 -0.15 -0.57 -0.65
CA LEU A 65 0.35 -0.10 0.65
C LEU A 65 -0.65 0.88 1.25
N LYS A 66 -1.38 1.56 0.37
CA LYS A 66 -2.37 2.52 0.80
C LYS A 66 -3.60 1.78 1.33
N VAL A 67 -4.35 1.20 0.40
CA VAL A 67 -5.54 0.47 0.76
C VAL A 67 -5.22 -0.50 1.91
N TRP A 68 -4.10 -1.19 1.76
CA TRP A 68 -3.67 -2.14 2.77
C TRP A 68 -4.00 -1.55 4.14
N LEU A 69 -3.36 -0.42 4.43
CA LEU A 69 -3.57 0.25 5.70
C LEU A 69 -5.07 0.27 6.02
N HIS A 70 -5.85 0.66 5.02
CA HIS A 70 -7.29 0.72 5.19
C HIS A 70 -7.85 -0.69 5.38
N ASN A 71 -7.23 -1.64 4.70
CA ASN A 71 -7.65 -3.03 4.78
C ASN A 71 -7.25 -3.59 6.15
N ASN A 72 -6.25 -2.96 6.75
CA ASN A 72 -5.76 -3.39 8.05
C ASN A 72 -6.47 -2.58 9.14
N LYS A 73 -6.12 -1.31 9.21
CA LYS A 73 -6.71 -0.43 10.19
C LYS A 73 -8.23 -0.44 10.04
N HIS A 74 -8.90 0.20 10.99
CA HIS A 74 -10.34 0.27 10.98
C HIS A 74 -10.93 -1.14 10.89
N SER A 75 -11.24 -1.69 12.06
CA SER A 75 -11.80 -3.03 12.14
C SER A 75 -13.08 -3.10 11.30
N GLY A 76 -13.09 -4.06 10.38
CA GLY A 76 -14.25 -4.26 9.52
C GLY A 76 -13.84 -4.23 8.05
N PRO A 77 -13.44 -5.42 7.54
CA PRO A 77 -13.03 -5.55 6.15
C PRO A 77 -14.23 -5.49 5.20
N SER A 78 -14.57 -4.28 4.80
CA SER A 78 -15.70 -4.09 3.90
C SER A 78 -15.81 -2.61 3.53
N SER A 79 -15.59 -2.34 2.25
CA SER A 79 -15.66 -0.97 1.75
C SER A 79 -16.83 -0.85 0.76
N GLY A 80 -16.76 -1.64 -0.30
CA GLY A 80 -17.79 -1.63 -1.31
C GLY A 80 -17.30 -2.26 -2.62
N GLY A 1 0.50 -12.68 -31.09
CA GLY A 1 0.82 -11.31 -31.44
C GLY A 1 -0.08 -10.81 -32.57
N SER A 2 -0.61 -9.61 -32.38
CA SER A 2 -1.48 -9.01 -33.37
C SER A 2 -1.16 -7.52 -33.53
N SER A 3 -1.17 -7.06 -34.77
CA SER A 3 -0.88 -5.68 -35.07
C SER A 3 0.55 -5.33 -34.62
N GLY A 4 1.12 -4.33 -35.27
CA GLY A 4 2.46 -3.90 -34.95
C GLY A 4 2.44 -2.57 -34.16
N SER A 5 2.45 -2.71 -32.85
CA SER A 5 2.42 -1.54 -31.98
C SER A 5 3.79 -1.37 -31.31
N SER A 6 4.37 -0.20 -31.52
CA SER A 6 5.67 0.11 -30.95
C SER A 6 5.74 1.59 -30.56
N GLY A 7 5.23 1.88 -29.37
CA GLY A 7 5.22 3.24 -28.88
C GLY A 7 3.97 3.99 -29.32
N SER A 8 2.89 3.79 -28.56
CA SER A 8 1.63 4.43 -28.87
C SER A 8 0.69 4.36 -27.66
N SER A 9 0.52 5.50 -27.01
CA SER A 9 -0.34 5.57 -25.84
C SER A 9 0.26 4.76 -24.70
N ALA A 10 0.18 3.44 -24.84
CA ALA A 10 0.71 2.55 -23.83
C ALA A 10 -0.14 2.66 -22.56
N GLU A 11 -0.92 1.61 -22.31
CA GLU A 11 -1.77 1.58 -21.14
C GLU A 11 -2.45 2.95 -20.93
N ALA A 12 -3.57 3.12 -21.61
CA ALA A 12 -4.31 4.37 -21.52
C ALA A 12 -5.48 4.18 -20.54
N GLY A 13 -6.34 3.23 -20.89
CA GLY A 13 -7.50 2.95 -20.06
C GLY A 13 -7.09 2.37 -18.71
N GLY A 14 -7.81 2.77 -17.68
CA GLY A 14 -7.53 2.29 -16.34
C GLY A 14 -8.36 3.06 -15.30
N GLY A 15 -9.64 2.75 -15.28
CA GLY A 15 -10.56 3.40 -14.35
C GLY A 15 -10.32 2.90 -12.92
N ILE A 16 -11.39 2.39 -12.32
CA ILE A 16 -11.31 1.88 -10.97
C ILE A 16 -11.04 0.38 -11.00
N ARG A 17 -9.82 0.01 -10.64
CA ARG A 17 -9.42 -1.38 -10.64
C ARG A 17 -8.09 -1.56 -9.91
N LYS A 18 -8.00 -2.62 -9.13
CA LYS A 18 -6.80 -2.91 -8.37
C LYS A 18 -6.84 -4.35 -7.87
N ARG A 19 -5.72 -4.78 -7.30
CA ARG A 19 -5.63 -6.13 -6.78
C ARG A 19 -6.59 -6.32 -5.59
N HIS A 20 -6.84 -7.58 -5.28
CA HIS A 20 -7.73 -7.91 -4.18
C HIS A 20 -6.91 -8.37 -2.97
N ARG A 21 -6.10 -7.45 -2.45
CA ARG A 21 -5.26 -7.76 -1.31
C ARG A 21 -4.22 -8.81 -1.67
N THR A 22 -2.99 -8.56 -1.25
CA THR A 22 -1.90 -9.47 -1.54
C THR A 22 -1.63 -10.37 -0.34
N LYS A 23 -1.01 -11.51 -0.61
CA LYS A 23 -0.69 -12.47 0.43
C LYS A 23 0.51 -11.97 1.23
N PHE A 24 0.23 -11.02 2.12
CA PHE A 24 1.28 -10.45 2.95
C PHE A 24 1.71 -11.44 4.03
N THR A 25 2.97 -11.85 3.94
CA THR A 25 3.53 -12.79 4.90
C THR A 25 4.03 -12.05 6.15
N ALA A 26 4.32 -12.83 7.18
CA ALA A 26 4.80 -12.27 8.42
C ALA A 26 5.72 -11.09 8.12
N GLU A 27 6.54 -11.26 7.09
CA GLU A 27 7.47 -10.23 6.70
C GLU A 27 6.72 -9.00 6.21
N GLN A 28 6.13 -9.14 5.02
CA GLN A 28 5.38 -8.04 4.43
C GLN A 28 4.44 -7.42 5.47
N LYS A 29 3.72 -8.28 6.16
CA LYS A 29 2.79 -7.83 7.19
C LYS A 29 3.53 -6.93 8.18
N GLU A 30 4.52 -7.51 8.84
CA GLU A 30 5.30 -6.78 9.82
C GLU A 30 5.95 -5.56 9.17
N ARG A 31 6.34 -5.73 7.91
CA ARG A 31 6.97 -4.66 7.17
C ARG A 31 6.01 -3.48 7.01
N MET A 32 4.80 -3.80 6.57
CA MET A 32 3.78 -2.78 6.38
C MET A 32 3.30 -2.23 7.72
N LEU A 33 3.03 -3.15 8.63
CA LEU A 33 2.55 -2.78 9.96
C LEU A 33 3.60 -1.90 10.65
N ALA A 34 4.85 -2.34 10.56
CA ALA A 34 5.94 -1.60 11.16
C ALA A 34 6.10 -0.26 10.45
N LEU A 35 5.71 -0.24 9.19
CA LEU A 35 5.80 0.97 8.39
C LEU A 35 4.63 1.89 8.73
N ALA A 36 3.43 1.33 8.64
CA ALA A 36 2.22 2.09 8.94
C ALA A 36 2.30 2.62 10.38
N GLU A 37 3.21 2.03 11.14
CA GLU A 37 3.40 2.43 12.52
C GLU A 37 4.44 3.55 12.62
N ARG A 38 5.07 3.83 11.49
CA ARG A 38 6.08 4.87 11.43
C ARG A 38 5.56 6.08 10.65
N ILE A 39 4.49 5.85 9.91
CA ILE A 39 3.88 6.90 9.12
C ILE A 39 2.55 7.31 9.75
N GLY A 40 1.92 6.34 10.40
CA GLY A 40 0.65 6.58 11.06
C GLY A 40 -0.51 6.01 10.23
N TRP A 41 -0.19 4.98 9.47
CA TRP A 41 -1.19 4.34 8.63
C TRP A 41 -1.70 5.37 7.62
N ARG A 42 -0.79 6.26 7.22
CA ARG A 42 -1.14 7.30 6.26
C ARG A 42 -0.03 7.45 5.22
N ILE A 43 -0.44 7.86 4.03
CA ILE A 43 0.51 8.05 2.94
C ILE A 43 0.42 9.49 2.44
N GLN A 44 1.59 10.10 2.27
CA GLN A 44 1.66 11.47 1.80
C GLN A 44 2.84 11.63 0.84
N ARG A 45 3.01 12.87 0.38
CA ARG A 45 4.11 13.18 -0.53
C ARG A 45 5.44 13.19 0.21
N GLN A 46 5.34 13.21 1.54
CA GLN A 46 6.53 13.22 2.37
C GLN A 46 7.06 11.80 2.56
N ASP A 47 6.18 10.94 3.05
CA ASP A 47 6.55 9.55 3.29
C ASP A 47 6.73 8.85 1.94
N ASP A 48 6.27 9.51 0.90
CA ASP A 48 6.38 8.96 -0.45
C ASP A 48 7.75 8.32 -0.63
N GLU A 49 8.75 9.00 -0.10
CA GLU A 49 10.13 8.52 -0.19
C GLU A 49 10.25 7.16 0.48
N VAL A 50 9.71 7.06 1.69
CA VAL A 50 9.75 5.83 2.44
C VAL A 50 8.80 4.81 1.81
N ILE A 51 7.65 5.32 1.37
CA ILE A 51 6.65 4.47 0.76
C ILE A 51 7.23 3.85 -0.52
N GLN A 52 7.48 4.70 -1.50
CA GLN A 52 8.04 4.24 -2.76
C GLN A 52 9.27 3.38 -2.52
N ARG A 53 10.04 3.77 -1.51
CA ARG A 53 11.25 3.03 -1.16
C ARG A 53 10.89 1.67 -0.56
N PHE A 54 10.03 1.70 0.44
CA PHE A 54 9.60 0.48 1.11
C PHE A 54 9.02 -0.51 0.10
N CYS A 55 8.46 0.04 -0.97
CA CYS A 55 7.85 -0.78 -2.01
C CYS A 55 8.99 -1.47 -2.78
N GLN A 56 10.20 -1.01 -2.52
CA GLN A 56 11.37 -1.57 -3.18
C GLN A 56 11.93 -2.73 -2.36
N GLU A 57 11.83 -2.60 -1.05
CA GLU A 57 12.32 -3.62 -0.14
C GLU A 57 11.30 -4.75 -0.01
N THR A 58 10.03 -4.35 -0.01
CA THR A 58 8.95 -5.32 0.11
C THR A 58 8.47 -5.77 -1.28
N GLY A 59 8.26 -4.78 -2.13
CA GLY A 59 7.80 -5.06 -3.49
C GLY A 59 6.30 -4.79 -3.63
N VAL A 60 5.69 -4.45 -2.50
CA VAL A 60 4.27 -4.17 -2.49
C VAL A 60 4.01 -2.81 -3.15
N PRO A 61 2.88 -2.75 -3.92
CA PRO A 61 2.51 -1.53 -4.60
C PRO A 61 1.94 -0.50 -3.63
N ARG A 62 2.17 0.76 -3.94
CA ARG A 62 1.69 1.85 -3.10
C ARG A 62 0.16 1.78 -2.98
N GLN A 63 -0.49 1.77 -4.13
CA GLN A 63 -1.94 1.71 -4.16
C GLN A 63 -2.45 0.61 -3.24
N VAL A 64 -1.60 -0.40 -3.05
CA VAL A 64 -1.96 -1.52 -2.19
C VAL A 64 -1.76 -1.11 -0.73
N LEU A 65 -0.51 -0.76 -0.41
CA LEU A 65 -0.19 -0.35 0.94
C LEU A 65 -1.11 0.79 1.38
N LYS A 66 -1.63 1.50 0.38
CA LYS A 66 -2.52 2.61 0.64
C LYS A 66 -3.82 2.08 1.23
N VAL A 67 -4.59 1.40 0.40
CA VAL A 67 -5.85 0.83 0.83
C VAL A 67 -5.60 -0.21 1.92
N TRP A 68 -4.47 -0.89 1.79
CA TRP A 68 -4.10 -1.91 2.76
C TRP A 68 -4.43 -1.39 4.15
N LEU A 69 -3.81 -0.26 4.49
CA LEU A 69 -4.03 0.35 5.79
C LEU A 69 -5.53 0.41 6.07
N HIS A 70 -6.26 1.05 5.18
CA HIS A 70 -7.69 1.18 5.32
C HIS A 70 -8.31 -0.20 5.52
N ASN A 71 -7.81 -1.16 4.76
CA ASN A 71 -8.30 -2.53 4.84
C ASN A 71 -8.00 -3.09 6.24
N ASN A 72 -6.96 -2.55 6.84
CA ASN A 72 -6.54 -2.98 8.17
C ASN A 72 -7.20 -2.09 9.22
N LYS A 73 -6.58 -0.93 9.45
CA LYS A 73 -7.10 0.01 10.42
C LYS A 73 -8.62 0.09 10.29
N HIS A 74 -9.30 -0.51 11.27
CA HIS A 74 -10.75 -0.52 11.29
C HIS A 74 -11.27 0.89 11.59
N SER A 75 -11.00 1.33 12.82
CA SER A 75 -11.44 2.65 13.24
C SER A 75 -10.25 3.44 13.79
N GLY A 76 -10.27 4.73 13.53
CA GLY A 76 -9.20 5.61 13.99
C GLY A 76 -9.24 5.77 15.51
N PRO A 77 -8.36 6.68 16.01
CA PRO A 77 -8.29 6.93 17.44
C PRO A 77 -9.47 7.79 17.90
N SER A 78 -10.23 7.23 18.84
CA SER A 78 -11.39 7.94 19.36
C SER A 78 -12.43 8.14 18.27
N SER A 79 -13.45 7.28 18.29
CA SER A 79 -14.51 7.36 17.30
C SER A 79 -15.61 6.36 17.66
N GLY A 80 -16.72 6.90 18.16
CA GLY A 80 -17.85 6.07 18.53
C GLY A 80 -18.46 6.54 19.85
N GLY A 1 18.31 -15.07 -4.29
CA GLY A 1 16.94 -14.63 -4.44
C GLY A 1 15.97 -15.75 -4.05
N SER A 2 16.05 -16.15 -2.78
CA SER A 2 15.19 -17.21 -2.28
C SER A 2 14.15 -16.62 -1.33
N SER A 3 13.11 -16.04 -1.92
CA SER A 3 12.05 -15.43 -1.14
C SER A 3 10.78 -15.31 -1.99
N GLY A 4 9.69 -14.97 -1.33
CA GLY A 4 8.42 -14.82 -2.00
C GLY A 4 8.19 -13.36 -2.41
N SER A 5 9.06 -12.88 -3.29
CA SER A 5 8.96 -11.51 -3.76
C SER A 5 7.57 -11.26 -4.35
N SER A 6 6.77 -10.50 -3.60
CA SER A 6 5.42 -10.18 -4.04
C SER A 6 5.44 -9.74 -5.50
N GLY A 7 6.21 -8.70 -5.77
CA GLY A 7 6.31 -8.19 -7.12
C GLY A 7 5.25 -7.12 -7.39
N SER A 8 5.70 -6.00 -7.95
CA SER A 8 4.80 -4.91 -8.26
C SER A 8 4.57 -4.83 -9.78
N SER A 9 3.70 -5.70 -10.26
CA SER A 9 3.38 -5.74 -11.67
C SER A 9 2.03 -6.43 -11.89
N ALA A 10 1.06 -5.65 -12.29
CA ALA A 10 -0.28 -6.17 -12.54
C ALA A 10 -0.83 -5.57 -13.84
N GLU A 11 -0.61 -6.30 -14.92
CA GLU A 11 -1.06 -5.87 -16.23
C GLU A 11 -2.33 -6.63 -16.63
N ALA A 12 -3.35 -5.87 -16.99
CA ALA A 12 -4.62 -6.46 -17.39
C ALA A 12 -5.05 -5.86 -18.74
N GLY A 13 -5.25 -4.56 -18.72
CA GLY A 13 -5.67 -3.85 -19.92
C GLY A 13 -5.49 -2.34 -19.76
N GLY A 14 -4.24 -1.96 -19.52
CA GLY A 14 -3.92 -0.56 -19.34
C GLY A 14 -4.05 -0.13 -17.87
N GLY A 15 -5.29 -0.08 -17.41
CA GLY A 15 -5.57 0.29 -16.05
C GLY A 15 -5.35 -0.88 -15.09
N ILE A 16 -4.50 -0.65 -14.10
CA ILE A 16 -4.20 -1.68 -13.12
C ILE A 16 -5.48 -2.09 -12.40
N ARG A 17 -6.02 -3.23 -12.83
CA ARG A 17 -7.25 -3.75 -12.25
C ARG A 17 -6.93 -4.55 -10.98
N LYS A 18 -7.89 -4.55 -10.07
CA LYS A 18 -7.72 -5.27 -8.81
C LYS A 18 -9.09 -5.58 -8.23
N ARG A 19 -9.08 -6.28 -7.10
CA ARG A 19 -10.31 -6.65 -6.43
C ARG A 19 -10.02 -7.48 -5.18
N HIS A 20 -9.16 -8.47 -5.37
CA HIS A 20 -8.78 -9.34 -4.27
C HIS A 20 -7.80 -10.41 -4.77
N ARG A 21 -6.56 -10.26 -4.35
CA ARG A 21 -5.52 -11.19 -4.75
C ARG A 21 -4.20 -10.87 -4.03
N THR A 22 -4.34 -10.50 -2.77
CA THR A 22 -3.17 -10.16 -1.96
C THR A 22 -2.86 -11.29 -0.98
N LYS A 23 -1.61 -11.32 -0.54
CA LYS A 23 -1.17 -12.33 0.39
C LYS A 23 0.08 -11.83 1.15
N PHE A 24 -0.15 -10.84 1.99
CA PHE A 24 0.93 -10.25 2.77
C PHE A 24 1.37 -11.21 3.89
N THR A 25 2.61 -11.65 3.78
CA THR A 25 3.17 -12.56 4.76
C THR A 25 3.70 -11.78 5.97
N ALA A 26 3.93 -12.51 7.05
CA ALA A 26 4.43 -11.91 8.28
C ALA A 26 5.39 -10.76 7.92
N GLU A 27 6.16 -10.99 6.86
CA GLU A 27 7.11 -10.00 6.41
C GLU A 27 6.38 -8.77 5.86
N GLN A 28 5.76 -8.95 4.71
CA GLN A 28 5.02 -7.87 4.07
C GLN A 28 4.01 -7.27 5.05
N LYS A 29 3.29 -8.16 5.74
CA LYS A 29 2.29 -7.74 6.70
C LYS A 29 2.94 -6.84 7.74
N GLU A 30 3.88 -7.42 8.48
CA GLU A 30 4.60 -6.69 9.51
C GLU A 30 5.25 -5.44 8.92
N ARG A 31 5.96 -5.65 7.82
CA ARG A 31 6.64 -4.56 7.14
C ARG A 31 5.73 -3.32 7.08
N MET A 32 4.52 -3.54 6.60
CA MET A 32 3.55 -2.46 6.50
C MET A 32 3.14 -1.95 7.88
N LEU A 33 2.86 -2.89 8.76
CA LEU A 33 2.46 -2.54 10.11
C LEU A 33 3.53 -1.64 10.75
N ALA A 34 4.77 -2.08 10.62
CA ALA A 34 5.89 -1.32 11.17
C ALA A 34 5.95 0.06 10.50
N LEU A 35 5.56 0.08 9.24
CA LEU A 35 5.56 1.32 8.47
C LEU A 35 4.40 2.19 8.94
N ALA A 36 3.20 1.62 8.90
CA ALA A 36 2.01 2.34 9.31
C ALA A 36 2.19 2.84 10.74
N GLU A 37 3.16 2.26 11.43
CA GLU A 37 3.45 2.65 12.80
C GLU A 37 4.53 3.73 12.83
N ARG A 38 5.10 3.99 11.66
CA ARG A 38 6.13 5.00 11.54
C ARG A 38 5.60 6.23 10.80
N ILE A 39 4.50 6.03 10.11
CA ILE A 39 3.88 7.10 9.35
C ILE A 39 2.54 7.47 10.01
N GLY A 40 1.90 6.46 10.58
CA GLY A 40 0.62 6.66 11.24
C GLY A 40 -0.53 6.13 10.38
N TRP A 41 -0.19 5.14 9.56
CA TRP A 41 -1.19 4.54 8.68
C TRP A 41 -1.71 5.61 7.73
N ARG A 42 -0.79 6.44 7.25
CA ARG A 42 -1.14 7.51 6.35
C ARG A 42 -0.05 7.68 5.28
N ILE A 43 -0.47 8.17 4.12
CA ILE A 43 0.45 8.39 3.03
C ILE A 43 0.51 9.88 2.69
N GLN A 44 1.72 10.41 2.66
CA GLN A 44 1.93 11.81 2.36
C GLN A 44 3.08 11.99 1.37
N ARG A 45 3.37 13.24 1.06
CA ARG A 45 4.44 13.56 0.13
C ARG A 45 5.79 13.55 0.86
N GLN A 46 5.73 13.24 2.15
CA GLN A 46 6.93 13.19 2.97
C GLN A 46 7.38 11.74 3.17
N ASP A 47 6.40 10.85 3.18
CA ASP A 47 6.68 9.43 3.37
C ASP A 47 6.87 8.77 2.00
N ASP A 48 6.51 9.51 0.96
CA ASP A 48 6.65 9.02 -0.40
C ASP A 48 7.98 8.29 -0.54
N GLU A 49 9.03 8.95 -0.06
CA GLU A 49 10.36 8.37 -0.13
C GLU A 49 10.38 6.99 0.53
N VAL A 50 9.70 6.90 1.67
CA VAL A 50 9.64 5.66 2.40
C VAL A 50 8.68 4.70 1.69
N ILE A 51 7.56 5.26 1.25
CA ILE A 51 6.55 4.47 0.54
C ILE A 51 7.19 3.78 -0.66
N GLN A 52 7.65 4.60 -1.60
CA GLN A 52 8.28 4.09 -2.80
C GLN A 52 9.44 3.16 -2.43
N ARG A 53 10.28 3.64 -1.53
CA ARG A 53 11.43 2.88 -1.08
C ARG A 53 10.97 1.52 -0.52
N PHE A 54 9.99 1.58 0.37
CA PHE A 54 9.46 0.38 0.98
C PHE A 54 9.03 -0.63 -0.08
N CYS A 55 8.55 -0.09 -1.20
CA CYS A 55 8.09 -0.94 -2.29
C CYS A 55 9.32 -1.55 -2.97
N GLN A 56 10.47 -0.94 -2.69
CA GLN A 56 11.71 -1.42 -3.27
C GLN A 56 12.26 -2.59 -2.46
N GLU A 57 12.04 -2.53 -1.16
CA GLU A 57 12.50 -3.58 -0.26
C GLU A 57 11.50 -4.74 -0.24
N THR A 58 10.23 -4.37 -0.30
CA THR A 58 9.16 -5.35 -0.27
C THR A 58 8.75 -5.72 -1.71
N GLY A 59 8.07 -4.78 -2.34
CA GLY A 59 7.61 -4.98 -3.70
C GLY A 59 6.10 -4.75 -3.82
N VAL A 60 5.51 -4.37 -2.70
CA VAL A 60 4.08 -4.12 -2.65
C VAL A 60 3.78 -2.80 -3.35
N PRO A 61 2.63 -2.78 -4.08
CA PRO A 61 2.22 -1.58 -4.81
C PRO A 61 1.67 -0.52 -3.84
N ARG A 62 2.03 0.72 -4.13
CA ARG A 62 1.58 1.84 -3.30
C ARG A 62 0.08 1.74 -3.04
N GLN A 63 -0.67 1.69 -4.14
CA GLN A 63 -2.11 1.59 -4.04
C GLN A 63 -2.52 0.53 -3.01
N VAL A 64 -1.71 -0.53 -2.94
CA VAL A 64 -1.98 -1.60 -2.01
C VAL A 64 -1.56 -1.16 -0.60
N LEU A 65 -0.35 -0.61 -0.52
CA LEU A 65 0.17 -0.14 0.76
C LEU A 65 -0.80 0.88 1.35
N LYS A 66 -1.60 1.46 0.48
CA LYS A 66 -2.56 2.46 0.91
C LYS A 66 -3.81 1.76 1.46
N VAL A 67 -4.55 1.13 0.55
CA VAL A 67 -5.75 0.42 0.94
C VAL A 67 -5.43 -0.53 2.09
N TRP A 68 -4.33 -1.25 1.93
CA TRP A 68 -3.91 -2.21 2.94
C TRP A 68 -4.18 -1.58 4.32
N LEU A 69 -3.50 -0.47 4.57
CA LEU A 69 -3.66 0.22 5.84
C LEU A 69 -5.14 0.27 6.20
N HIS A 70 -5.94 0.64 5.22
CA HIS A 70 -7.38 0.73 5.43
C HIS A 70 -7.97 -0.66 5.65
N ASN A 71 -7.42 -1.63 4.92
CA ASN A 71 -7.87 -3.00 5.03
C ASN A 71 -7.42 -3.58 6.37
N ASN A 72 -6.45 -2.89 6.97
CA ASN A 72 -5.93 -3.33 8.27
C ASN A 72 -6.60 -2.52 9.38
N LYS A 73 -6.28 -1.23 9.41
CA LYS A 73 -6.84 -0.34 10.42
C LYS A 73 -8.35 -0.26 10.23
N HIS A 74 -9.06 -1.03 11.04
CA HIS A 74 -10.51 -1.05 10.97
C HIS A 74 -11.08 -1.58 12.30
N SER A 75 -12.38 -1.37 12.47
CA SER A 75 -13.05 -1.81 13.67
C SER A 75 -13.77 -3.13 13.43
N GLY A 76 -14.44 -3.19 12.28
CA GLY A 76 -15.18 -4.39 11.92
C GLY A 76 -14.62 -5.00 10.62
N PRO A 77 -13.72 -6.00 10.80
CA PRO A 77 -13.11 -6.67 9.67
C PRO A 77 -14.09 -7.63 8.99
N SER A 78 -13.67 -8.17 7.87
CA SER A 78 -14.49 -9.09 7.12
C SER A 78 -14.84 -10.31 7.98
N SER A 79 -16.14 -10.52 8.15
CA SER A 79 -16.61 -11.64 8.96
C SER A 79 -17.26 -12.69 8.05
N GLY A 80 -17.33 -13.91 8.57
CA GLY A 80 -17.92 -15.01 7.83
C GLY A 80 -18.74 -15.92 8.75
N GLY A 1 13.34 -15.85 13.75
CA GLY A 1 14.21 -15.23 12.78
C GLY A 1 13.81 -15.59 11.35
N SER A 2 14.71 -15.29 10.42
CA SER A 2 14.46 -15.58 9.02
C SER A 2 15.79 -15.72 8.27
N SER A 3 15.83 -16.69 7.37
CA SER A 3 17.03 -16.94 6.58
C SER A 3 16.65 -17.56 5.23
N GLY A 4 17.14 -16.93 4.18
CA GLY A 4 16.86 -17.41 2.83
C GLY A 4 15.42 -17.91 2.71
N SER A 5 14.54 -16.99 2.33
CA SER A 5 13.14 -17.33 2.19
C SER A 5 12.52 -16.49 1.07
N SER A 6 12.59 -15.18 1.25
CA SER A 6 12.04 -14.26 0.27
C SER A 6 13.16 -13.37 -0.31
N GLY A 7 12.92 -12.86 -1.50
CA GLY A 7 13.89 -12.01 -2.16
C GLY A 7 13.47 -10.54 -2.07
N SER A 8 14.00 -9.74 -2.98
CA SER A 8 13.69 -8.32 -3.01
C SER A 8 12.81 -8.00 -4.22
N SER A 9 11.98 -6.99 -4.05
CA SER A 9 11.08 -6.58 -5.11
C SER A 9 10.21 -7.76 -5.55
N ALA A 10 9.19 -7.44 -6.34
CA ALA A 10 8.28 -8.46 -6.83
C ALA A 10 7.69 -8.01 -8.16
N GLU A 11 6.98 -6.89 -8.10
CA GLU A 11 6.36 -6.33 -9.29
C GLU A 11 6.23 -4.81 -9.17
N ALA A 12 6.45 -4.14 -10.29
CA ALA A 12 6.37 -2.69 -10.32
C ALA A 12 5.56 -2.26 -11.55
N GLY A 13 4.41 -1.67 -11.29
CA GLY A 13 3.54 -1.20 -12.36
C GLY A 13 2.83 0.09 -11.95
N GLY A 14 2.07 0.63 -12.90
CA GLY A 14 1.32 1.85 -12.67
C GLY A 14 0.18 1.61 -11.67
N GLY A 15 -1.02 1.91 -12.12
CA GLY A 15 -2.20 1.73 -11.29
C GLY A 15 -3.43 1.42 -12.13
N ILE A 16 -3.52 0.16 -12.56
CA ILE A 16 -4.64 -0.28 -13.37
C ILE A 16 -5.60 -1.10 -12.50
N ARG A 17 -6.79 -0.57 -12.32
CA ARG A 17 -7.80 -1.24 -11.52
C ARG A 17 -7.35 -1.34 -10.07
N LYS A 18 -8.29 -1.69 -9.21
CA LYS A 18 -8.01 -1.82 -7.79
C LYS A 18 -7.32 -3.17 -7.53
N ARG A 19 -6.01 -3.16 -7.73
CA ARG A 19 -5.23 -4.38 -7.52
C ARG A 19 -5.96 -5.59 -8.11
N HIS A 20 -5.49 -6.77 -7.72
CA HIS A 20 -6.09 -8.01 -8.20
C HIS A 20 -6.07 -9.05 -7.09
N ARG A 21 -4.87 -9.51 -6.77
CA ARG A 21 -4.70 -10.50 -5.72
C ARG A 21 -3.56 -10.11 -4.78
N THR A 22 -3.78 -10.34 -3.50
CA THR A 22 -2.78 -10.02 -2.50
C THR A 22 -2.33 -11.28 -1.77
N LYS A 23 -1.13 -11.19 -1.19
CA LYS A 23 -0.58 -12.33 -0.46
C LYS A 23 0.52 -11.82 0.48
N PHE A 24 0.14 -10.88 1.33
CA PHE A 24 1.08 -10.32 2.29
C PHE A 24 1.39 -11.29 3.41
N THR A 25 2.64 -11.70 3.48
CA THR A 25 3.08 -12.64 4.50
C THR A 25 3.62 -11.88 5.72
N ALA A 26 3.88 -12.64 6.77
CA ALA A 26 4.39 -12.07 8.00
C ALA A 26 5.33 -10.91 7.67
N GLU A 27 6.19 -11.16 6.69
CA GLU A 27 7.15 -10.15 6.26
C GLU A 27 6.41 -8.90 5.75
N GLN A 28 5.80 -9.05 4.59
CA GLN A 28 5.06 -7.95 3.99
C GLN A 28 4.15 -7.29 5.02
N LYS A 29 3.41 -8.13 5.73
CA LYS A 29 2.49 -7.66 6.76
C LYS A 29 3.27 -6.83 7.78
N GLU A 30 4.18 -7.50 8.46
CA GLU A 30 4.99 -6.83 9.47
C GLU A 30 5.62 -5.57 8.89
N ARG A 31 6.07 -5.68 7.66
CA ARG A 31 6.70 -4.55 6.98
C ARG A 31 5.76 -3.36 6.97
N MET A 32 4.51 -3.61 6.62
CA MET A 32 3.52 -2.56 6.58
C MET A 32 3.16 -2.08 7.98
N LEU A 33 2.93 -3.03 8.87
CA LEU A 33 2.58 -2.72 10.24
C LEU A 33 3.64 -1.77 10.83
N ALA A 34 4.90 -2.09 10.55
CA ALA A 34 6.00 -1.28 11.04
C ALA A 34 5.97 0.08 10.34
N LEU A 35 5.54 0.06 9.09
CA LEU A 35 5.46 1.28 8.30
C LEU A 35 4.30 2.14 8.82
N ALA A 36 3.14 1.50 8.94
CA ALA A 36 1.96 2.20 9.43
C ALA A 36 2.26 2.84 10.77
N GLU A 37 2.95 2.08 11.61
CA GLU A 37 3.33 2.57 12.94
C GLU A 37 4.46 3.59 12.83
N ARG A 38 4.99 3.71 11.63
CA ARG A 38 6.08 4.64 11.38
C ARG A 38 5.54 5.94 10.77
N ILE A 39 4.74 5.78 9.74
CA ILE A 39 4.16 6.93 9.06
C ILE A 39 2.88 7.35 9.79
N GLY A 40 2.21 6.37 10.36
CA GLY A 40 0.98 6.63 11.10
C GLY A 40 -0.24 6.08 10.35
N TRP A 41 0.04 5.13 9.46
CA TRP A 41 -1.02 4.52 8.68
C TRP A 41 -1.53 5.55 7.67
N ARG A 42 -0.71 6.58 7.47
CA ARG A 42 -1.06 7.64 6.55
C ARG A 42 0.04 7.80 5.48
N ILE A 43 -0.39 8.26 4.31
CA ILE A 43 0.54 8.45 3.21
C ILE A 43 0.55 9.93 2.82
N GLN A 44 1.73 10.40 2.41
CA GLN A 44 1.88 11.77 2.00
C GLN A 44 3.09 11.92 1.07
N ARG A 45 3.23 13.12 0.51
CA ARG A 45 4.33 13.40 -0.39
C ARG A 45 5.67 13.29 0.36
N GLN A 46 5.57 13.28 1.68
CA GLN A 46 6.76 13.18 2.52
C GLN A 46 7.11 11.71 2.75
N ASP A 47 6.07 10.90 2.89
CA ASP A 47 6.26 9.48 3.13
C ASP A 47 6.53 8.78 1.79
N ASP A 48 6.13 9.45 0.72
CA ASP A 48 6.32 8.91 -0.61
C ASP A 48 7.68 8.19 -0.67
N GLU A 49 8.73 8.98 -0.45
CA GLU A 49 10.08 8.44 -0.48
C GLU A 49 10.14 7.11 0.24
N VAL A 50 9.47 7.06 1.38
CA VAL A 50 9.43 5.83 2.18
C VAL A 50 8.49 4.83 1.52
N ILE A 51 7.40 5.34 0.98
CA ILE A 51 6.41 4.50 0.32
C ILE A 51 7.07 3.82 -0.89
N GLN A 52 7.58 4.67 -1.78
CA GLN A 52 8.22 4.17 -2.98
C GLN A 52 9.46 3.33 -2.62
N ARG A 53 10.08 3.70 -1.51
CA ARG A 53 11.26 2.99 -1.05
C ARG A 53 10.87 1.63 -0.46
N PHE A 54 9.87 1.67 0.42
CA PHE A 54 9.38 0.47 1.06
C PHE A 54 9.07 -0.62 0.03
N CYS A 55 8.51 -0.18 -1.09
CA CYS A 55 8.16 -1.10 -2.16
C CYS A 55 9.45 -1.75 -2.67
N GLN A 56 10.57 -1.13 -2.33
CA GLN A 56 11.86 -1.66 -2.74
C GLN A 56 12.35 -2.71 -1.76
N GLU A 57 11.96 -2.52 -0.50
CA GLU A 57 12.36 -3.44 0.55
C GLU A 57 11.36 -4.60 0.64
N THR A 58 10.15 -4.33 0.20
CA THR A 58 9.09 -5.34 0.23
C THR A 58 8.72 -5.77 -1.19
N GLY A 59 8.06 -4.86 -1.90
CA GLY A 59 7.65 -5.13 -3.26
C GLY A 59 6.15 -4.87 -3.44
N VAL A 60 5.51 -4.47 -2.35
CA VAL A 60 4.09 -4.18 -2.37
C VAL A 60 3.86 -2.84 -3.09
N PRO A 61 2.74 -2.79 -3.86
CA PRO A 61 2.39 -1.58 -4.59
C PRO A 61 1.84 -0.50 -3.65
N ARG A 62 2.28 0.73 -3.89
CA ARG A 62 1.84 1.84 -3.08
C ARG A 62 0.32 1.85 -2.95
N GLN A 63 -0.34 1.69 -4.09
CA GLN A 63 -1.80 1.67 -4.11
C GLN A 63 -2.33 0.62 -3.13
N VAL A 64 -1.52 -0.41 -2.91
CA VAL A 64 -1.90 -1.48 -2.01
C VAL A 64 -1.57 -1.06 -0.58
N LEU A 65 -0.35 -0.59 -0.39
CA LEU A 65 0.11 -0.16 0.92
C LEU A 65 -0.89 0.86 1.48
N LYS A 66 -1.55 1.56 0.57
CA LYS A 66 -2.52 2.57 0.97
C LYS A 66 -3.77 1.87 1.51
N VAL A 67 -4.53 1.27 0.60
CA VAL A 67 -5.74 0.57 0.98
C VAL A 67 -5.43 -0.40 2.12
N TRP A 68 -4.32 -1.10 1.97
CA TRP A 68 -3.90 -2.06 2.98
C TRP A 68 -4.22 -1.47 4.36
N LEU A 69 -3.59 -0.34 4.65
CA LEU A 69 -3.80 0.33 5.92
C LEU A 69 -5.29 0.39 6.22
N HIS A 70 -6.06 0.81 5.21
CA HIS A 70 -7.49 0.93 5.36
C HIS A 70 -8.10 -0.47 5.53
N ASN A 71 -7.43 -1.45 4.95
CA ASN A 71 -7.89 -2.83 5.03
C ASN A 71 -7.46 -3.43 6.37
N ASN A 72 -6.53 -2.73 7.03
CA ASN A 72 -6.03 -3.19 8.31
C ASN A 72 -6.68 -2.35 9.42
N LYS A 73 -6.24 -1.11 9.51
CA LYS A 73 -6.76 -0.19 10.52
C LYS A 73 -8.28 -0.11 10.38
N HIS A 74 -8.95 -0.23 11.53
CA HIS A 74 -10.40 -0.17 11.55
C HIS A 74 -10.97 -1.41 10.86
N SER A 75 -10.81 -1.45 9.55
CA SER A 75 -11.30 -2.58 8.77
C SER A 75 -12.82 -2.50 8.64
N GLY A 76 -13.31 -2.86 7.46
CA GLY A 76 -14.73 -2.83 7.18
C GLY A 76 -15.42 -4.07 7.73
N PRO A 77 -16.66 -3.87 8.26
CA PRO A 77 -17.43 -4.96 8.82
C PRO A 77 -18.02 -5.83 7.71
N SER A 78 -17.85 -7.14 7.88
CA SER A 78 -18.37 -8.08 6.90
C SER A 78 -19.46 -8.95 7.53
N SER A 79 -19.07 -9.67 8.57
CA SER A 79 -19.99 -10.54 9.27
C SER A 79 -20.89 -9.71 10.18
N GLY A 80 -21.86 -10.39 10.79
CA GLY A 80 -22.80 -9.73 11.69
C GLY A 80 -23.34 -8.44 11.07
N GLY A 1 -5.11 0.04 -31.09
CA GLY A 1 -6.31 0.30 -30.31
C GLY A 1 -6.89 -0.99 -29.75
N SER A 2 -6.87 -1.08 -28.43
CA SER A 2 -7.40 -2.26 -27.76
C SER A 2 -8.04 -1.86 -26.43
N SER A 3 -7.24 -1.24 -25.58
CA SER A 3 -7.71 -0.80 -24.27
C SER A 3 -8.21 0.64 -24.35
N GLY A 4 -7.30 1.52 -24.76
CA GLY A 4 -7.64 2.93 -24.89
C GLY A 4 -6.39 3.81 -24.71
N SER A 5 -5.98 4.43 -25.81
CA SER A 5 -4.81 5.29 -25.79
C SER A 5 -4.93 6.30 -24.65
N SER A 6 -5.99 7.08 -24.69
CA SER A 6 -6.23 8.08 -23.67
C SER A 6 -7.52 7.76 -22.91
N GLY A 7 -7.49 8.05 -21.62
CA GLY A 7 -8.65 7.80 -20.77
C GLY A 7 -8.61 8.68 -19.51
N SER A 8 -9.69 9.40 -19.31
CA SER A 8 -9.80 10.28 -18.14
C SER A 8 -10.99 9.88 -17.29
N SER A 9 -10.75 9.82 -15.99
CA SER A 9 -11.80 9.46 -15.04
C SER A 9 -12.47 10.72 -14.49
N ALA A 10 -11.66 11.55 -13.87
CA ALA A 10 -12.16 12.79 -13.29
C ALA A 10 -13.15 12.46 -12.17
N GLU A 11 -12.76 12.80 -10.95
CA GLU A 11 -13.60 12.55 -9.80
C GLU A 11 -13.76 11.04 -9.58
N ALA A 12 -13.68 10.65 -8.31
CA ALA A 12 -13.81 9.25 -7.95
C ALA A 12 -15.16 8.72 -8.46
N GLY A 13 -15.24 7.41 -8.56
CA GLY A 13 -16.46 6.76 -9.03
C GLY A 13 -16.15 5.43 -9.70
N GLY A 14 -16.64 4.36 -9.07
CA GLY A 14 -16.43 3.03 -9.59
C GLY A 14 -16.25 2.02 -8.46
N GLY A 15 -15.13 2.16 -7.76
CA GLY A 15 -14.83 1.27 -6.65
C GLY A 15 -13.33 0.99 -6.56
N ILE A 16 -12.95 0.30 -5.49
CA ILE A 16 -11.55 -0.03 -5.28
C ILE A 16 -11.40 -1.56 -5.24
N ARG A 17 -10.63 -2.06 -6.19
CA ARG A 17 -10.40 -3.50 -6.27
C ARG A 17 -8.94 -3.79 -6.62
N LYS A 18 -8.39 -4.79 -5.97
CA LYS A 18 -7.00 -5.17 -6.21
C LYS A 18 -6.91 -5.88 -7.56
N ARG A 19 -5.71 -5.81 -8.14
CA ARG A 19 -5.47 -6.44 -9.43
C ARG A 19 -6.00 -7.88 -9.43
N HIS A 20 -5.50 -8.66 -8.48
CA HIS A 20 -5.92 -10.05 -8.36
C HIS A 20 -6.18 -10.37 -6.89
N ARG A 21 -5.12 -10.30 -6.10
CA ARG A 21 -5.23 -10.58 -4.68
C ARG A 21 -3.89 -10.35 -3.99
N THR A 22 -3.96 -10.13 -2.67
CA THR A 22 -2.75 -9.90 -1.90
C THR A 22 -2.51 -11.07 -0.93
N LYS A 23 -1.25 -11.20 -0.52
CA LYS A 23 -0.88 -12.26 0.40
C LYS A 23 0.36 -11.83 1.18
N PHE A 24 0.16 -10.88 2.08
CA PHE A 24 1.25 -10.37 2.89
C PHE A 24 1.64 -11.38 3.97
N THR A 25 2.88 -11.88 3.85
CA THR A 25 3.38 -12.85 4.81
C THR A 25 3.92 -12.14 6.05
N ALA A 26 4.11 -12.93 7.10
CA ALA A 26 4.61 -12.40 8.35
C ALA A 26 5.60 -11.27 8.06
N GLU A 27 6.37 -11.46 7.00
CA GLU A 27 7.36 -10.46 6.60
C GLU A 27 6.66 -9.20 6.10
N GLN A 28 6.08 -9.33 4.92
CA GLN A 28 5.38 -8.21 4.30
C GLN A 28 4.34 -7.63 5.27
N LYS A 29 3.61 -8.53 5.92
CA LYS A 29 2.60 -8.12 6.88
C LYS A 29 3.23 -7.20 7.92
N GLU A 30 4.24 -7.75 8.61
CA GLU A 30 4.93 -6.99 9.63
C GLU A 30 5.60 -5.76 9.03
N ARG A 31 6.22 -5.97 7.88
CA ARG A 31 6.90 -4.89 7.18
C ARG A 31 6.00 -3.65 7.11
N MET A 32 4.81 -3.87 6.56
CA MET A 32 3.85 -2.78 6.43
C MET A 32 3.40 -2.27 7.79
N LEU A 33 3.10 -3.22 8.68
CA LEU A 33 2.67 -2.87 10.02
C LEU A 33 3.68 -1.92 10.66
N ALA A 34 4.94 -2.24 10.46
CA ALA A 34 6.02 -1.44 11.00
C ALA A 34 6.02 -0.06 10.33
N LEU A 35 5.70 -0.07 9.04
CA LEU A 35 5.65 1.16 8.27
C LEU A 35 4.47 2.00 8.73
N ALA A 36 3.31 1.37 8.78
CA ALA A 36 2.09 2.05 9.21
C ALA A 36 2.33 2.68 10.58
N GLU A 37 2.95 1.91 11.46
CA GLU A 37 3.24 2.37 12.80
C GLU A 37 4.35 3.42 12.77
N ARG A 38 4.94 3.57 11.59
CA ARG A 38 6.02 4.53 11.42
C ARG A 38 5.50 5.82 10.78
N ILE A 39 4.75 5.65 9.70
CA ILE A 39 4.18 6.78 9.00
C ILE A 39 2.89 7.21 9.69
N GLY A 40 2.20 6.23 10.25
CA GLY A 40 0.95 6.49 10.94
C GLY A 40 -0.25 6.00 10.12
N TRP A 41 -0.02 4.92 9.39
CA TRP A 41 -1.07 4.35 8.56
C TRP A 41 -1.61 5.45 7.64
N ARG A 42 -0.68 6.22 7.10
CA ARG A 42 -1.05 7.31 6.20
C ARG A 42 -0.02 7.45 5.09
N ILE A 43 -0.51 7.92 3.94
CA ILE A 43 0.36 8.11 2.79
C ILE A 43 0.25 9.55 2.30
N GLN A 44 1.39 10.15 2.04
CA GLN A 44 1.45 11.53 1.58
C GLN A 44 2.67 11.74 0.67
N ARG A 45 2.73 12.92 0.09
CA ARG A 45 3.83 13.27 -0.79
C ARG A 45 5.15 13.28 -0.01
N GLN A 46 5.02 13.31 1.31
CA GLN A 46 6.18 13.33 2.18
C GLN A 46 6.71 11.90 2.36
N ASP A 47 5.83 11.03 2.84
CA ASP A 47 6.21 9.64 3.07
C ASP A 47 6.43 8.95 1.72
N ASP A 48 5.98 9.62 0.67
CA ASP A 48 6.13 9.09 -0.67
C ASP A 48 7.49 8.42 -0.82
N GLU A 49 8.51 9.13 -0.35
CA GLU A 49 9.87 8.64 -0.41
C GLU A 49 9.97 7.29 0.31
N VAL A 50 9.40 7.25 1.50
CA VAL A 50 9.43 6.03 2.30
C VAL A 50 8.52 4.99 1.65
N ILE A 51 7.41 5.46 1.13
CA ILE A 51 6.45 4.57 0.48
C ILE A 51 7.11 3.94 -0.75
N GLN A 52 7.50 4.80 -1.68
CA GLN A 52 8.13 4.35 -2.91
C GLN A 52 9.42 3.58 -2.58
N ARG A 53 9.97 3.89 -1.42
CA ARG A 53 11.20 3.25 -0.99
C ARG A 53 10.89 1.88 -0.36
N PHE A 54 9.75 1.83 0.32
CA PHE A 54 9.33 0.59 0.96
C PHE A 54 9.03 -0.49 -0.08
N CYS A 55 8.62 -0.05 -1.25
CA CYS A 55 8.30 -0.96 -2.34
C CYS A 55 9.61 -1.48 -2.92
N GLN A 56 10.70 -0.88 -2.48
CA GLN A 56 12.01 -1.27 -2.95
C GLN A 56 12.61 -2.35 -2.05
N GLU A 57 12.09 -2.40 -0.83
CA GLU A 57 12.56 -3.38 0.14
C GLU A 57 11.60 -4.57 0.21
N THR A 58 10.31 -4.26 0.20
CA THR A 58 9.29 -5.28 0.26
C THR A 58 8.86 -5.69 -1.16
N GLY A 59 8.43 -4.70 -1.91
CA GLY A 59 7.99 -4.93 -3.29
C GLY A 59 6.48 -4.72 -3.42
N VAL A 60 5.86 -4.39 -2.30
CA VAL A 60 4.43 -4.15 -2.29
C VAL A 60 4.13 -2.81 -2.97
N PRO A 61 3.02 -2.80 -3.75
CA PRO A 61 2.62 -1.58 -4.45
C PRO A 61 1.98 -0.58 -3.49
N ARG A 62 2.28 0.69 -3.73
CA ARG A 62 1.76 1.75 -2.89
C ARG A 62 0.24 1.65 -2.80
N GLN A 63 -0.39 1.50 -3.97
CA GLN A 63 -1.83 1.38 -4.03
C GLN A 63 -2.33 0.29 -3.08
N VAL A 64 -1.49 -0.71 -2.90
CA VAL A 64 -1.82 -1.82 -2.03
C VAL A 64 -1.66 -1.39 -0.57
N LEU A 65 -0.43 -1.04 -0.22
CA LEU A 65 -0.13 -0.59 1.13
C LEU A 65 -1.08 0.53 1.51
N LYS A 66 -1.44 1.33 0.53
CA LYS A 66 -2.35 2.45 0.75
C LYS A 66 -3.67 1.92 1.31
N VAL A 67 -4.42 1.27 0.44
CA VAL A 67 -5.71 0.73 0.83
C VAL A 67 -5.50 -0.26 1.97
N TRP A 68 -4.39 -0.97 1.91
CA TRP A 68 -4.06 -1.95 2.93
C TRP A 68 -4.41 -1.35 4.30
N LEU A 69 -3.83 -0.18 4.55
CA LEU A 69 -4.07 0.51 5.81
C LEU A 69 -5.58 0.67 6.03
N HIS A 70 -6.21 1.32 5.07
CA HIS A 70 -7.64 1.55 5.14
C HIS A 70 -8.37 0.22 5.37
N ASN A 71 -7.73 -0.85 4.91
CA ASN A 71 -8.29 -2.18 5.05
C ASN A 71 -8.04 -2.67 6.48
N ASN A 72 -7.01 -2.12 7.10
CA ASN A 72 -6.66 -2.49 8.46
C ASN A 72 -6.81 -1.28 9.38
N LYS A 73 -5.74 -0.50 9.45
CA LYS A 73 -5.74 0.69 10.29
C LYS A 73 -6.45 0.38 11.61
N HIS A 74 -6.84 1.44 12.30
CA HIS A 74 -7.53 1.30 13.57
C HIS A 74 -8.97 1.80 13.44
N SER A 75 -9.90 0.89 13.64
CA SER A 75 -11.32 1.23 13.54
C SER A 75 -12.16 0.09 14.12
N GLY A 76 -13.28 0.47 14.71
CA GLY A 76 -14.19 -0.49 15.30
C GLY A 76 -14.43 -1.66 14.35
N PRO A 77 -14.84 -2.82 14.94
CA PRO A 77 -15.11 -4.01 14.15
C PRO A 77 -16.45 -3.89 13.41
N SER A 78 -17.45 -3.46 14.15
CA SER A 78 -18.78 -3.29 13.58
C SER A 78 -18.81 -2.05 12.69
N SER A 79 -19.76 -2.04 11.76
CA SER A 79 -19.90 -0.93 10.83
C SER A 79 -21.36 -0.84 10.36
N GLY A 80 -21.89 -1.99 9.96
CA GLY A 80 -23.25 -2.05 9.47
C GLY A 80 -23.38 -3.04 8.30
N GLY A 1 9.76 3.93 -18.21
CA GLY A 1 9.47 3.90 -16.79
C GLY A 1 8.01 4.27 -16.53
N SER A 2 7.19 3.24 -16.37
CA SER A 2 5.77 3.44 -16.10
C SER A 2 5.58 4.05 -14.71
N SER A 3 4.41 4.61 -14.51
CA SER A 3 4.08 5.24 -13.23
C SER A 3 5.13 6.30 -12.89
N GLY A 4 4.96 7.46 -13.48
CA GLY A 4 5.87 8.57 -13.25
C GLY A 4 6.21 9.30 -14.56
N SER A 5 5.17 9.87 -15.17
CA SER A 5 5.34 10.59 -16.41
C SER A 5 4.06 11.36 -16.74
N SER A 6 4.16 12.68 -16.60
CA SER A 6 3.02 13.53 -16.89
C SER A 6 1.82 13.12 -16.03
N GLY A 7 1.53 13.94 -15.04
CA GLY A 7 0.42 13.67 -14.14
C GLY A 7 -0.59 14.83 -14.14
N SER A 8 -1.75 14.56 -13.59
CA SER A 8 -2.80 15.56 -13.53
C SER A 8 -3.73 15.27 -12.34
N SER A 9 -3.35 15.80 -11.20
CA SER A 9 -4.14 15.62 -9.99
C SER A 9 -3.80 16.70 -8.96
N ALA A 10 -4.82 17.08 -8.19
CA ALA A 10 -4.65 18.10 -7.18
C ALA A 10 -5.43 17.71 -5.92
N GLU A 11 -4.80 16.85 -5.12
CA GLU A 11 -5.43 16.39 -3.89
C GLU A 11 -6.83 15.83 -4.18
N ALA A 12 -6.84 14.56 -4.58
CA ALA A 12 -8.09 13.88 -4.89
C ALA A 12 -7.85 12.38 -4.96
N GLY A 13 -8.95 11.64 -5.01
CA GLY A 13 -8.87 10.19 -5.09
C GLY A 13 -10.21 9.56 -4.72
N GLY A 14 -10.83 8.94 -5.73
CA GLY A 14 -12.12 8.29 -5.54
C GLY A 14 -12.02 7.19 -4.48
N GLY A 15 -13.09 7.08 -3.70
CA GLY A 15 -13.14 6.08 -2.65
C GLY A 15 -13.54 4.71 -3.21
N ILE A 16 -12.61 4.08 -3.89
CA ILE A 16 -12.85 2.79 -4.49
C ILE A 16 -11.89 1.76 -3.87
N ARG A 17 -12.48 0.80 -3.16
CA ARG A 17 -11.68 -0.23 -2.51
C ARG A 17 -11.71 -1.52 -3.35
N LYS A 18 -10.59 -1.79 -3.99
CA LYS A 18 -10.47 -2.97 -4.82
C LYS A 18 -9.56 -3.99 -4.14
N ARG A 19 -9.42 -5.15 -4.77
CA ARG A 19 -8.58 -6.20 -4.24
C ARG A 19 -8.60 -7.43 -5.16
N HIS A 20 -7.57 -7.52 -5.97
CA HIS A 20 -7.46 -8.63 -6.91
C HIS A 20 -7.18 -9.92 -6.14
N ARG A 21 -5.98 -10.02 -5.59
CA ARG A 21 -5.60 -11.19 -4.83
C ARG A 21 -4.21 -10.98 -4.21
N THR A 22 -4.21 -10.38 -3.03
CA THR A 22 -2.97 -10.12 -2.33
C THR A 22 -2.67 -11.25 -1.34
N LYS A 23 -1.40 -11.37 -0.99
CA LYS A 23 -0.97 -12.40 -0.06
C LYS A 23 0.19 -11.87 0.78
N PHE A 24 -0.12 -10.91 1.63
CA PHE A 24 0.89 -10.32 2.50
C PHE A 24 1.29 -11.27 3.62
N THR A 25 2.55 -11.66 3.59
CA THR A 25 3.08 -12.58 4.59
C THR A 25 3.58 -11.80 5.81
N ALA A 26 3.86 -12.54 6.88
CA ALA A 26 4.35 -11.94 8.10
C ALA A 26 5.29 -10.78 7.75
N GLU A 27 6.13 -11.03 6.76
CA GLU A 27 7.09 -10.02 6.32
C GLU A 27 6.35 -8.77 5.82
N GLN A 28 5.69 -8.93 4.69
CA GLN A 28 4.95 -7.84 4.10
C GLN A 28 4.00 -7.21 5.13
N LYS A 29 3.31 -8.09 5.86
CA LYS A 29 2.37 -7.64 6.87
C LYS A 29 3.12 -6.76 7.89
N GLU A 30 4.05 -7.39 8.59
CA GLU A 30 4.84 -6.69 9.59
C GLU A 30 5.51 -5.45 8.97
N ARG A 31 6.07 -5.65 7.78
CA ARG A 31 6.73 -4.57 7.08
C ARG A 31 5.82 -3.34 7.02
N MET A 32 4.61 -3.56 6.54
CA MET A 32 3.64 -2.49 6.43
C MET A 32 3.22 -1.97 7.80
N LEU A 33 3.03 -2.92 8.72
CA LEU A 33 2.63 -2.58 10.07
C LEU A 33 3.70 -1.69 10.71
N ALA A 34 4.94 -2.10 10.54
CA ALA A 34 6.06 -1.36 11.08
C ALA A 34 6.15 0.02 10.40
N LEU A 35 5.68 0.05 9.16
CA LEU A 35 5.70 1.29 8.40
C LEU A 35 4.52 2.16 8.83
N ALA A 36 3.35 1.56 8.84
CA ALA A 36 2.14 2.27 9.24
C ALA A 36 2.29 2.75 10.69
N GLU A 37 3.31 2.21 11.35
CA GLU A 37 3.56 2.57 12.73
C GLU A 37 4.58 3.71 12.81
N ARG A 38 5.18 4.00 11.66
CA ARG A 38 6.17 5.06 11.58
C ARG A 38 5.59 6.27 10.85
N ILE A 39 4.55 6.02 10.08
CA ILE A 39 3.90 7.08 9.32
C ILE A 39 2.56 7.41 9.99
N GLY A 40 1.97 6.40 10.61
CA GLY A 40 0.69 6.56 11.27
C GLY A 40 -0.45 6.03 10.43
N TRP A 41 -0.13 5.04 9.60
CA TRP A 41 -1.11 4.43 8.73
C TRP A 41 -1.68 5.51 7.81
N ARG A 42 -0.79 6.38 7.36
CA ARG A 42 -1.18 7.46 6.47
C ARG A 42 -0.12 7.68 5.39
N ILE A 43 -0.58 8.13 4.24
CA ILE A 43 0.32 8.39 3.12
C ILE A 43 0.37 9.89 2.83
N GLN A 44 1.57 10.37 2.58
CA GLN A 44 1.77 11.78 2.29
C GLN A 44 2.92 11.97 1.30
N ARG A 45 3.16 13.23 0.96
CA ARG A 45 4.22 13.55 0.02
C ARG A 45 5.58 13.53 0.72
N GLN A 46 5.54 13.21 2.01
CA GLN A 46 6.76 13.15 2.81
C GLN A 46 7.21 11.70 2.97
N ASP A 47 6.24 10.82 3.15
CA ASP A 47 6.53 9.41 3.31
C ASP A 47 6.72 8.77 1.94
N ASP A 48 6.38 9.53 0.92
CA ASP A 48 6.51 9.05 -0.46
C ASP A 48 7.84 8.31 -0.61
N GLU A 49 8.88 8.93 -0.06
CA GLU A 49 10.22 8.35 -0.13
C GLU A 49 10.23 6.97 0.53
N VAL A 50 9.52 6.86 1.64
CA VAL A 50 9.44 5.61 2.37
C VAL A 50 8.49 4.67 1.64
N ILE A 51 7.37 5.23 1.20
CA ILE A 51 6.37 4.45 0.48
C ILE A 51 7.03 3.77 -0.72
N GLN A 52 7.66 4.59 -1.55
CA GLN A 52 8.32 4.07 -2.74
C GLN A 52 9.48 3.16 -2.35
N ARG A 53 10.31 3.66 -1.44
CA ARG A 53 11.46 2.89 -0.97
C ARG A 53 11.01 1.55 -0.41
N PHE A 54 9.91 1.59 0.34
CA PHE A 54 9.36 0.39 0.94
C PHE A 54 9.03 -0.65 -0.13
N CYS A 55 8.46 -0.17 -1.23
CA CYS A 55 8.08 -1.05 -2.32
C CYS A 55 9.36 -1.67 -2.89
N GLN A 56 10.48 -1.08 -2.52
CA GLN A 56 11.78 -1.57 -2.99
C GLN A 56 12.28 -2.68 -2.07
N GLU A 57 11.97 -2.55 -0.80
CA GLU A 57 12.39 -3.54 0.19
C GLU A 57 11.38 -4.69 0.24
N THR A 58 10.13 -4.35 0.01
CA THR A 58 9.06 -5.33 0.04
C THR A 58 8.68 -5.74 -1.39
N GLY A 59 8.02 -4.82 -2.07
CA GLY A 59 7.59 -5.06 -3.44
C GLY A 59 6.09 -4.81 -3.61
N VAL A 60 5.47 -4.42 -2.50
CA VAL A 60 4.04 -4.15 -2.51
C VAL A 60 3.78 -2.82 -3.23
N PRO A 61 2.65 -2.78 -3.98
CA PRO A 61 2.29 -1.58 -4.72
C PRO A 61 1.74 -0.50 -3.78
N ARG A 62 2.13 0.73 -4.05
CA ARG A 62 1.68 1.86 -3.24
C ARG A 62 0.17 1.80 -3.06
N GLN A 63 -0.54 1.72 -4.18
CA GLN A 63 -1.99 1.67 -4.15
C GLN A 63 -2.46 0.62 -3.14
N VAL A 64 -1.66 -0.43 -3.00
CA VAL A 64 -1.98 -1.50 -2.08
C VAL A 64 -1.61 -1.07 -0.66
N LEU A 65 -0.41 -0.54 -0.52
CA LEU A 65 0.07 -0.09 0.77
C LEU A 65 -0.90 0.94 1.35
N LYS A 66 -1.68 1.53 0.45
CA LYS A 66 -2.66 2.53 0.85
C LYS A 66 -3.89 1.81 1.43
N VAL A 67 -4.64 1.18 0.54
CA VAL A 67 -5.83 0.46 0.94
C VAL A 67 -5.49 -0.49 2.08
N TRP A 68 -4.38 -1.20 1.91
CA TRP A 68 -3.94 -2.15 2.91
C TRP A 68 -4.21 -1.55 4.29
N LEU A 69 -3.56 -0.44 4.56
CA LEU A 69 -3.72 0.24 5.83
C LEU A 69 -5.21 0.26 6.21
N HIS A 70 -6.02 0.65 5.24
CA HIS A 70 -7.46 0.71 5.45
C HIS A 70 -8.01 -0.70 5.67
N ASN A 71 -7.51 -1.63 4.87
CA ASN A 71 -7.93 -3.02 4.96
C ASN A 71 -7.45 -3.61 6.29
N ASN A 72 -6.59 -2.85 6.95
CA ASN A 72 -6.04 -3.29 8.23
C ASN A 72 -6.70 -2.48 9.36
N LYS A 73 -6.21 -1.26 9.52
CA LYS A 73 -6.72 -0.38 10.55
C LYS A 73 -8.25 -0.37 10.48
N HIS A 74 -8.86 -1.19 11.32
CA HIS A 74 -10.30 -1.29 11.37
C HIS A 74 -10.82 -0.75 12.71
N SER A 75 -10.51 -1.48 13.76
CA SER A 75 -10.93 -1.09 15.10
C SER A 75 -10.11 0.12 15.56
N GLY A 76 -8.81 -0.07 15.64
CA GLY A 76 -7.91 0.99 16.06
C GLY A 76 -8.23 1.44 17.49
N PRO A 77 -7.32 2.26 18.05
CA PRO A 77 -7.49 2.77 19.41
C PRO A 77 -8.55 3.87 19.44
N SER A 78 -9.78 3.48 19.15
CA SER A 78 -10.89 4.42 19.15
C SER A 78 -11.82 4.13 20.32
N SER A 79 -11.74 4.98 21.33
CA SER A 79 -12.56 4.82 22.51
C SER A 79 -12.54 6.11 23.33
N GLY A 80 -13.41 6.16 24.34
CA GLY A 80 -13.51 7.32 25.21
C GLY A 80 -14.78 8.10 24.93
#